data_7JKG
# 
_entry.id   7JKG 
# 
_audit_conform.dict_name       mmcif_pdbx.dic 
_audit_conform.dict_version    5.380 
_audit_conform.dict_location   http://mmcif.pdb.org/dictionaries/ascii/mmcif_pdbx.dic 
# 
loop_
_database_2.database_id 
_database_2.database_code 
_database_2.pdbx_database_accession 
_database_2.pdbx_DOI 
PDB   7JKG         pdb_00007jkg 10.2210/pdb7jkg/pdb 
WWPDB D_1000250899 ?            ?                   
# 
_pdbx_database_status.status_code                     REL 
_pdbx_database_status.status_code_sf                  REL 
_pdbx_database_status.status_code_mr                  ? 
_pdbx_database_status.entry_id                        7JKG 
_pdbx_database_status.recvd_initial_deposition_date   2020-07-28 
_pdbx_database_status.SG_entry                        N 
_pdbx_database_status.deposit_site                    RCSB 
_pdbx_database_status.process_site                    RCSB 
_pdbx_database_status.status_code_cs                  ? 
_pdbx_database_status.status_code_nmr_data            ? 
_pdbx_database_status.methods_development_category    ? 
_pdbx_database_status.pdb_format_compatible           Y 
# 
loop_
_audit_author.name 
_audit_author.pdbx_ordinal 
_audit_author.identifier_ORCID 
'Simmons, C.R.'      1 0000-0002-2290-6132 
'MacCulloch, T.'     2 0000-0001-5875-3361 
'Stephanopoulos, N.' 3 0000-0001-7859-410X 
'Yan, H.'            4 0000-0001-7397-9852 
# 
_citation.abstract                  ? 
_citation.abstract_id_CAS           ? 
_citation.book_id_ISBN              ? 
_citation.book_publisher            ? 
_citation.book_publisher_city       ? 
_citation.book_title                ? 
_citation.coordinate_linkage        ? 
_citation.country                   UK 
_citation.database_id_Medline       ? 
_citation.details                   ? 
_citation.id                        primary 
_citation.journal_abbrev            'Nat Commun' 
_citation.journal_id_ASTM           ? 
_citation.journal_id_CSD            ? 
_citation.journal_id_ISSN           2041-1723 
_citation.journal_full              ? 
_citation.journal_issue             ? 
_citation.journal_volume            13 
_citation.language                  ? 
_citation.page_first                3112 
_citation.page_last                 3112 
_citation.title                     'The influence of Holliday junction sequence and dynamics on DNA crystal self-assembly.' 
_citation.year                      2022 
_citation.database_id_CSD           ? 
_citation.pdbx_database_id_DOI      10.1038/s41467-022-30779-6 
_citation.pdbx_database_id_PubMed   35662248 
_citation.unpublished_flag          ? 
# 
loop_
_citation_author.citation_id 
_citation_author.name 
_citation_author.ordinal 
_citation_author.identifier_ORCID 
primary 'Simmons, C.R.'      1  ?                   
primary 'MacCulloch, T.'     2  ?                   
primary 'Krepl, M.'          3  0000-0002-9833-4281 
primary 'Matthies, M.'       4  ?                   
primary 'Buchberger, A.'     5  ?                   
primary 'Crawford, I.'       6  ?                   
primary 'Sponer, J.'         7  0000-0001-6558-6186 
primary 'Sulc, P.'           8  0000-0003-1565-6769 
primary 'Stephanopoulos, N.' 9  0000-0001-7859-410X 
primary 'Yan, H.'            10 0000-0001-7397-9852 
# 
_cell.angle_alpha                  90.000 
_cell.angle_alpha_esd              ? 
_cell.angle_beta                   90.000 
_cell.angle_beta_esd               ? 
_cell.angle_gamma                  120.000 
_cell.angle_gamma_esd              ? 
_cell.entry_id                     7JKG 
_cell.details                      ? 
_cell.formula_units_Z              ? 
_cell.length_a                     112.212 
_cell.length_a_esd                 ? 
_cell.length_b                     112.212 
_cell.length_b_esd                 ? 
_cell.length_c                     50.989 
_cell.length_c_esd                 ? 
_cell.volume                       ? 
_cell.volume_esd                   ? 
_cell.Z_PDB                        9 
_cell.reciprocal_angle_alpha       ? 
_cell.reciprocal_angle_beta        ? 
_cell.reciprocal_angle_gamma       ? 
_cell.reciprocal_angle_alpha_esd   ? 
_cell.reciprocal_angle_beta_esd    ? 
_cell.reciprocal_angle_gamma_esd   ? 
_cell.reciprocal_length_a          ? 
_cell.reciprocal_length_b          ? 
_cell.reciprocal_length_c          ? 
_cell.reciprocal_length_a_esd      ? 
_cell.reciprocal_length_b_esd      ? 
_cell.reciprocal_length_c_esd      ? 
_cell.pdbx_unique_axis             ? 
# 
_symmetry.entry_id                         7JKG 
_symmetry.cell_setting                     ? 
_symmetry.Int_Tables_number                146 
_symmetry.space_group_name_Hall            ? 
_symmetry.space_group_name_H-M             'H 3' 
_symmetry.pdbx_full_space_group_name_H-M   ? 
# 
loop_
_entity.id 
_entity.type 
_entity.src_method 
_entity.pdbx_description 
_entity.formula_weight 
_entity.pdbx_number_of_molecules 
_entity.pdbx_ec 
_entity.pdbx_mutation 
_entity.pdbx_fragment 
_entity.details 
1 polymer     syn 
;DNA (5'-D(*GP*AP*AP*CP*GP*AP*CP*AP*GP*TP*GP*AP*CP*GP*TP*CP*GP*AP*CP*TP*C)-3')
;
6457.187 1 ? ? ? ? 
2 polymer     syn 
;DNA (5'-D(*TP*CP*GP*AP*GP*TP*CP*G)-3')
;
2442.616 1 ? ? ? ? 
3 polymer     syn 
;DNA (5'-D(P*CP*TP*GP*TP*CP*GP*T)-3')
;
2104.396 1 ? ? ? ? 
4 polymer     syn 
;DNA (5'-D(P*AP*CP*GP*TP*CP*A)-3')
;
1793.219 1 ? ? ? ? 
5 non-polymer syn 'MAGNESIUM ION'                                                                 24.305   2 ? ? ? ? 
6 non-polymer syn 'CACODYLATE ION'                                                                136.989  2 ? ? ? ? 
# 
loop_
_entity_poly.entity_id 
_entity_poly.type 
_entity_poly.nstd_linkage 
_entity_poly.nstd_monomer 
_entity_poly.pdbx_seq_one_letter_code 
_entity_poly.pdbx_seq_one_letter_code_can 
_entity_poly.pdbx_strand_id 
_entity_poly.pdbx_target_identifier 
1 polydeoxyribonucleotide no no 
;(DG)(DA)(DA)(DC)(DG)(DA)(DC)(DA)(DG)(DT)(DG)(DA)(DC)(DG)(DT)(DC)(DG)(DA)(DC)(DT)
(DC)
;
GAACGACAGTGACGTCGACTC B ? 
2 polydeoxyribonucleotide no no '(DT)(DC)(DG)(DA)(DG)(DT)(DC)(DG)'                                                      TCGAGTCG C 
? 
3 polydeoxyribonucleotide no no '(DC)(DT)(DG)(DT)(DC)(DG)(DT)'                                                          CTGTCGT D 
? 
4 polydeoxyribonucleotide no no '(DA)(DC)(DG)(DT)(DC)(DA)'                                                              ACGTCA A ? 
# 
loop_
_entity_poly_seq.entity_id 
_entity_poly_seq.num 
_entity_poly_seq.mon_id 
_entity_poly_seq.hetero 
1 1  DG n 
1 2  DA n 
1 3  DA n 
1 4  DC n 
1 5  DG n 
1 6  DA n 
1 7  DC n 
1 8  DA n 
1 9  DG n 
1 10 DT n 
1 11 DG n 
1 12 DA n 
1 13 DC n 
1 14 DG n 
1 15 DT n 
1 16 DC n 
1 17 DG n 
1 18 DA n 
1 19 DC n 
1 20 DT n 
1 21 DC n 
2 1  DT n 
2 2  DC n 
2 3  DG n 
2 4  DA n 
2 5  DG n 
2 6  DT n 
2 7  DC n 
2 8  DG n 
3 1  DC n 
3 2  DT n 
3 3  DG n 
3 4  DT n 
3 5  DC n 
3 6  DG n 
3 7  DT n 
4 1  DA n 
4 2  DC n 
4 3  DG n 
4 4  DT n 
4 5  DC n 
4 6  DA n 
# 
loop_
_pdbx_entity_src_syn.entity_id 
_pdbx_entity_src_syn.pdbx_src_id 
_pdbx_entity_src_syn.pdbx_alt_source_flag 
_pdbx_entity_src_syn.pdbx_beg_seq_num 
_pdbx_entity_src_syn.pdbx_end_seq_num 
_pdbx_entity_src_syn.organism_scientific 
_pdbx_entity_src_syn.organism_common_name 
_pdbx_entity_src_syn.ncbi_taxonomy_id 
_pdbx_entity_src_syn.details 
1 1 sample 1 21 'synthetic construct' ? 32630 ? 
2 1 sample 1 8  'synthetic construct' ? 32630 ? 
3 1 sample 1 7  'synthetic construct' ? 32630 ? 
4 1 sample 1 6  'synthetic construct' ? 32630 ? 
# 
loop_
_struct_ref.id 
_struct_ref.db_name 
_struct_ref.db_code 
_struct_ref.pdbx_db_accession 
_struct_ref.pdbx_db_isoform 
_struct_ref.entity_id 
_struct_ref.pdbx_seq_one_letter_code 
_struct_ref.pdbx_align_begin 
1 PDB 7JKG 7JKG ? 1 ? 1 
2 PDB 7JKG 7JKG ? 2 ? 1 
3 PDB 7JKG 7JKG ? 3 ? 1 
4 PDB 7JKG 7JKG ? 4 ? 1 
# 
loop_
_struct_ref_seq.align_id 
_struct_ref_seq.ref_id 
_struct_ref_seq.pdbx_PDB_id_code 
_struct_ref_seq.pdbx_strand_id 
_struct_ref_seq.seq_align_beg 
_struct_ref_seq.pdbx_seq_align_beg_ins_code 
_struct_ref_seq.seq_align_end 
_struct_ref_seq.pdbx_seq_align_end_ins_code 
_struct_ref_seq.pdbx_db_accession 
_struct_ref_seq.db_align_beg 
_struct_ref_seq.pdbx_db_align_beg_ins_code 
_struct_ref_seq.db_align_end 
_struct_ref_seq.pdbx_db_align_end_ins_code 
_struct_ref_seq.pdbx_auth_seq_align_beg 
_struct_ref_seq.pdbx_auth_seq_align_end 
1 1 7JKG B 1 ? 21 ? 7JKG 7  ? 27 ? 7  27 
2 2 7JKG C 1 ? 8  ? 7JKG 28 ? 35 ? 28 35 
3 3 7JKG D 1 ? 7  ? 7JKG 36 ? 42 ? 36 42 
4 4 7JKG A 1 ? 6  ? 7JKG 1  ? 6  ? 1  6  
# 
loop_
_chem_comp.id 
_chem_comp.type 
_chem_comp.mon_nstd_flag 
_chem_comp.name 
_chem_comp.pdbx_synonyms 
_chem_comp.formula 
_chem_comp.formula_weight 
CAC non-polymer   . 'CACODYLATE ION'                     dimethylarsinate 'C2 H6 As O2 -1'  136.989 
DA  'DNA linking' y "2'-DEOXYADENOSINE-5'-MONOPHOSPHATE" ?                'C10 H14 N5 O6 P' 331.222 
DC  'DNA linking' y "2'-DEOXYCYTIDINE-5'-MONOPHOSPHATE"  ?                'C9 H14 N3 O7 P'  307.197 
DG  'DNA linking' y "2'-DEOXYGUANOSINE-5'-MONOPHOSPHATE" ?                'C10 H14 N5 O7 P' 347.221 
DT  'DNA linking' y "THYMIDINE-5'-MONOPHOSPHATE"         ?                'C10 H15 N2 O8 P' 322.208 
MG  non-polymer   . 'MAGNESIUM ION'                      ?                'Mg 2'            24.305  
# 
_exptl.absorpt_coefficient_mu     ? 
_exptl.absorpt_correction_T_max   ? 
_exptl.absorpt_correction_T_min   ? 
_exptl.absorpt_correction_type    ? 
_exptl.absorpt_process_details    ? 
_exptl.entry_id                   7JKG 
_exptl.crystals_number            1 
_exptl.details                    ? 
_exptl.method                     'X-RAY DIFFRACTION' 
_exptl.method_details             ? 
# 
_exptl_crystal.colour                      ? 
_exptl_crystal.density_diffrn              ? 
_exptl_crystal.density_Matthews            4.83 
_exptl_crystal.density_method              ? 
_exptl_crystal.density_percent_sol         74.52 
_exptl_crystal.description                 ? 
_exptl_crystal.F_000                       ? 
_exptl_crystal.id                          1 
_exptl_crystal.preparation                 ? 
_exptl_crystal.size_max                    ? 
_exptl_crystal.size_mid                    ? 
_exptl_crystal.size_min                    ? 
_exptl_crystal.size_rad                    ? 
_exptl_crystal.colour_lustre               ? 
_exptl_crystal.colour_modifier             ? 
_exptl_crystal.colour_primary              ? 
_exptl_crystal.density_meas                ? 
_exptl_crystal.density_meas_esd            ? 
_exptl_crystal.density_meas_gt             ? 
_exptl_crystal.density_meas_lt             ? 
_exptl_crystal.density_meas_temp           ? 
_exptl_crystal.density_meas_temp_esd       ? 
_exptl_crystal.density_meas_temp_gt        ? 
_exptl_crystal.density_meas_temp_lt        ? 
_exptl_crystal.pdbx_crystal_image_url      ? 
_exptl_crystal.pdbx_crystal_image_format   ? 
_exptl_crystal.pdbx_mosaicity              ? 
_exptl_crystal.pdbx_mosaicity_esd          ? 
# 
_exptl_crystal_grow.apparatus       ? 
_exptl_crystal_grow.atmosphere      ? 
_exptl_crystal_grow.crystal_id      1 
_exptl_crystal_grow.details         ? 
_exptl_crystal_grow.method          'VAPOR DIFFUSION, SITTING DROP' 
_exptl_crystal_grow.method_ref      ? 
_exptl_crystal_grow.pH              ? 
_exptl_crystal_grow.pressure        ? 
_exptl_crystal_grow.pressure_esd    ? 
_exptl_crystal_grow.seeding         ? 
_exptl_crystal_grow.seeding_ref     ? 
_exptl_crystal_grow.temp            298 
_exptl_crystal_grow.temp_details    'temperature gradient generated from 60 to 25 C at 0.3 degrees per hour' 
_exptl_crystal_grow.temp_esd        ? 
_exptl_crystal_grow.time            ? 
_exptl_crystal_grow.pdbx_details    
;0.5 mL of 0.05 M Cacodylate pH 6.0 with 20 mM MgCl2, 1.0 mM spermine, 2 mM CaCl2, and 10% MPD was added to the reservoir with 2 uL added to the drop containing 4 uL of DNA stock
;
_exptl_crystal_grow.pdbx_pH_range   ? 
# 
_diffrn.ambient_environment              ? 
_diffrn.ambient_temp                     100 
_diffrn.ambient_temp_details             ? 
_diffrn.ambient_temp_esd                 ? 
_diffrn.crystal_id                       1 
_diffrn.crystal_support                  ? 
_diffrn.crystal_treatment                ? 
_diffrn.details                          ? 
_diffrn.id                               1 
_diffrn.ambient_pressure                 ? 
_diffrn.ambient_pressure_esd             ? 
_diffrn.ambient_pressure_gt              ? 
_diffrn.ambient_pressure_lt              ? 
_diffrn.ambient_temp_gt                  ? 
_diffrn.ambient_temp_lt                  ? 
_diffrn.pdbx_serial_crystal_experiment   N 
# 
_diffrn_detector.details                      ? 
_diffrn_detector.detector                     PIXEL 
_diffrn_detector.diffrn_id                    1 
_diffrn_detector.type                         'DECTRIS PILATUS3 6M' 
_diffrn_detector.area_resol_mean              ? 
_diffrn_detector.dtime                        ? 
_diffrn_detector.pdbx_frames_total            ? 
_diffrn_detector.pdbx_collection_time_total   ? 
_diffrn_detector.pdbx_collection_date         2019-09-15 
_diffrn_detector.pdbx_frequency               ? 
# 
_diffrn_radiation.collimation                      ? 
_diffrn_radiation.diffrn_id                        1 
_diffrn_radiation.filter_edge                      ? 
_diffrn_radiation.inhomogeneity                    ? 
_diffrn_radiation.monochromator                    ? 
_diffrn_radiation.polarisn_norm                    ? 
_diffrn_radiation.polarisn_ratio                   ? 
_diffrn_radiation.probe                            ? 
_diffrn_radiation.type                             ? 
_diffrn_radiation.xray_symbol                      ? 
_diffrn_radiation.wavelength_id                    1 
_diffrn_radiation.pdbx_monochromatic_or_laue_m_l   M 
_diffrn_radiation.pdbx_wavelength_list             ? 
_diffrn_radiation.pdbx_wavelength                  ? 
_diffrn_radiation.pdbx_diffrn_protocol             'SINGLE WAVELENGTH' 
_diffrn_radiation.pdbx_analyzer                    ? 
_diffrn_radiation.pdbx_scattering_type             x-ray 
# 
_diffrn_radiation_wavelength.id           1 
_diffrn_radiation_wavelength.wavelength   1 
_diffrn_radiation_wavelength.wt           1.0 
# 
_diffrn_source.current                     ? 
_diffrn_source.details                     ? 
_diffrn_source.diffrn_id                   1 
_diffrn_source.power                       ? 
_diffrn_source.size                        ? 
_diffrn_source.source                      SYNCHROTRON 
_diffrn_source.target                      ? 
_diffrn_source.type                        'ALS BEAMLINE 5.0.2' 
_diffrn_source.voltage                     ? 
_diffrn_source.take-off_angle              ? 
_diffrn_source.pdbx_wavelength_list        1 
_diffrn_source.pdbx_wavelength             ? 
_diffrn_source.pdbx_synchrotron_beamline   5.0.2 
_diffrn_source.pdbx_synchrotron_site       ALS 
# 
_reflns.B_iso_Wilson_estimate            70.260 
_reflns.entry_id                         7JKG 
_reflns.data_reduction_details           ? 
_reflns.data_reduction_method            ? 
_reflns.d_resolution_high                2.850 
_reflns.d_resolution_low                 50.000 
_reflns.details                          ? 
_reflns.limit_h_max                      ? 
_reflns.limit_h_min                      ? 
_reflns.limit_k_max                      ? 
_reflns.limit_k_min                      ? 
_reflns.limit_l_max                      ? 
_reflns.limit_l_min                      ? 
_reflns.number_all                       ? 
_reflns.number_obs                       5596 
_reflns.observed_criterion               ? 
_reflns.observed_criterion_F_max         ? 
_reflns.observed_criterion_F_min         ? 
_reflns.observed_criterion_I_max         ? 
_reflns.observed_criterion_I_min         ? 
_reflns.observed_criterion_sigma_F       ? 
_reflns.observed_criterion_sigma_I       ? 
_reflns.percent_possible_obs             100.000 
_reflns.R_free_details                   ? 
_reflns.Rmerge_F_all                     ? 
_reflns.Rmerge_F_obs                     ? 
_reflns.Friedel_coverage                 ? 
_reflns.number_gt                        ? 
_reflns.threshold_expression             ? 
_reflns.pdbx_redundancy                  10.400 
_reflns.pdbx_Rmerge_I_obs                0.088 
_reflns.pdbx_Rmerge_I_all                ? 
_reflns.pdbx_Rsym_value                  ? 
_reflns.pdbx_netI_over_av_sigmaI         ? 
_reflns.pdbx_netI_over_sigmaI            8.400 
_reflns.pdbx_res_netI_over_av_sigmaI_2   ? 
_reflns.pdbx_res_netI_over_sigmaI_2      ? 
_reflns.pdbx_chi_squared                 1.608 
_reflns.pdbx_scaling_rejects             ? 
_reflns.pdbx_d_res_high_opt              ? 
_reflns.pdbx_d_res_low_opt               ? 
_reflns.pdbx_d_res_opt_method            ? 
_reflns.phase_calculation_details        ? 
_reflns.pdbx_Rrim_I_all                  0.093 
_reflns.pdbx_Rpim_I_all                  0.028 
_reflns.pdbx_d_opt                       ? 
_reflns.pdbx_number_measured_all         57963 
_reflns.pdbx_diffrn_id                   1 
_reflns.pdbx_ordinal                     1 
_reflns.pdbx_CC_half                     ? 
_reflns.pdbx_CC_star                     ? 
_reflns.pdbx_R_split                     ? 
# 
loop_
_reflns_shell.d_res_high 
_reflns_shell.d_res_low 
_reflns_shell.meanI_over_sigI_all 
_reflns_shell.meanI_over_sigI_obs 
_reflns_shell.number_measured_all 
_reflns_shell.number_measured_obs 
_reflns_shell.number_possible 
_reflns_shell.number_unique_all 
_reflns_shell.number_unique_obs 
_reflns_shell.percent_possible_all 
_reflns_shell.percent_possible_obs 
_reflns_shell.Rmerge_F_all 
_reflns_shell.Rmerge_F_obs 
_reflns_shell.Rmerge_I_all 
_reflns_shell.Rmerge_I_obs 
_reflns_shell.meanI_over_sigI_gt 
_reflns_shell.meanI_over_uI_all 
_reflns_shell.meanI_over_uI_gt 
_reflns_shell.number_measured_gt 
_reflns_shell.number_unique_gt 
_reflns_shell.percent_possible_gt 
_reflns_shell.Rmerge_F_gt 
_reflns_shell.Rmerge_I_gt 
_reflns_shell.pdbx_redundancy 
_reflns_shell.pdbx_Rsym_value 
_reflns_shell.pdbx_chi_squared 
_reflns_shell.pdbx_netI_over_sigmaI_all 
_reflns_shell.pdbx_netI_over_sigmaI_obs 
_reflns_shell.pdbx_Rrim_I_all 
_reflns_shell.pdbx_Rpim_I_all 
_reflns_shell.pdbx_rejects 
_reflns_shell.pdbx_ordinal 
_reflns_shell.pdbx_diffrn_id 
_reflns_shell.pdbx_CC_half 
_reflns_shell.pdbx_CC_star 
_reflns_shell.pdbx_R_split 
2.850 2.900  ? ? ? ? ? ? 290 100.000 ? ? ? ? 1.044 ? ? ? ? ? ? ? ? 9.200  ? 0.430  ? ? 1.104 0.355 ? 1  1 0.820 ? ? 
2.900 2.950  ? ? ? ? ? ? 279 100.000 ? ? ? ? 0.912 ? ? ? ? ? ? ? ? 9.500  ? 0.408  ? ? 0.963 0.307 ? 2  1 0.794 ? ? 
2.950 3.010  ? ? ? ? ? ? 274 100.000 ? ? ? ? 0.590 ? ? ? ? ? ? ? ? 10.300 ? 0.444  ? ? 0.620 0.190 ? 3  1 0.915 ? ? 
3.010 3.070  ? ? ? ? ? ? 280 100.000 ? ? ? ? 0.297 ? ? ? ? ? ? ? ? 10.700 ? 0.469  ? ? 0.311 0.094 ? 4  1 0.989 ? ? 
3.070 3.140  ? ? ? ? ? ? 285 100.000 ? ? ? ? 0.125 ? ? ? ? ? ? ? ? 10.600 ? 0.539  ? ? 0.131 0.039 ? 5  1 0.999 ? ? 
3.140 3.210  ? ? ? ? ? ? 278 100.000 ? ? ? ? 0.084 ? ? ? ? ? ? ? ? 10.600 ? 0.662  ? ? 0.088 0.026 ? 6  1 0.999 ? ? 
3.210 3.290  ? ? ? ? ? ? 274 100.000 ? ? ? ? 0.100 ? ? ? ? ? ? ? ? 10.500 ? 0.723  ? ? 0.105 0.032 ? 7  1 0.999 ? ? 
3.290 3.380  ? ? ? ? ? ? 282 100.000 ? ? ? ? 0.074 ? ? ? ? ? ? ? ? 10.400 ? 0.836  ? ? 0.077 0.024 ? 8  1 0.999 ? ? 
3.380 3.480  ? ? ? ? ? ? 282 100.000 ? ? ? ? 0.077 ? ? ? ? ? ? ? ? 9.800  ? 0.858  ? ? 0.081 0.026 ? 9  1 0.998 ? ? 
3.480 3.590  ? ? ? ? ? ? 275 100.000 ? ? ? ? 0.085 ? ? ? ? ? ? ? ? 10.100 ? 0.963  ? ? 0.090 0.029 ? 10 1 0.998 ? ? 
3.590 3.720  ? ? ? ? ? ? 287 100.000 ? ? ? ? 0.097 ? ? ? ? ? ? ? ? 10.200 ? 0.979  ? ? 0.103 0.032 ? 11 1 0.997 ? ? 
3.720 3.870  ? ? ? ? ? ? 278 100.000 ? ? ? ? 0.111 ? ? ? ? ? ? ? ? 10.900 ? 0.999  ? ? 0.116 0.035 ? 12 1 0.995 ? ? 
3.870 4.040  ? ? ? ? ? ? 267 100.000 ? ? ? ? 0.090 ? ? ? ? ? ? ? ? 10.800 ? 1.436  ? ? 0.094 0.029 ? 13 1 0.995 ? ? 
4.040 4.260  ? ? ? ? ? ? 292 100.000 ? ? ? ? 0.082 ? ? ? ? ? ? ? ? 10.700 ? 1.521  ? ? 0.086 0.026 ? 14 1 0.997 ? ? 
4.260 4.520  ? ? ? ? ? ? 273 100.000 ? ? ? ? 0.082 ? ? ? ? ? ? ? ? 10.300 ? 1.615  ? ? 0.086 0.027 ? 15 1 0.996 ? ? 
4.520 4.870  ? ? ? ? ? ? 287 100.000 ? ? ? ? 0.080 ? ? ? ? ? ? ? ? 10.200 ? 1.576  ? ? 0.084 0.026 ? 16 1 0.998 ? ? 
4.870 5.360  ? ? ? ? ? ? 274 100.000 ? ? ? ? 0.069 ? ? ? ? ? ? ? ? 10.900 ? 1.824  ? ? 0.073 0.022 ? 17 1 0.997 ? ? 
5.360 6.140  ? ? ? ? ? ? 288 100.000 ? ? ? ? 0.070 ? ? ? ? ? ? ? ? 10.800 ? 2.001  ? ? 0.073 0.022 ? 18 1 0.997 ? ? 
6.140 7.730  ? ? ? ? ? ? 266 100.000 ? ? ? ? 0.061 ? ? ? ? ? ? ? ? 9.900  ? 1.601  ? ? 0.064 0.020 ? 19 1 0.998 ? ? 
7.730 50.000 ? ? ? ? ? ? 285 100.000 ? ? ? ? 0.095 ? ? ? ? ? ? ? ? 10.600 ? 11.596 ? ? 0.099 0.030 ? 20 1 0.997 ? ? 
# 
_refine.aniso_B[1][1]                            ? 
_refine.aniso_B[1][2]                            ? 
_refine.aniso_B[1][3]                            ? 
_refine.aniso_B[2][2]                            ? 
_refine.aniso_B[2][3]                            ? 
_refine.aniso_B[3][3]                            ? 
_refine.B_iso_max                                140.440 
_refine.B_iso_mean                               70.3582 
_refine.B_iso_min                                36.900 
_refine.correlation_coeff_Fo_to_Fc               ? 
_refine.correlation_coeff_Fo_to_Fc_free          ? 
_refine.details                                  ? 
_refine.diff_density_max                         ? 
_refine.diff_density_max_esd                     ? 
_refine.diff_density_min                         ? 
_refine.diff_density_min_esd                     ? 
_refine.diff_density_rms                         ? 
_refine.diff_density_rms_esd                     ? 
_refine.entry_id                                 7JKG 
_refine.pdbx_refine_id                           'X-RAY DIFFRACTION' 
_refine.ls_abs_structure_details                 ? 
_refine.ls_abs_structure_Flack                   ? 
_refine.ls_abs_structure_Flack_esd               ? 
_refine.ls_abs_structure_Rogers                  ? 
_refine.ls_abs_structure_Rogers_esd              ? 
_refine.ls_d_res_high                            2.8510 
_refine.ls_d_res_low                             32.3930 
_refine.ls_extinction_coef                       ? 
_refine.ls_extinction_coef_esd                   ? 
_refine.ls_extinction_expression                 ? 
_refine.ls_extinction_method                     ? 
_refine.ls_goodness_of_fit_all                   ? 
_refine.ls_goodness_of_fit_all_esd               ? 
_refine.ls_goodness_of_fit_obs                   ? 
_refine.ls_goodness_of_fit_obs_esd               ? 
_refine.ls_hydrogen_treatment                    ? 
_refine.ls_matrix_type                           ? 
_refine.ls_number_constraints                    ? 
_refine.ls_number_parameters                     ? 
_refine.ls_number_reflns_all                     ? 
_refine.ls_number_reflns_obs                     5541 
_refine.ls_number_reflns_R_free                  243 
_refine.ls_number_reflns_R_work                  5298 
_refine.ls_number_restraints                     ? 
_refine.ls_percent_reflns_obs                    99.0500 
_refine.ls_percent_reflns_R_free                 4.3900 
_refine.ls_R_factor_all                          ? 
_refine.ls_R_factor_obs                          0.2120 
_refine.ls_R_factor_R_free                       0.2347 
_refine.ls_R_factor_R_free_error                 ? 
_refine.ls_R_factor_R_free_error_details         ? 
_refine.ls_R_factor_R_work                       0.2108 
_refine.ls_R_Fsqd_factor_obs                     ? 
_refine.ls_R_I_factor_obs                        ? 
_refine.ls_redundancy_reflns_all                 ? 
_refine.ls_redundancy_reflns_obs                 ? 
_refine.ls_restrained_S_all                      ? 
_refine.ls_restrained_S_obs                      ? 
_refine.ls_shift_over_esd_max                    ? 
_refine.ls_shift_over_esd_mean                   ? 
_refine.ls_structure_factor_coef                 ? 
_refine.ls_weighting_details                     ? 
_refine.ls_weighting_scheme                      ? 
_refine.ls_wR_factor_all                         ? 
_refine.ls_wR_factor_obs                         ? 
_refine.ls_wR_factor_R_free                      ? 
_refine.ls_wR_factor_R_work                      ? 
_refine.occupancy_max                            ? 
_refine.occupancy_min                            ? 
_refine.solvent_model_details                    'FLAT BULK SOLVENT MODEL' 
_refine.solvent_model_param_bsol                 ? 
_refine.solvent_model_param_ksol                 ? 
_refine.pdbx_R_complete                          ? 
_refine.ls_R_factor_gt                           ? 
_refine.ls_goodness_of_fit_gt                    ? 
_refine.ls_goodness_of_fit_ref                   ? 
_refine.ls_shift_over_su_max                     ? 
_refine.ls_shift_over_su_max_lt                  ? 
_refine.ls_shift_over_su_mean                    ? 
_refine.ls_shift_over_su_mean_lt                 ? 
_refine.pdbx_ls_sigma_I                          ? 
_refine.pdbx_ls_sigma_F                          2.050 
_refine.pdbx_ls_sigma_Fsqd                       ? 
_refine.pdbx_data_cutoff_high_absF               ? 
_refine.pdbx_data_cutoff_high_rms_absF           ? 
_refine.pdbx_data_cutoff_low_absF                ? 
_refine.pdbx_isotropic_thermal_model             ? 
_refine.pdbx_ls_cross_valid_method               THROUGHOUT 
_refine.pdbx_method_to_determine_struct          'MOLECULAR REPLACEMENT' 
_refine.pdbx_starting_model                      5VY6 
_refine.pdbx_stereochemistry_target_values       ML 
_refine.pdbx_R_Free_selection_details            ? 
_refine.pdbx_stereochem_target_val_spec_case     ? 
_refine.pdbx_overall_ESU_R                       ? 
_refine.pdbx_overall_ESU_R_Free                  ? 
_refine.pdbx_solvent_vdw_probe_radii             1.1100 
_refine.pdbx_solvent_ion_probe_radii             ? 
_refine.pdbx_solvent_shrinkage_radii             0.9000 
_refine.pdbx_real_space_R                        ? 
_refine.pdbx_density_correlation                 ? 
_refine.pdbx_pd_number_of_powder_patterns        ? 
_refine.pdbx_pd_number_of_points                 ? 
_refine.pdbx_pd_meas_number_of_points            ? 
_refine.pdbx_pd_proc_ls_prof_R_factor            ? 
_refine.pdbx_pd_proc_ls_prof_wR_factor           ? 
_refine.pdbx_pd_Marquardt_correlation_coeff      ? 
_refine.pdbx_pd_Fsqrd_R_factor                   ? 
_refine.pdbx_pd_ls_matrix_band_width             ? 
_refine.pdbx_overall_phase_error                 25.6100 
_refine.pdbx_overall_SU_R_free_Cruickshank_DPI   ? 
_refine.pdbx_overall_SU_R_free_Blow_DPI          ? 
_refine.pdbx_overall_SU_R_Blow_DPI               ? 
_refine.pdbx_TLS_residual_ADP_flag               ? 
_refine.pdbx_diffrn_id                           1 
_refine.overall_SU_B                             ? 
_refine.overall_SU_ML                            0.3600 
_refine.overall_SU_R_Cruickshank_DPI             ? 
_refine.overall_SU_R_free                        ? 
_refine.overall_FOM_free_R_set                   ? 
_refine.overall_FOM_work_R_set                   ? 
_refine.pdbx_average_fsc_overall                 ? 
_refine.pdbx_average_fsc_work                    ? 
_refine.pdbx_average_fsc_free                    ? 
# 
_refine_hist.pdbx_refine_id                   'X-RAY DIFFRACTION' 
_refine_hist.cycle_id                         final 
_refine_hist.details                          ? 
_refine_hist.d_res_high                       2.8510 
_refine_hist.d_res_low                        32.3930 
_refine_hist.number_atoms_solvent             0 
_refine_hist.number_atoms_total               859 
_refine_hist.number_reflns_all                ? 
_refine_hist.number_reflns_obs                ? 
_refine_hist.number_reflns_R_free             ? 
_refine_hist.number_reflns_R_work             ? 
_refine_hist.R_factor_all                     ? 
_refine_hist.R_factor_obs                     ? 
_refine_hist.R_factor_R_free                  ? 
_refine_hist.R_factor_R_work                  ? 
_refine_hist.pdbx_number_residues_total       42 
_refine_hist.pdbx_B_iso_mean_ligand           102.77 
_refine_hist.pdbx_B_iso_mean_solvent          ? 
_refine_hist.pdbx_number_atoms_protein        0 
_refine_hist.pdbx_number_atoms_nucleic_acid   855 
_refine_hist.pdbx_number_atoms_ligand         4 
_refine_hist.pdbx_number_atoms_lipid          ? 
_refine_hist.pdbx_number_atoms_carb           ? 
_refine_hist.pdbx_pseudo_atom_details         ? 
# 
loop_
_refine_ls_restr.pdbx_refine_id 
_refine_ls_restr.criterion 
_refine_ls_restr.dev_ideal 
_refine_ls_restr.dev_ideal_target 
_refine_ls_restr.number 
_refine_ls_restr.rejects 
_refine_ls_restr.type 
_refine_ls_restr.weight 
_refine_ls_restr.pdbx_restraint_function 
'X-RAY DIFFRACTION' ? 0.008  ? 956  ? f_bond_d           ? ? 
'X-RAY DIFFRACTION' ? 0.821  ? 1467 ? f_angle_d          ? ? 
'X-RAY DIFFRACTION' ? 0.043  ? 166  ? f_chiral_restr     ? ? 
'X-RAY DIFFRACTION' ? 0.006  ? 42   ? f_plane_restr      ? ? 
'X-RAY DIFFRACTION' ? 34.983 ? 406  ? f_dihedral_angle_d ? ? 
# 
loop_
_refine_ls_shell.pdbx_refine_id 
_refine_ls_shell.d_res_high 
_refine_ls_shell.d_res_low 
_refine_ls_shell.number_reflns_all 
_refine_ls_shell.number_reflns_obs 
_refine_ls_shell.number_reflns_R_free 
_refine_ls_shell.number_reflns_R_work 
_refine_ls_shell.percent_reflns_obs 
_refine_ls_shell.percent_reflns_R_free 
_refine_ls_shell.R_factor_all 
_refine_ls_shell.R_factor_obs 
_refine_ls_shell.R_factor_R_free 
_refine_ls_shell.R_factor_R_free_error 
_refine_ls_shell.R_factor_R_work 
_refine_ls_shell.redundancy_reflns_all 
_refine_ls_shell.redundancy_reflns_obs 
_refine_ls_shell.wR_factor_all 
_refine_ls_shell.wR_factor_obs 
_refine_ls_shell.wR_factor_R_free 
_refine_ls_shell.wR_factor_R_work 
_refine_ls_shell.pdbx_R_complete 
_refine_ls_shell.pdbx_total_number_of_bins_used 
_refine_ls_shell.pdbx_phase_error 
_refine_ls_shell.pdbx_fsc_work 
_refine_ls_shell.pdbx_fsc_free 
'X-RAY DIFFRACTION' 2.8511 3.5914 . . 113 2633 98.0000  . . . 0.3427 0.0000 0.2801 . . . . . . . . . . . 
'X-RAY DIFFRACTION' 3.5914 32.393 . . 130 2665 100.0000 . . . 0.2041 0.0000 0.1878 . . . . . . . . . . . 
# 
_struct.entry_id                     7JKG 
_struct.title                        
;Self-assembly of a 3D DNA crystal lattice (4x6 scramble duplex version) containing the J3 immobile Holliday junction with R3 symmetry
;
_struct.pdbx_model_details           ? 
_struct.pdbx_formula_weight          ? 
_struct.pdbx_formula_weight_method   ? 
_struct.pdbx_model_type_details      ? 
_struct.pdbx_CASP_flag               N 
# 
_struct_keywords.entry_id        7JKG 
_struct_keywords.text            
'Structural DNA nanotechnology, immobile Holliday junctions, 3D DNA self-assembly, designer DNA crystals, DNA' 
_struct_keywords.pdbx_keywords   DNA 
# 
loop_
_struct_asym.id 
_struct_asym.pdbx_blank_PDB_chainid_flag 
_struct_asym.pdbx_modified 
_struct_asym.entity_id 
_struct_asym.details 
A N N 1 ? 
B N N 2 ? 
C N N 3 ? 
D N N 4 ? 
E N N 5 ? 
F N N 6 ? 
G N N 5 ? 
H N N 6 ? 
# 
loop_
_struct_conn.id 
_struct_conn.conn_type_id 
_struct_conn.pdbx_leaving_atom_flag 
_struct_conn.pdbx_PDB_id 
_struct_conn.ptnr1_label_asym_id 
_struct_conn.ptnr1_label_comp_id 
_struct_conn.ptnr1_label_seq_id 
_struct_conn.ptnr1_label_atom_id 
_struct_conn.pdbx_ptnr1_label_alt_id 
_struct_conn.pdbx_ptnr1_PDB_ins_code 
_struct_conn.pdbx_ptnr1_standard_comp_id 
_struct_conn.ptnr1_symmetry 
_struct_conn.ptnr2_label_asym_id 
_struct_conn.ptnr2_label_comp_id 
_struct_conn.ptnr2_label_seq_id 
_struct_conn.ptnr2_label_atom_id 
_struct_conn.pdbx_ptnr2_label_alt_id 
_struct_conn.pdbx_ptnr2_PDB_ins_code 
_struct_conn.ptnr1_auth_asym_id 
_struct_conn.ptnr1_auth_comp_id 
_struct_conn.ptnr1_auth_seq_id 
_struct_conn.ptnr2_auth_asym_id 
_struct_conn.ptnr2_auth_comp_id 
_struct_conn.ptnr2_auth_seq_id 
_struct_conn.ptnr2_symmetry 
_struct_conn.pdbx_ptnr3_label_atom_id 
_struct_conn.pdbx_ptnr3_label_seq_id 
_struct_conn.pdbx_ptnr3_label_comp_id 
_struct_conn.pdbx_ptnr3_label_asym_id 
_struct_conn.pdbx_ptnr3_label_alt_id 
_struct_conn.pdbx_ptnr3_PDB_ins_code 
_struct_conn.details 
_struct_conn.pdbx_dist_value 
_struct_conn.pdbx_value_order 
_struct_conn.pdbx_role 
hydrog1  hydrog ? ? A DA 3  N1 ? ? ? 1_555 C DT 7 N3 ? ? B DA 9  D DT 42 1_555 ? ? ? ? ? ? WATSON-CRICK ? ? ? 
hydrog2  hydrog ? ? A DA 3  N6 ? ? ? 1_555 C DT 7 O4 ? ? B DA 9  D DT 42 1_555 ? ? ? ? ? ? WATSON-CRICK ? ? ? 
hydrog3  hydrog ? ? A DC 4  N3 ? ? ? 1_555 C DG 6 N1 ? ? B DC 10 D DG 41 1_555 ? ? ? ? ? ? WATSON-CRICK ? ? ? 
hydrog4  hydrog ? ? A DC 4  N4 ? ? ? 1_555 C DG 6 O6 ? ? B DC 10 D DG 41 1_555 ? ? ? ? ? ? WATSON-CRICK ? ? ? 
hydrog5  hydrog ? ? A DC 4  O2 ? ? ? 1_555 C DG 6 N2 ? ? B DC 10 D DG 41 1_555 ? ? ? ? ? ? WATSON-CRICK ? ? ? 
hydrog6  hydrog ? ? A DG 5  N1 ? ? ? 1_555 C DC 5 N3 ? ? B DG 11 D DC 40 1_555 ? ? ? ? ? ? WATSON-CRICK ? ? ? 
hydrog7  hydrog ? ? A DG 5  N2 ? ? ? 1_555 C DC 5 O2 ? ? B DG 11 D DC 40 1_555 ? ? ? ? ? ? WATSON-CRICK ? ? ? 
hydrog8  hydrog ? ? A DG 5  O6 ? ? ? 1_555 C DC 5 N4 ? ? B DG 11 D DC 40 1_555 ? ? ? ? ? ? WATSON-CRICK ? ? ? 
hydrog9  hydrog ? ? A DA 6  N1 ? ? ? 1_555 C DT 4 N3 ? ? B DA 12 D DT 39 1_555 ? ? ? ? ? ? WATSON-CRICK ? ? ? 
hydrog10 hydrog ? ? A DA 6  N6 ? ? ? 1_555 C DT 4 O4 ? ? B DA 12 D DT 39 1_555 ? ? ? ? ? ? WATSON-CRICK ? ? ? 
hydrog11 hydrog ? ? A DC 7  N3 ? ? ? 1_555 C DG 3 N1 ? ? B DC 13 D DG 38 1_555 ? ? ? ? ? ? WATSON-CRICK ? ? ? 
hydrog12 hydrog ? ? A DC 7  N4 ? ? ? 1_555 C DG 3 O6 ? ? B DC 13 D DG 38 1_555 ? ? ? ? ? ? WATSON-CRICK ? ? ? 
hydrog13 hydrog ? ? A DC 7  O2 ? ? ? 1_555 C DG 3 N2 ? ? B DC 13 D DG 38 1_555 ? ? ? ? ? ? WATSON-CRICK ? ? ? 
hydrog14 hydrog ? ? A DA 8  N1 ? ? ? 1_555 C DT 2 N3 ? ? B DA 14 D DT 37 1_555 ? ? ? ? ? ? WATSON-CRICK ? ? ? 
hydrog15 hydrog ? ? A DA 8  N6 ? ? ? 1_555 C DT 2 O4 ? ? B DA 14 D DT 37 1_555 ? ? ? ? ? ? WATSON-CRICK ? ? ? 
hydrog16 hydrog ? ? A DG 9  N1 ? ? ? 1_555 C DC 1 N3 ? ? B DG 15 D DC 36 1_555 ? ? ? ? ? ? WATSON-CRICK ? ? ? 
hydrog17 hydrog ? ? A DG 9  N2 ? ? ? 1_555 C DC 1 O2 ? ? B DG 15 D DC 36 1_555 ? ? ? ? ? ? WATSON-CRICK ? ? ? 
hydrog18 hydrog ? ? A DG 9  O6 ? ? ? 1_555 C DC 1 N4 ? ? B DG 15 D DC 36 1_555 ? ? ? ? ? ? WATSON-CRICK ? ? ? 
hydrog19 hydrog ? ? A DT 10 N3 ? ? ? 1_555 D DA 6 N1 ? ? B DT 16 A DA 6  1_555 ? ? ? ? ? ? WATSON-CRICK ? ? ? 
hydrog20 hydrog ? ? A DT 10 O4 ? ? ? 1_555 D DA 6 N6 ? ? B DT 16 A DA 6  1_555 ? ? ? ? ? ? WATSON-CRICK ? ? ? 
hydrog21 hydrog ? ? A DG 11 N1 ? ? ? 1_555 D DC 5 N3 ? ? B DG 17 A DC 5  1_555 ? ? ? ? ? ? WATSON-CRICK ? ? ? 
hydrog22 hydrog ? ? A DG 11 N2 ? ? ? 1_555 D DC 5 O2 ? ? B DG 17 A DC 5  1_555 ? ? ? ? ? ? WATSON-CRICK ? ? ? 
hydrog23 hydrog ? ? A DG 11 O6 ? ? ? 1_555 D DC 5 N4 ? ? B DG 17 A DC 5  1_555 ? ? ? ? ? ? WATSON-CRICK ? ? ? 
hydrog24 hydrog ? ? A DA 12 N1 ? ? ? 1_555 D DT 4 N3 ? ? B DA 18 A DT 4  1_555 ? ? ? ? ? ? WATSON-CRICK ? ? ? 
hydrog25 hydrog ? ? A DA 12 N6 ? ? ? 1_555 D DT 4 O4 ? ? B DA 18 A DT 4  1_555 ? ? ? ? ? ? WATSON-CRICK ? ? ? 
hydrog26 hydrog ? ? A DC 13 N3 ? ? ? 1_555 D DG 3 N1 ? ? B DC 19 A DG 3  1_555 ? ? ? ? ? ? WATSON-CRICK ? ? ? 
hydrog27 hydrog ? ? A DC 13 N4 ? ? ? 1_555 D DG 3 O6 ? ? B DC 19 A DG 3  1_555 ? ? ? ? ? ? WATSON-CRICK ? ? ? 
hydrog28 hydrog ? ? A DC 13 O2 ? ? ? 1_555 D DG 3 N2 ? ? B DC 19 A DG 3  1_555 ? ? ? ? ? ? WATSON-CRICK ? ? ? 
hydrog29 hydrog ? ? A DG 14 N1 ? ? ? 1_555 D DC 2 N3 ? ? B DG 20 A DC 2  1_555 ? ? ? ? ? ? WATSON-CRICK ? ? ? 
hydrog30 hydrog ? ? A DG 14 N2 ? ? ? 1_555 D DC 2 O2 ? ? B DG 20 A DC 2  1_555 ? ? ? ? ? ? WATSON-CRICK ? ? ? 
hydrog31 hydrog ? ? A DG 14 O6 ? ? ? 1_555 D DC 2 N4 ? ? B DG 20 A DC 2  1_555 ? ? ? ? ? ? WATSON-CRICK ? ? ? 
hydrog32 hydrog ? ? A DT 15 N3 ? ? ? 1_555 D DA 1 N1 ? ? B DT 21 A DA 1  1_555 ? ? ? ? ? ? WATSON-CRICK ? ? ? 
hydrog33 hydrog ? ? A DT 15 O4 ? ? ? 1_555 D DA 1 N6 ? ? B DT 21 A DA 1  1_555 ? ? ? ? ? ? WATSON-CRICK ? ? ? 
hydrog34 hydrog ? ? A DC 16 N3 ? ? ? 1_555 B DG 8 N1 ? ? B DC 22 C DG 35 1_555 ? ? ? ? ? ? WATSON-CRICK ? ? ? 
hydrog35 hydrog ? ? A DC 16 N4 ? ? ? 1_555 B DG 8 O6 ? ? B DC 22 C DG 35 1_555 ? ? ? ? ? ? WATSON-CRICK ? ? ? 
hydrog36 hydrog ? ? A DC 16 O2 ? ? ? 1_555 B DG 8 N2 ? ? B DC 22 C DG 35 1_555 ? ? ? ? ? ? WATSON-CRICK ? ? ? 
hydrog37 hydrog ? ? A DG 17 N1 ? ? ? 1_555 B DC 7 N3 ? ? B DG 23 C DC 34 1_555 ? ? ? ? ? ? WATSON-CRICK ? ? ? 
hydrog38 hydrog ? ? A DG 17 N2 ? ? ? 1_555 B DC 7 O2 ? ? B DG 23 C DC 34 1_555 ? ? ? ? ? ? WATSON-CRICK ? ? ? 
hydrog39 hydrog ? ? A DG 17 O6 ? ? ? 1_555 B DC 7 N4 ? ? B DG 23 C DC 34 1_555 ? ? ? ? ? ? WATSON-CRICK ? ? ? 
hydrog40 hydrog ? ? A DA 18 N1 ? ? ? 1_555 B DT 6 N3 ? ? B DA 24 C DT 33 1_555 ? ? ? ? ? ? WATSON-CRICK ? ? ? 
hydrog41 hydrog ? ? A DA 18 N6 ? ? ? 1_555 B DT 6 O4 ? ? B DA 24 C DT 33 1_555 ? ? ? ? ? ? WATSON-CRICK ? ? ? 
hydrog42 hydrog ? ? A DC 19 N3 ? ? ? 1_555 B DG 5 N1 ? ? B DC 25 C DG 32 1_555 ? ? ? ? ? ? WATSON-CRICK ? ? ? 
hydrog43 hydrog ? ? A DC 19 N4 ? ? ? 1_555 B DG 5 O6 ? ? B DC 25 C DG 32 1_555 ? ? ? ? ? ? WATSON-CRICK ? ? ? 
hydrog44 hydrog ? ? A DC 19 O2 ? ? ? 1_555 B DG 5 N2 ? ? B DC 25 C DG 32 1_555 ? ? ? ? ? ? WATSON-CRICK ? ? ? 
hydrog45 hydrog ? ? A DT 20 N3 ? ? ? 1_555 B DA 4 N1 ? ? B DT 26 C DA 31 1_555 ? ? ? ? ? ? WATSON-CRICK ? ? ? 
hydrog46 hydrog ? ? A DT 20 O4 ? ? ? 1_555 B DA 4 N6 ? ? B DT 26 C DA 31 1_555 ? ? ? ? ? ? WATSON-CRICK ? ? ? 
hydrog47 hydrog ? ? A DC 21 N3 ? ? ? 1_555 B DG 3 N1 ? ? B DC 27 C DG 30 1_555 ? ? ? ? ? ? WATSON-CRICK ? ? ? 
hydrog48 hydrog ? ? A DC 21 N4 ? ? ? 1_555 B DG 3 O6 ? ? B DC 27 C DG 30 1_555 ? ? ? ? ? ? WATSON-CRICK ? ? ? 
hydrog49 hydrog ? ? A DC 21 O2 ? ? ? 1_555 B DG 3 N2 ? ? B DC 27 C DG 30 1_555 ? ? ? ? ? ? WATSON-CRICK ? ? ? 
# 
_struct_conn_type.id          hydrog 
_struct_conn_type.criteria    ? 
_struct_conn_type.reference   ? 
# 
_atom_sites.entry_id                    7JKG 
_atom_sites.Cartn_transf_matrix[1][1]   ? 
_atom_sites.Cartn_transf_matrix[1][2]   ? 
_atom_sites.Cartn_transf_matrix[1][3]   ? 
_atom_sites.Cartn_transf_matrix[2][1]   ? 
_atom_sites.Cartn_transf_matrix[2][2]   ? 
_atom_sites.Cartn_transf_matrix[2][3]   ? 
_atom_sites.Cartn_transf_matrix[3][1]   ? 
_atom_sites.Cartn_transf_matrix[3][2]   ? 
_atom_sites.Cartn_transf_matrix[3][3]   ? 
_atom_sites.Cartn_transf_vector[1]      ? 
_atom_sites.Cartn_transf_vector[2]      ? 
_atom_sites.Cartn_transf_vector[3]      ? 
_atom_sites.fract_transf_matrix[1][1]   0.00969482 
_atom_sites.fract_transf_matrix[1][2]   0.00232944 
_atom_sites.fract_transf_matrix[1][3]   0.00254537 
_atom_sites.fract_transf_matrix[2][1]   0.00228181 
_atom_sites.fract_transf_matrix[2][2]   0.00940217 
_atom_sites.fract_transf_matrix[2][3]   0.00350380 
_atom_sites.fract_transf_matrix[3][1]   -0.00337260 
_atom_sites.fract_transf_matrix[3][2]   -0.00602245 
_atom_sites.fract_transf_matrix[3][3]   0.01835718 
_atom_sites.fract_transf_vector[1]      0.016528 
_atom_sites.fract_transf_vector[2]      0.264152 
_atom_sites.fract_transf_vector[3]      -0.334871 
_atom_sites.solution_primary            ? 
_atom_sites.solution_secondary          ? 
_atom_sites.solution_hydrogens          ? 
_atom_sites.special_details             ? 
# 
loop_
_atom_type.symbol 
AS 
C  
MG 
N  
O  
P  
# 
loop_
_atom_site.group_PDB 
_atom_site.id 
_atom_site.type_symbol 
_atom_site.label_atom_id 
_atom_site.label_alt_id 
_atom_site.label_comp_id 
_atom_site.label_asym_id 
_atom_site.label_entity_id 
_atom_site.label_seq_id 
_atom_site.pdbx_PDB_ins_code 
_atom_site.Cartn_x 
_atom_site.Cartn_y 
_atom_site.Cartn_z 
_atom_site.occupancy 
_atom_site.B_iso_or_equiv 
_atom_site.pdbx_formal_charge 
_atom_site.auth_seq_id 
_atom_site.auth_comp_id 
_atom_site.auth_asym_id 
_atom_site.auth_atom_id 
_atom_site.pdbx_PDB_model_num 
ATOM   1   O  "O5'" . DG  A 1 1  ? 24.517  8.954   22.593  1.00 106.86 ? 7   DG  B "O5'" 1 
ATOM   2   C  "C5'" . DG  A 1 1  ? 25.288  10.152  22.613  1.00 106.26 ? 7   DG  B "C5'" 1 
ATOM   3   C  "C4'" . DG  A 1 1  ? 26.274  10.178  21.457  1.00 106.13 ? 7   DG  B "C4'" 1 
ATOM   4   O  "O4'" . DG  A 1 1  ? 27.029  8.954   21.437  1.00 99.87  ? 7   DG  B "O4'" 1 
ATOM   5   C  "C3'" . DG  A 1 1  ? 25.638  10.271  20.072  1.00 102.88 ? 7   DG  B "C3'" 1 
ATOM   6   O  "O3'" . DG  A 1 1  ? 25.688  11.607  19.606  1.00 110.69 ? 7   DG  B "O3'" 1 
ATOM   7   C  "C2'" . DG  A 1 1  ? 26.487  9.336   19.189  1.00 88.89  ? 7   DG  B "C2'" 1 
ATOM   8   C  "C1'" . DG  A 1 1  ? 27.537  8.783   20.142  1.00 87.79  ? 7   DG  B "C1'" 1 
ATOM   9   N  N9    . DG  A 1 1  ? 27.836  7.370   19.941  1.00 79.11  ? 7   DG  B N9    1 
ATOM   10  C  C8    . DG  A 1 1  ? 27.414  6.310   20.714  1.00 80.80  ? 7   DG  B C8    1 
ATOM   11  N  N7    . DG  A 1 1  ? 27.856  5.154   20.296  1.00 73.73  ? 7   DG  B N7    1 
ATOM   12  C  C5    . DG  A 1 1  ? 28.622  5.469   19.180  1.00 71.43  ? 7   DG  B C5    1 
ATOM   13  C  C6    . DG  A 1 1  ? 29.353  4.628   18.309  1.00 70.48  ? 7   DG  B C6    1 
ATOM   14  O  O6    . DG  A 1 1  ? 29.469  3.395   18.359  1.00 65.21  ? 7   DG  B O6    1 
ATOM   15  N  N1    . DG  A 1 1  ? 29.991  5.354   17.298  1.00 68.65  ? 7   DG  B N1    1 
ATOM   16  C  C2    . DG  A 1 1  ? 29.925  6.723   17.151  1.00 70.68  ? 7   DG  B C2    1 
ATOM   17  N  N2    . DG  A 1 1  ? 30.605  7.248   16.119  1.00 67.84  ? 7   DG  B N2    1 
ATOM   18  N  N3    . DG  A 1 1  ? 29.243  7.523   17.962  1.00 72.18  ? 7   DG  B N3    1 
ATOM   19  C  C4    . DG  A 1 1  ? 28.619  6.829   18.949  1.00 73.33  ? 7   DG  B C4    1 
ATOM   20  P  P     . DA  A 1 2  ? 24.669  12.101  18.465  1.00 122.42 ? 8   DA  B P     1 
ATOM   21  O  OP1   . DA  A 1 2  ? 25.078  13.463  18.041  1.00 107.70 ? 8   DA  B OP1   1 
ATOM   22  O  OP2   . DA  A 1 2  ? 23.296  11.838  18.961  1.00 109.50 ? 8   DA  B OP2   1 
ATOM   23  O  "O5'" . DA  A 1 2  ? 24.948  11.108  17.248  1.00 99.07  ? 8   DA  B "O5'" 1 
ATOM   24  C  "C5'" . DA  A 1 2  ? 24.584  11.488  15.945  1.00 98.65  ? 8   DA  B "C5'" 1 
ATOM   25  C  "C4'" . DA  A 1 2  ? 25.809  11.794  15.109  1.00 98.13  ? 8   DA  B "C4'" 1 
ATOM   26  O  "O4'" . DA  A 1 2  ? 26.867  10.862  15.444  1.00 91.41  ? 8   DA  B "O4'" 1 
ATOM   27  C  "C3'" . DA  A 1 2  ? 25.592  11.631  13.621  1.00 97.16  ? 8   DA  B "C3'" 1 
ATOM   28  O  "O3'" . DA  A 1 2  ? 26.481  12.449  12.894  1.00 98.59  ? 8   DA  B "O3'" 1 
ATOM   29  C  "C2'" . DA  A 1 2  ? 25.883  10.150  13.403  1.00 90.76  ? 8   DA  B "C2'" 1 
ATOM   30  C  "C1'" . DA  A 1 2  ? 26.935  9.835   14.468  1.00 86.62  ? 8   DA  B "C1'" 1 
ATOM   31  N  N9    . DA  A 1 2  ? 26.709  8.545   15.131  1.00 78.08  ? 8   DA  B N9    1 
ATOM   32  C  C8    . DA  A 1 2  ? 25.878  8.299   16.185  1.00 81.55  ? 8   DA  B C8    1 
ATOM   33  N  N7    . DA  A 1 2  ? 25.868  7.045   16.574  1.00 77.81  ? 8   DA  B N7    1 
ATOM   34  C  C5    . DA  A 1 2  ? 26.745  6.419   15.707  1.00 69.64  ? 8   DA  B C5    1 
ATOM   35  C  C6    . DA  A 1 2  ? 27.175  5.080   15.590  1.00 66.19  ? 8   DA  B C6    1 
ATOM   36  N  N6    . DA  A 1 2  ? 26.750  4.100   16.393  1.00 64.05  ? 8   DA  B N6    1 
ATOM   37  N  N1    . DA  A 1 2  ? 28.057  4.786   14.615  1.00 65.26  ? 8   DA  B N1    1 
ATOM   38  C  C2    . DA  A 1 2  ? 28.482  5.772   13.816  1.00 72.08  ? 8   DA  B C2    1 
ATOM   39  N  N3    . DA  A 1 2  ? 28.154  7.067   13.829  1.00 75.30  ? 8   DA  B N3    1 
ATOM   40  C  C4    . DA  A 1 2  ? 27.274  7.327   14.806  1.00 70.82  ? 8   DA  B C4    1 
ATOM   41  P  P     . DA  A 1 3  ? 26.545  12.324  11.293  1.00 114.20 ? 9   DA  B P     1 
ATOM   42  O  OP1   . DA  A 1 3  ? 27.037  13.615  10.762  1.00 116.35 ? 9   DA  B OP1   1 
ATOM   43  O  OP2   . DA  A 1 3  ? 25.250  11.777  10.823  1.00 102.29 ? 9   DA  B OP2   1 
ATOM   44  O  "O5'" . DA  A 1 3  ? 27.662  11.207  11.043  1.00 101.58 ? 9   DA  B "O5'" 1 
ATOM   45  C  "C5'" . DA  A 1 3  ? 28.246  11.063  9.762   1.00 97.26  ? 9   DA  B "C5'" 1 
ATOM   46  C  "C4'" . DA  A 1 3  ? 27.803  9.769   9.111   1.00 95.08  ? 9   DA  B "C4'" 1 
ATOM   47  O  "O4'" . DA  A 1 3  ? 27.677  8.742   10.110  1.00 91.82  ? 9   DA  B "O4'" 1 
ATOM   48  C  "C3'" . DA  A 1 3  ? 26.435  9.815   8.453   1.00 96.62  ? 9   DA  B "C3'" 1 
ATOM   49  O  "O3'" . DA  A 1 3  ? 26.518  10.278  7.068   1.00 99.95  ? 9   DA  B "O3'" 1 
ATOM   50  C  "C2'" . DA  A 1 3  ? 25.920  8.372   8.568   1.00 91.34  ? 9   DA  B "C2'" 1 
ATOM   51  C  "C1'" . DA  A 1 3  ? 26.869  7.714   9.582   1.00 88.30  ? 9   DA  B "C1'" 1 
ATOM   52  N  N9    . DA  A 1 3  ? 26.178  7.048   10.687  1.00 78.56  ? 9   DA  B N9    1 
ATOM   53  C  C8    . DA  A 1 3  ? 25.331  7.624   11.589  1.00 79.36  ? 9   DA  B C8    1 
ATOM   54  N  N7    . DA  A 1 3  ? 24.853  6.790   12.485  1.00 72.33  ? 9   DA  B N7    1 
ATOM   55  C  C5    . DA  A 1 3  ? 25.420  5.574   12.142  1.00 73.39  ? 9   DA  B C5    1 
ATOM   56  C  C6    . DA  A 1 3  ? 25.311  4.280   12.701  1.00 71.25  ? 9   DA  B C6    1 
ATOM   57  N  N6    . DA  A 1 3  ? 24.553  4.002   13.772  1.00 62.61  ? 9   DA  B N6    1 
ATOM   58  N  N1    . DA  A 1 3  ? 26.012  3.283   12.114  1.00 67.27  ? 9   DA  B N1    1 
ATOM   59  C  C2    . DA  A 1 3  ? 26.765  3.568   11.040  1.00 68.57  ? 9   DA  B C2    1 
ATOM   60  N  N3    . DA  A 1 3  ? 26.950  4.742   10.427  1.00 72.60  ? 9   DA  B N3    1 
ATOM   61  C  C4    . DA  A 1 3  ? 26.243  5.713   11.033  1.00 73.48  ? 9   DA  B C4    1 
ATOM   62  P  P     . DC  A 1 4  ? 27.409  9.542   5.936   1.00 111.50 ? 10  DC  B P     1 
ATOM   63  O  OP1   . DC  A 1 4  ? 28.805  9.327   6.371   1.00 111.95 ? 10  DC  B OP1   1 
ATOM   64  O  OP2   . DC  A 1 4  ? 27.192  10.331  4.705   1.00 110.05 ? 10  DC  B OP2   1 
ATOM   65  O  "O5'" . DC  A 1 4  ? 26.734  8.108   5.724   1.00 90.79  ? 10  DC  B "O5'" 1 
ATOM   66  C  "C5'" . DC  A 1 4  ? 27.163  7.306   4.640   1.00 89.89  ? 10  DC  B "C5'" 1 
ATOM   67  C  "C4'" . DC  A 1 4  ? 26.723  5.861   4.793   1.00 91.28  ? 10  DC  B "C4'" 1 
ATOM   68  O  "O4'" . DC  A 1 4  ? 26.628  5.499   6.185   1.00 89.37  ? 10  DC  B "O4'" 1 
ATOM   69  C  "C3'" . DC  A 1 4  ? 25.342  5.529   4.268   1.00 93.12  ? 10  DC  B "C3'" 1 
ATOM   70  O  "O3'" . DC  A 1 4  ? 25.313  5.468   2.807   1.00 103.68 ? 10  DC  B "O3'" 1 
ATOM   71  C  "C2'" . DC  A 1 4  ? 25.094  4.177   4.928   1.00 86.41  ? 10  DC  B "C2'" 1 
ATOM   72  C  "C1'" . DC  A 1 4  ? 25.831  4.320   6.268   1.00 87.57  ? 10  DC  B "C1'" 1 
ATOM   73  N  N1    . DC  A 1 4  ? 24.926  4.405   7.470   1.00 75.74  ? 10  DC  B N1    1 
ATOM   74  C  C2    . DC  A 1 4  ? 24.652  3.252   8.214   1.00 71.59  ? 10  DC  B C2    1 
ATOM   75  O  O2    . DC  A 1 4  ? 25.152  2.175   7.863   1.00 72.90  ? 10  DC  B O2    1 
ATOM   76  N  N3    . DC  A 1 4  ? 23.844  3.348   9.303   1.00 65.00  ? 10  DC  B N3    1 
ATOM   77  C  C4    . DC  A 1 4  ? 23.327  4.526   9.650   1.00 63.27  ? 10  DC  B C4    1 
ATOM   78  N  N4    . DC  A 1 4  ? 22.539  4.571   10.730  1.00 57.70  ? 10  DC  B N4    1 
ATOM   79  C  C5    . DC  A 1 4  ? 23.595  5.709   8.904   1.00 68.32  ? 10  DC  B C5    1 
ATOM   80  C  C6    . DC  A 1 4  ? 24.387  5.600   7.830   1.00 75.99  ? 10  DC  B C6    1 
ATOM   81  P  P     . DG  A 1 5  ? 26.040  4.300   1.961   1.00 105.97 ? 11  DG  B P     1 
ATOM   82  O  OP1   . DG  A 1 5  ? 27.405  4.057   2.475   1.00 115.74 ? 11  DG  B OP1   1 
ATOM   83  O  OP2   . DG  A 1 5  ? 25.863  4.649   0.534   1.00 102.61 ? 11  DG  B OP2   1 
ATOM   84  O  "O5'" . DG  A 1 5  ? 25.169  2.992   2.225   1.00 88.94  ? 11  DG  B "O5'" 1 
ATOM   85  C  "C5'" . DG  A 1 5  ? 25.824  1.751   2.362   1.00 87.67  ? 11  DG  B "C5'" 1 
ATOM   86  C  "C4'" . DG  A 1 5  ? 24.910  0.720   2.987   1.00 89.59  ? 11  DG  B "C4'" 1 
ATOM   87  O  "O4'" . DG  A 1 5  ? 24.367  1.218   4.237   1.00 86.01  ? 11  DG  B "O4'" 1 
ATOM   88  C  "C3'" . DG  A 1 5  ? 23.706  0.317   2.133   1.00 86.78  ? 11  DG  B "C3'" 1 
ATOM   89  O  "O3'" . DG  A 1 5  ? 23.612  -1.085  2.113   1.00 89.05  ? 11  DG  B "O3'" 1 
ATOM   90  C  "C2'" . DG  A 1 5  ? 22.523  0.943   2.873   1.00 81.83  ? 11  DG  B "C2'" 1 
ATOM   91  C  "C1'" . DG  A 1 5  ? 23.010  0.864   4.306   1.00 82.32  ? 11  DG  B "C1'" 1 
ATOM   92  N  N9    . DG  A 1 5  ? 22.333  1.779   5.224   1.00 76.93  ? 11  DG  B N9    1 
ATOM   93  C  C8    . DG  A 1 5  ? 22.156  3.133   5.068   1.00 75.30  ? 11  DG  B C8    1 
ATOM   94  N  N7    . DG  A 1 5  ? 21.527  3.697   6.065   1.00 72.60  ? 11  DG  B N7    1 
ATOM   95  C  C5    . DG  A 1 5  ? 21.257  2.647   6.933   1.00 69.98  ? 11  DG  B C5    1 
ATOM   96  C  C6    . DG  A 1 5  ? 20.587  2.649   8.182   1.00 68.09  ? 11  DG  B C6    1 
ATOM   97  O  O6    . DG  A 1 5  ? 20.083  3.612   8.782   1.00 65.23  ? 11  DG  B O6    1 
ATOM   98  N  N1    . DG  A 1 5  ? 20.530  1.371   8.735   1.00 65.41  ? 11  DG  B N1    1 
ATOM   99  C  C2    . DG  A 1 5  ? 21.054  0.236   8.151   1.00 68.72  ? 11  DG  B C2    1 
ATOM   100 N  N2    . DG  A 1 5  ? 20.899  -0.910  8.835   1.00 68.11  ? 11  DG  B N2    1 
ATOM   101 N  N3    . DG  A 1 5  ? 21.683  0.223   6.980   1.00 65.61  ? 11  DG  B N3    1 
ATOM   102 C  C4    . DG  A 1 5  ? 21.747  1.459   6.430   1.00 70.61  ? 11  DG  B C4    1 
ATOM   103 P  P     . DA  A 1 6  ? 22.960  -1.841  0.860   1.00 103.01 ? 12  DA  B P     1 
ATOM   104 O  OP1   . DA  A 1 6  ? 24.012  -2.654  0.207   1.00 99.08  ? 12  DA  B OP1   1 
ATOM   105 O  OP2   . DA  A 1 6  ? 22.229  -0.827  0.066   1.00 102.37 ? 12  DA  B OP2   1 
ATOM   106 O  "O5'" . DA  A 1 6  ? 21.906  -2.825  1.548   1.00 94.12  ? 12  DA  B "O5'" 1 
ATOM   107 C  "C5'" . DA  A 1 6  ? 22.295  -3.581  2.690   1.00 89.17  ? 12  DA  B "C5'" 1 
ATOM   108 C  "C4'" . DA  A 1 6  ? 21.090  -3.923  3.542   1.00 87.79  ? 12  DA  B "C4'" 1 
ATOM   109 O  "O4'" . DA  A 1 6  ? 20.761  -2.794  4.393   1.00 77.81  ? 12  DA  B "O4'" 1 
ATOM   110 C  "C3'" . DA  A 1 6  ? 19.824  -4.248  2.747   1.00 85.04  ? 12  DA  B "C3'" 1 
ATOM   111 O  "O3'" . DA  A 1 6  ? 19.218  -5.438  3.243   1.00 91.34  ? 12  DA  B "O3'" 1 
ATOM   112 C  "C2'" . DA  A 1 6  ? 18.937  -3.025  2.967   1.00 79.72  ? 12  DA  B "C2'" 1 
ATOM   113 C  "C1'" . DA  A 1 6  ? 19.378  -2.561  4.342   1.00 73.25  ? 12  DA  B "C1'" 1 
ATOM   114 N  N9    . DA  A 1 6  ? 19.146  -1.138  4.573   1.00 69.61  ? 12  DA  B N9    1 
ATOM   115 C  C8    . DA  A 1 6  ? 19.476  -0.103  3.747   1.00 70.56  ? 12  DA  B C8    1 
ATOM   116 N  N7    . DA  A 1 6  ? 19.143  1.077   4.217   1.00 65.37  ? 12  DA  B N7    1 
ATOM   117 C  C5    . DA  A 1 6  ? 18.555  0.794   5.437   1.00 62.27  ? 12  DA  B C5    1 
ATOM   118 C  C6    . DA  A 1 6  ? 17.983  1.614   6.434   1.00 62.79  ? 12  DA  B C6    1 
ATOM   119 N  N6    . DA  A 1 6  ? 17.919  2.946   6.341   1.00 64.23  ? 12  DA  B N6    1 
ATOM   120 N  N1    . DA  A 1 6  ? 17.481  1.011   7.529   1.00 61.63  ? 12  DA  B N1    1 
ATOM   121 C  C2    . DA  A 1 6  ? 17.543  -0.325  7.615   1.00 66.47  ? 12  DA  B C2    1 
ATOM   122 N  N3    . DA  A 1 6  ? 18.051  -1.199  6.746   1.00 64.72  ? 12  DA  B N3    1 
ATOM   123 C  C4    . DA  A 1 6  ? 18.546  -0.570  5.672   1.00 63.83  ? 12  DA  B C4    1 
ATOM   124 P  P     . DC  A 1 7  ? 18.817  -6.617  2.226   1.00 100.39 ? 13  DC  B P     1 
ATOM   125 O  OP1   . DC  A 1 7  ? 19.407  -7.880  2.727   1.00 102.86 ? 13  DC  B OP1   1 
ATOM   126 O  OP2   . DC  A 1 7  ? 19.109  -6.146  0.852   1.00 94.22  ? 13  DC  B OP2   1 
ATOM   127 O  "O5'" . DC  A 1 7  ? 17.237  -6.713  2.368   1.00 87.51  ? 13  DC  B "O5'" 1 
ATOM   128 C  "C5'" . DC  A 1 7  ? 16.498  -5.536  2.586   1.00 87.79  ? 13  DC  B "C5'" 1 
ATOM   129 C  "C4'" . DC  A 1 7  ? 15.968  -5.494  4.002   1.00 83.30  ? 13  DC  B "C4'" 1 
ATOM   130 O  "O4'" . DC  A 1 7  ? 16.288  -4.204  4.602   1.00 84.65  ? 13  DC  B "O4'" 1 
ATOM   131 C  "C3'" . DC  A 1 7  ? 14.457  -5.622  4.086   1.00 82.13  ? 13  DC  B "C3'" 1 
ATOM   132 O  "O3'" . DC  A 1 7  ? 14.080  -6.269  5.283   1.00 90.56  ? 13  DC  B "O3'" 1 
ATOM   133 C  "C2'" . DC  A 1 7  ? 14.014  -4.168  4.069   1.00 85.35  ? 13  DC  B "C2'" 1 
ATOM   134 C  "C1'" . DC  A 1 7  ? 15.091  -3.520  4.923   1.00 76.80  ? 13  DC  B "C1'" 1 
ATOM   135 N  N1    . DC  A 1 7  ? 15.257  -2.062  4.626   1.00 66.93  ? 13  DC  B N1    1 
ATOM   136 C  C2    . DC  A 1 7  ? 14.835  -1.104  5.560   1.00 67.40  ? 13  DC  B C2    1 
ATOM   137 O  O2    . DC  A 1 7  ? 14.354  -1.477  6.639   1.00 68.70  ? 13  DC  B O2    1 
ATOM   138 N  N3    . DC  A 1 7  ? 14.977  0.214   5.256   1.00 62.80  ? 13  DC  B N3    1 
ATOM   139 C  C4    . DC  A 1 7  ? 15.504  0.575   4.081   1.00 65.68  ? 13  DC  B C4    1 
ATOM   140 N  N4    . DC  A 1 7  ? 15.629  1.883   3.822   1.00 64.35  ? 13  DC  B N4    1 
ATOM   141 C  C5    . DC  A 1 7  ? 15.927  -0.385  3.119   1.00 62.21  ? 13  DC  B C5    1 
ATOM   142 C  C6    . DC  A 1 7  ? 15.780  -1.677  3.428   1.00 67.25  ? 13  DC  B C6    1 
ATOM   143 P  P     . DA  A 1 8  ? 12.669  -7.036  5.357   1.00 107.79 ? 14  DA  B P     1 
ATOM   144 O  OP1   . DA  A 1 8  ? 12.928  -8.429  5.795   1.00 109.54 ? 14  DA  B OP1   1 
ATOM   145 O  OP2   . DA  A 1 8  ? 11.980  -6.766  4.073   1.00 92.09  ? 14  DA  B OP2   1 
ATOM   146 O  "O5'" . DA  A 1 8  ? 11.869  -6.254  6.493   1.00 85.02  ? 14  DA  B "O5'" 1 
ATOM   147 C  "C5'" . DA  A 1 8  ? 11.889  -4.858  6.492   1.00 77.69  ? 14  DA  B "C5'" 1 
ATOM   148 C  "C4'" . DA  A 1 8  ? 11.239  -4.298  7.722   1.00 79.67  ? 14  DA  B "C4'" 1 
ATOM   149 O  "O4'" . DA  A 1 8  ? 11.518  -2.882  7.776   1.00 79.60  ? 14  DA  B "O4'" 1 
ATOM   150 C  "C3'" . DA  A 1 8  ? 9.733   -4.382  7.706   1.00 80.35  ? 14  DA  B "C3'" 1 
ATOM   151 O  "O3'" . DA  A 1 8  ? 9.229   -4.210  9.007   1.00 77.88  ? 14  DA  B "O3'" 1 
ATOM   152 C  "C2'" . DA  A 1 8  ? 9.374   -3.202  6.812   1.00 79.73  ? 14  DA  B "C2'" 1 
ATOM   153 C  "C1'" . DA  A 1 8  ? 10.443  -2.168  7.191   1.00 74.16  ? 14  DA  B "C1'" 1 
ATOM   154 N  N9    . DA  A 1 8  ? 10.940  -1.398  6.043   1.00 64.40  ? 14  DA  B N9    1 
ATOM   155 C  C8    . DA  A 1 8  ? 11.499  -1.892  4.896   1.00 65.86  ? 14  DA  B C8    1 
ATOM   156 N  N7    . DA  A 1 8  ? 11.844  -0.963  4.032   1.00 64.06  ? 14  DA  B N7    1 
ATOM   157 C  C5    . DA  A 1 8  ? 11.482  0.221   4.653   1.00 56.39  ? 14  DA  B C5    1 
ATOM   158 C  C6    . DA  A 1 8  ? 11.584  1.572   4.261   1.00 63.30  ? 14  DA  B C6    1 
ATOM   159 N  N6    . DA  A 1 8  ? 12.101  1.963   3.087   1.00 61.95  ? 14  DA  B N6    1 
ATOM   160 N  N1    . DA  A 1 8  ? 11.132  2.512   5.122   1.00 63.50  ? 14  DA  B N1    1 
ATOM   161 C  C2    . DA  A 1 8  ? 10.611  2.119   6.289   1.00 60.54  ? 14  DA  B C2    1 
ATOM   162 N  N3    . DA  A 1 8  ? 10.464  0.882   6.765   1.00 59.52  ? 14  DA  B N3    1 
ATOM   163 C  C4    . DA  A 1 8  ? 10.923  -0.026  5.892   1.00 55.52  ? 14  DA  B C4    1 
ATOM   164 P  P     . DG  A 1 9  ? 7.654   -4.368  9.278   1.00 93.41  ? 15  DG  B P     1 
ATOM   165 O  OP1   . DG  A 1 9  ? 7.485   -4.869  10.661  1.00 94.23  ? 15  DG  B OP1   1 
ATOM   166 O  OP2   . DG  A 1 9  ? 7.096   -5.140  8.142   1.00 89.48  ? 15  DG  B OP2   1 
ATOM   167 O  "O5'" . DG  A 1 9  ? 7.107   -2.866  9.227   1.00 71.97  ? 15  DG  B "O5'" 1 
ATOM   168 C  "C5'" . DG  A 1 9  ? 7.588   -1.931  10.160  1.00 69.46  ? 15  DG  B "C5'" 1 
ATOM   169 C  "C4'" . DG  A 1 9  ? 7.030   -0.552  9.888   1.00 77.26  ? 15  DG  B "C4'" 1 
ATOM   170 O  "O4'" . DG  A 1 9  ? 7.654   0.023   8.708   1.00 78.90  ? 15  DG  B "O4'" 1 
ATOM   171 C  "C3'" . DG  A 1 9  ? 5.529   -0.494  9.649   1.00 81.59  ? 15  DG  B "C3'" 1 
ATOM   172 O  "O3'" . DG  A 1 9  ? 5.001   0.586   10.393  1.00 78.16  ? 15  DG  B "O3'" 1 
ATOM   173 C  "C2'" . DG  A 1 9  ? 5.415   -0.267  8.130   1.00 81.72  ? 15  DG  B "C2'" 1 
ATOM   174 C  "C1'" . DG  A 1 9  ? 6.661   0.561   7.856   1.00 80.13  ? 15  DG  B "C1'" 1 
ATOM   175 N  N9    . DG  A 1 9  ? 7.173   0.483   6.479   1.00 72.44  ? 15  DG  B N9    1 
ATOM   176 C  C8    . DG  A 1 9  ? 7.564   -0.652  5.812   1.00 68.22  ? 15  DG  B C8    1 
ATOM   177 N  N7    . DG  A 1 9  ? 8.023   -0.424  4.612   1.00 64.62  ? 15  DG  B N7    1 
ATOM   178 C  C5    . DG  A 1 9  ? 7.952   0.955   4.474   1.00 60.16  ? 15  DG  B C5    1 
ATOM   179 C  C6    . DG  A 1 9  ? 8.316   1.776   3.381   1.00 59.44  ? 15  DG  B C6    1 
ATOM   180 O  O6    . DG  A 1 9  ? 8.793   1.430   2.287   1.00 56.83  ? 15  DG  B O6    1 
ATOM   181 N  N1    . DG  A 1 9  ? 8.082   3.123   3.646   1.00 58.02  ? 15  DG  B N1    1 
ATOM   182 C  C2    . DG  A 1 9  ? 7.561   3.615   4.820   1.00 63.64  ? 15  DG  B C2    1 
ATOM   183 N  N2    . DG  A 1 9  ? 7.408   4.949   4.885   1.00 61.51  ? 15  DG  B N2    1 
ATOM   184 N  N3    . DG  A 1 9  ? 7.215   2.855   5.860   1.00 64.18  ? 15  DG  B N3    1 
ATOM   185 C  C4    . DG  A 1 9  ? 7.437   1.537   5.616   1.00 63.43  ? 15  DG  B C4    1 
ATOM   186 P  P     . DT  A 1 10 ? 3.455   0.979   10.270  1.00 95.93  ? 16  DT  B P     1 
ATOM   187 O  OP1   . DT  A 1 10 ? 3.051   1.649   11.530  1.00 95.72  ? 16  DT  B OP1   1 
ATOM   188 O  OP2   . DT  A 1 10 ? 2.737   -0.227  9.779   1.00 80.45  ? 16  DT  B OP2   1 
ATOM   189 O  "O5'" . DT  A 1 10 ? 3.447   2.091   9.131   1.00 80.24  ? 16  DT  B "O5'" 1 
ATOM   190 C  "C5'" . DT  A 1 10 ? 4.260   3.236   9.266   1.00 75.41  ? 16  DT  B "C5'" 1 
ATOM   191 C  "C4'" . DT  A 1 10 ? 3.774   4.327   8.342   1.00 77.06  ? 16  DT  B "C4'" 1 
ATOM   192 O  "O4'" . DT  A 1 10 ? 4.439   4.217   7.051   1.00 78.35  ? 16  DT  B "O4'" 1 
ATOM   193 C  "C3'" . DT  A 1 10 ? 2.278   4.278   8.054   1.00 77.07  ? 16  DT  B "C3'" 1 
ATOM   194 O  "O3'" . DT  A 1 10 ? 1.762   5.577   8.037   1.00 77.84  ? 16  DT  B "O3'" 1 
ATOM   195 C  "C2'" . DT  A 1 10 ? 2.207   3.629   6.673   1.00 75.43  ? 16  DT  B "C2'" 1 
ATOM   196 C  "C1'" . DT  A 1 10 ? 3.470   4.176   6.021   1.00 77.53  ? 16  DT  B "C1'" 1 
ATOM   197 N  N1    . DT  A 1 10 ? 4.004   3.325   4.900   1.00 65.77  ? 16  DT  B N1    1 
ATOM   198 C  C2    . DT  A 1 10 ? 4.409   3.922   3.726   1.00 61.63  ? 16  DT  B C2    1 
ATOM   199 O  O2    . DT  A 1 10 ? 4.353   5.126   3.530   1.00 61.25  ? 16  DT  B O2    1 
ATOM   200 N  N3    . DT  A 1 10 ? 4.885   3.055   2.780   1.00 56.71  ? 16  DT  B N3    1 
ATOM   201 C  C4    . DT  A 1 10 ? 4.995   1.682   2.885   1.00 59.46  ? 16  DT  B C4    1 
ATOM   202 O  O4    . DT  A 1 10 ? 5.437   0.982   1.976   1.00 57.34  ? 16  DT  B O4    1 
ATOM   203 C  C5    . DT  A 1 10 ? 4.552   1.124   4.137   1.00 63.87  ? 16  DT  B C5    1 
ATOM   204 C  C7    . DT  A 1 10 ? 4.621   -0.353  4.367   1.00 61.10  ? 16  DT  B C7    1 
ATOM   205 C  C6    . DT  A 1 10 ? 4.086   1.962   5.071   1.00 64.63  ? 16  DT  B C6    1 
ATOM   206 P  P     . DG  A 1 11 ? 0.303   5.853   8.634   1.00 89.18  ? 17  DG  B P     1 
ATOM   207 O  OP1   . DG  A 1 11 ? 0.453   6.844   9.728   1.00 81.68  ? 17  DG  B OP1   1 
ATOM   208 O  OP2   . DG  A 1 11 ? -0.330  4.531   8.862   1.00 74.38  ? 17  DG  B OP2   1 
ATOM   209 O  "O5'" . DG  A 1 11 ? -0.478  6.541   7.425   1.00 80.97  ? 17  DG  B "O5'" 1 
ATOM   210 C  "C5'" . DG  A 1 11 ? -0.144  7.850   7.033   1.00 73.16  ? 17  DG  B "C5'" 1 
ATOM   211 C  "C4'" . DG  A 1 11 ? -0.408  8.037   5.555   1.00 70.49  ? 17  DG  B "C4'" 1 
ATOM   212 O  "O4'" . DG  A 1 11 ? 0.399   7.108   4.784   1.00 74.05  ? 17  DG  B "O4'" 1 
ATOM   213 C  "C3'" . DG  A 1 11 ? -1.854  7.805   5.116   1.00 67.12  ? 17  DG  B "C3'" 1 
ATOM   214 O  "O3'" . DG  A 1 11 ? -2.250  8.896   4.319   1.00 67.90  ? 17  DG  B "O3'" 1 
ATOM   215 C  "C2'" . DG  A 1 11 ? -1.774  6.499   4.309   1.00 62.41  ? 17  DG  B "C2'" 1 
ATOM   216 C  "C1'" . DG  A 1 11 ? -0.378  6.603   3.730   1.00 65.94  ? 17  DG  B "C1'" 1 
ATOM   217 N  N9    . DG  A 1 11 ? 0.202   5.331   3.302   1.00 59.94  ? 17  DG  B N9    1 
ATOM   218 C  C8    . DG  A 1 11 ? 0.221   4.153   4.005   1.00 63.82  ? 17  DG  B C8    1 
ATOM   219 N  N7    . DG  A 1 11 ? 0.834   3.181   3.380   1.00 62.39  ? 17  DG  B N7    1 
ATOM   220 C  C5    . DG  A 1 11 ? 1.252   3.751   2.184   1.00 58.73  ? 17  DG  B C5    1 
ATOM   221 C  C6    . DG  A 1 11 ? 1.969   3.179   1.101   1.00 54.31  ? 17  DG  B C6    1 
ATOM   222 O  O6    . DG  A 1 11 ? 2.392   2.019   0.978   1.00 50.20  ? 17  DG  B O6    1 
ATOM   223 N  N1    . DG  A 1 11 ? 2.187   4.103   0.086   1.00 54.58  ? 17  DG  B N1    1 
ATOM   224 C  C2    . DG  A 1 11 ? 1.768   5.411   0.113   1.00 54.61  ? 17  DG  B C2    1 
ATOM   225 N  N2    . DG  A 1 11 ? 2.074   6.148   -0.966  1.00 54.33  ? 17  DG  B N2    1 
ATOM   226 N  N3    . DG  A 1 11 ? 1.098   5.963   1.119   1.00 55.79  ? 17  DG  B N3    1 
ATOM   227 C  C4    . DG  A 1 11 ? 0.875   5.073   2.120   1.00 57.71  ? 17  DG  B C4    1 
ATOM   228 P  P     . DA  A 1 12 ? -3.782  9.134   3.913   1.00 74.53  ? 18  DA  B P     1 
ATOM   229 O  OP1   . DA  A 1 12 ? -4.319  10.235  4.746   1.00 67.64  ? 18  DA  B OP1   1 
ATOM   230 O  OP2   . DA  A 1 12 ? -4.475  7.820   3.894   1.00 69.66  ? 18  DA  B OP2   1 
ATOM   231 O  "O5'" . DA  A 1 12 ? -3.644  9.665   2.418   1.00 66.56  ? 18  DA  B "O5'" 1 
ATOM   232 C  "C5'" . DA  A 1 12 ? -2.364  9.647   1.820   1.00 61.29  ? 18  DA  B "C5'" 1 
ATOM   233 C  "C4'" . DA  A 1 12 ? -2.446  9.850   0.326   1.00 62.35  ? 18  DA  B "C4'" 1 
ATOM   234 O  "O4'" . DA  A 1 12 ? -1.787  8.752   -0.341  1.00 66.18  ? 18  DA  B "O4'" 1 
ATOM   235 C  "C3'" . DA  A 1 12 ? -3.840  9.882   -0.256  1.00 55.82  ? 18  DA  B "C3'" 1 
ATOM   236 O  "O3'" . DA  A 1 12 ? -3.806  10.606  -1.471  1.00 55.59  ? 18  DA  B "O3'" 1 
ATOM   237 C  "C2'" . DA  A 1 12 ? -4.121  8.401   -0.486  1.00 56.09  ? 18  DA  B "C2'" 1 
ATOM   238 C  "C1'" . DA  A 1 12 ? -2.746  7.864   -0.878  1.00 56.77  ? 18  DA  B "C1'" 1 
ATOM   239 N  N9    . DA  A 1 12 ? -2.460  6.534   -0.345  1.00 55.48  ? 18  DA  B N9    1 
ATOM   240 C  C8    . DA  A 1 12 ? -2.813  6.041   0.878   1.00 54.94  ? 18  DA  B C8    1 
ATOM   241 N  N7    . DA  A 1 12 ? -2.405  4.810   1.089   1.00 56.33  ? 18  DA  B N7    1 
ATOM   242 C  C5    . DA  A 1 12 ? -1.728  4.478   -0.071  1.00 52.13  ? 18  DA  B C5    1 
ATOM   243 C  C6    . DA  A 1 12 ? -1.050  3.307   -0.477  1.00 52.27  ? 18  DA  B C6    1 
ATOM   244 N  N6    . DA  A 1 12 ? -0.949  2.208   0.279   1.00 50.07  ? 18  DA  B N6    1 
ATOM   245 N  N1    . DA  A 1 12 ? -0.482  3.310   -1.694  1.00 53.44  ? 18  DA  B N1    1 
ATOM   246 C  C2    . DA  A 1 12 ? -0.593  4.409   -2.451  1.00 57.40  ? 18  DA  B C2    1 
ATOM   247 N  N3    . DA  A 1 12 ? -1.205  5.563   -2.180  1.00 52.02  ? 18  DA  B N3    1 
ATOM   248 C  C4    . DA  A 1 12 ? -1.754  5.530   -0.963  1.00 49.82  ? 18  DA  B C4    1 
ATOM   249 P  P     . DC  A 1 13 ? -5.118  10.758  -2.380  1.00 68.15  ? 19  DC  B P     1 
ATOM   250 O  OP1   . DC  A 1 13 ? -4.982  12.021  -3.141  1.00 69.10  ? 19  DC  B OP1   1 
ATOM   251 O  OP2   . DC  A 1 13 ? -6.317  10.537  -1.535  1.00 68.82  ? 19  DC  B OP2   1 
ATOM   252 O  "O5'" . DC  A 1 13 ? -4.982  9.549   -3.409  1.00 58.79  ? 19  DC  B "O5'" 1 
ATOM   253 C  "C5'" . DC  A 1 13 ? -3.752  9.334   -4.048  1.00 54.76  ? 19  DC  B "C5'" 1 
ATOM   254 C  "C4'" . DC  A 1 13 ? -3.804  8.082   -4.885  1.00 54.33  ? 19  DC  B "C4'" 1 
ATOM   255 O  "O4'" . DC  A 1 13 ? -3.474  6.936   -4.066  1.00 59.55  ? 19  DC  B "O4'" 1 
ATOM   256 C  "C3'" . DC  A 1 13 ? -5.168  7.782   -5.509  1.00 60.77  ? 19  DC  B "C3'" 1 
ATOM   257 O  "O3'" . DC  A 1 13 ? -5.005  7.535   -6.897  1.00 62.65  ? 19  DC  B "O3'" 1 
ATOM   258 C  "C2'" . DC  A 1 13 ? -5.630  6.527   -4.761  1.00 60.47  ? 19  DC  B "C2'" 1 
ATOM   259 C  "C1'" . DC  A 1 13 ? -4.303  5.873   -4.443  1.00 54.12  ? 19  DC  B "C1'" 1 
ATOM   260 N  N1    . DC  A 1 13 ? -4.354  4.899   -3.325  1.00 50.42  ? 19  DC  B N1    1 
ATOM   261 C  C2    . DC  A 1 13 ? -3.721  3.658   -3.460  1.00 52.11  ? 19  DC  B C2    1 
ATOM   262 O  O2    . DC  A 1 13 ? -3.133  3.388   -4.514  1.00 57.03  ? 19  DC  B O2    1 
ATOM   263 N  N3    . DC  A 1 13 ? -3.768  2.785   -2.433  1.00 50.99  ? 19  DC  B N3    1 
ATOM   264 C  C4    . DC  A 1 13 ? -4.406  3.109   -1.314  1.00 50.05  ? 19  DC  B C4    1 
ATOM   265 N  N4    . DC  A 1 13 ? -4.423  2.215   -0.331  1.00 54.31  ? 19  DC  B N4    1 
ATOM   266 C  C5    . DC  A 1 13 ? -5.058  4.364   -1.156  1.00 47.65  ? 19  DC  B C5    1 
ATOM   267 C  C6    . DC  A 1 13 ? -5.005  5.222   -2.178  1.00 51.04  ? 19  DC  B C6    1 
ATOM   268 P  P     . DG  A 1 14 ? -6.217  7.786   -7.930  1.00 66.62  ? 20  DG  B P     1 
ATOM   269 O  OP1   . DG  A 1 14 ? -5.902  9.017   -8.688  1.00 63.30  ? 20  DG  B OP1   1 
ATOM   270 O  OP2   . DG  A 1 14 ? -7.512  7.693   -7.214  1.00 54.59  ? 20  DG  B OP2   1 
ATOM   271 O  "O5'" . DG  A 1 14 ? -6.103  6.533   -8.907  1.00 55.09  ? 20  DG  B "O5'" 1 
ATOM   272 C  "C5'" . DG  A 1 14 ? -4.844  6.186   -9.428  1.00 56.30  ? 20  DG  B "C5'" 1 
ATOM   273 C  "C4'" . DG  A 1 14 ? -4.700  4.683   -9.536  1.00 62.39  ? 20  DG  B "C4'" 1 
ATOM   274 O  "O4'" . DG  A 1 14 ? -4.678  4.092   -8.209  1.00 63.72  ? 20  DG  B "O4'" 1 
ATOM   275 C  "C3'" . DG  A 1 14 ? -5.829  3.982   -10.297 1.00 67.04  ? 20  DG  B "C3'" 1 
ATOM   276 O  "O3'" . DG  A 1 14 ? -5.285  3.060   -11.230 1.00 73.01  ? 20  DG  B "O3'" 1 
ATOM   277 C  "C2'" . DG  A 1 14 ? -6.593  3.262   -9.195  1.00 63.41  ? 20  DG  B "C2'" 1 
ATOM   278 C  "C1'" . DG  A 1 14 ? -5.471  2.937   -8.233  1.00 62.37  ? 20  DG  B "C1'" 1 
ATOM   279 N  N9    . DG  A 1 14 ? -5.939  2.652   -6.888  1.00 60.42  ? 20  DG  B N9    1 
ATOM   280 C  C8    . DG  A 1 14 ? -6.717  3.459   -6.093  1.00 54.08  ? 20  DG  B C8    1 
ATOM   281 N  N7    . DG  A 1 14 ? -6.995  2.930   -4.934  1.00 51.16  ? 20  DG  B N7    1 
ATOM   282 C  C5    . DG  A 1 14 ? -6.361  1.696   -4.967  1.00 51.39  ? 20  DG  B C5    1 
ATOM   283 C  C6    . DG  A 1 14 ? -6.303  0.682   -3.991  1.00 50.28  ? 20  DG  B C6    1 
ATOM   284 O  O6    . DG  A 1 14 ? -6.821  0.671   -2.870  1.00 47.81  ? 20  DG  B O6    1 
ATOM   285 N  N1    . DG  A 1 14 ? -5.550  -0.407  -4.425  1.00 52.80  ? 20  DG  B N1    1 
ATOM   286 C  C2    . DG  A 1 14 ? -4.929  -0.497  -5.648  1.00 49.82  ? 20  DG  B C2    1 
ATOM   287 N  N2    . DG  A 1 14 ? -4.246  -1.620  -5.883  1.00 51.31  ? 20  DG  B N2    1 
ATOM   288 N  N3    . DG  A 1 14 ? -4.979  0.445   -6.573  1.00 50.35  ? 20  DG  B N3    1 
ATOM   289 C  C4    . DG  A 1 14 ? -5.707  1.511   -6.163  1.00 56.05  ? 20  DG  B C4    1 
ATOM   290 P  P     . DT  A 1 15 ? -6.194  2.492   -12.426 1.00 76.08  ? 21  DT  B P     1 
ATOM   291 O  OP1   . DT  A 1 15 ? -5.325  1.635   -13.261 1.00 68.02  ? 21  DT  B OP1   1 
ATOM   292 O  OP2   . DT  A 1 15 ? -6.931  3.631   -13.019 1.00 71.27  ? 21  DT  B OP2   1 
ATOM   293 O  "O5'" . DT  A 1 15 ? -7.268  1.572   -11.688 1.00 70.98  ? 21  DT  B "O5'" 1 
ATOM   294 C  "C5'" . DT  A 1 15 ? -7.479  0.255   -12.130 1.00 72.37  ? 21  DT  B "C5'" 1 
ATOM   295 C  "C4'" . DT  A 1 15 ? -6.826  -0.752  -11.200 1.00 71.50  ? 21  DT  B "C4'" 1 
ATOM   296 O  "O4'" . DT  A 1 15 ? -6.769  -0.231  -9.858  1.00 71.38  ? 21  DT  B "O4'" 1 
ATOM   297 C  "C3'" . DT  A 1 15 ? -7.589  -2.054  -11.090 1.00 68.65  ? 21  DT  B "C3'" 1 
ATOM   298 O  "O3'" . DT  A 1 15 ? -7.082  -2.959  -12.024 1.00 72.35  ? 21  DT  B "O3'" 1 
ATOM   299 C  "C2'" . DT  A 1 15 ? -7.328  -2.534  -9.660  1.00 65.39  ? 21  DT  B "C2'" 1 
ATOM   300 C  "C1'" . DT  A 1 15 ? -6.812  -1.298  -8.932  1.00 59.50  ? 21  DT  B "C1'" 1 
ATOM   301 N  N1    . DT  A 1 15 ? -7.647  -0.880  -7.758  1.00 57.85  ? 21  DT  B N1    1 
ATOM   302 C  C2    . DT  A 1 15 ? -7.743  -1.707  -6.654  1.00 57.26  ? 21  DT  B C2    1 
ATOM   303 O  O2    . DT  A 1 15 ? -7.201  -2.797  -6.577  1.00 58.35  ? 21  DT  B O2    1 
ATOM   304 N  N3    . DT  A 1 15 ? -8.508  -1.208  -5.633  1.00 51.71  ? 21  DT  B N3    1 
ATOM   305 C  C4    . DT  A 1 15 ? -9.161  0.009   -5.599  1.00 51.34  ? 21  DT  B C4    1 
ATOM   306 O  O4    . DT  A 1 15 ? -9.821  0.375   -4.632  1.00 50.18  ? 21  DT  B O4    1 
ATOM   307 C  C5    . DT  A 1 15 ? -9.015  0.821   -6.780  1.00 52.15  ? 21  DT  B C5    1 
ATOM   308 C  C7    . DT  A 1 15 ? -9.686  2.156   -6.860  1.00 52.28  ? 21  DT  B C7    1 
ATOM   309 C  C6    . DT  A 1 15 ? -8.274  0.344   -7.788  1.00 55.18  ? 21  DT  B C6    1 
ATOM   310 P  P     . DC  A 1 16 ? -8.086  -3.936  -12.787 1.00 84.18  ? 22  DC  B P     1 
ATOM   311 O  OP1   . DC  A 1 16 ? -7.322  -4.548  -13.899 1.00 91.60  ? 22  DC  B OP1   1 
ATOM   312 O  OP2   . DC  A 1 16 ? -9.314  -3.141  -13.041 1.00 67.92  ? 22  DC  B OP2   1 
ATOM   313 O  "O5'" . DC  A 1 16 ? -8.431  -5.054  -11.693 1.00 71.34  ? 22  DC  B "O5'" 1 
ATOM   314 C  "C5'" . DC  A 1 16 ? -7.387  -5.763  -11.017 1.00 61.94  ? 22  DC  B "C5'" 1 
ATOM   315 C  "C4'" . DC  A 1 16 ? -7.953  -6.488  -9.811  1.00 63.54  ? 22  DC  B "C4'" 1 
ATOM   316 O  "O4'" . DC  A 1 16 ? -8.201  -5.539  -8.766  1.00 59.52  ? 22  DC  B "O4'" 1 
ATOM   317 C  "C3'" . DC  A 1 16 ? -9.305  -7.135  -10.064 1.00 71.61  ? 22  DC  B "C3'" 1 
ATOM   318 O  "O3'" . DC  A 1 16 ? -9.140  -8.495  -10.397 1.00 77.81  ? 22  DC  B "O3'" 1 
ATOM   319 C  "C2'" . DC  A 1 16 ? -10.076 -6.972  -8.749  1.00 61.65  ? 22  DC  B "C2'" 1 
ATOM   320 C  "C1'" . DC  A 1 16 ? -9.213  -6.031  -7.923  1.00 56.33  ? 22  DC  B "C1'" 1 
ATOM   321 N  N1    . DC  A 1 16 ? -9.950  -4.876  -7.355  1.00 52.71  ? 22  DC  B N1    1 
ATOM   322 C  C2    . DC  A 1 16 ? -10.463 -4.958  -6.063  1.00 55.02  ? 22  DC  B C2    1 
ATOM   323 O  O2    . DC  A 1 16 ? -10.313 -6.006  -5.428  1.00 56.44  ? 22  DC  B O2    1 
ATOM   324 N  N3    . DC  A 1 16 ? -11.116 -3.889  -5.544  1.00 54.97  ? 22  DC  B N3    1 
ATOM   325 C  C4    . DC  A 1 16 ? -11.255 -2.777  -6.268  1.00 54.66  ? 22  DC  B C4    1 
ATOM   326 N  N4    . DC  A 1 16 ? -11.905 -1.747  -5.720  1.00 50.86  ? 22  DC  B N4    1 
ATOM   327 C  C5    . DC  A 1 16 ? -10.731 -2.674  -7.585  1.00 56.71  ? 22  DC  B C5    1 
ATOM   328 C  C6    . DC  A 1 16 ? -10.091 -3.737  -8.082  1.00 56.48  ? 22  DC  B C6    1 
ATOM   329 P  P     . DG  A 1 17 ? -10.324 -9.259  -11.163 1.00 82.38  ? 23  DG  B P     1 
ATOM   330 O  OP1   . DG  A 1 17 ? -9.699  -10.317 -11.992 1.00 87.75  ? 23  DG  B OP1   1 
ATOM   331 O  OP2   . DG  A 1 17 ? -11.188 -8.218  -11.768 1.00 64.91  ? 23  DG  B OP2   1 
ATOM   332 O  "O5'" . DG  A 1 17 ? -11.170 -9.932  -9.989  1.00 68.64  ? 23  DG  B "O5'" 1 
ATOM   333 C  "C5'" . DG  A 1 17 ? -10.521 -10.711 -9.012  1.00 63.74  ? 23  DG  B "C5'" 1 
ATOM   334 C  "C4'" . DG  A 1 17 ? -11.489 -11.062 -7.906  1.00 71.77  ? 23  DG  B "C4'" 1 
ATOM   335 O  "O4'" . DG  A 1 17 ? -11.844 -9.860  -7.171  1.00 72.68  ? 23  DG  B "O4'" 1 
ATOM   336 C  "C3'" . DG  A 1 17 ? -12.802 -11.664 -8.380  1.00 70.48  ? 23  DG  B "C3'" 1 
ATOM   337 O  "O3'" . DG  A 1 17 ? -13.214 -12.654 -7.472  1.00 77.48  ? 23  DG  B "O3'" 1 
ATOM   338 C  "C2'" . DG  A 1 17 ? -13.757 -10.471 -8.386  1.00 68.24  ? 23  DG  B "C2'" 1 
ATOM   339 C  "C1'" . DG  A 1 17 ? -13.242 -9.648  -7.218  1.00 66.58  ? 23  DG  B "C1'" 1 
ATOM   340 N  N9    . DG  A 1 17 ? -13.472 -8.215  -7.370  1.00 55.51  ? 23  DG  B N9    1 
ATOM   341 C  C8    . DG  A 1 17 ? -13.229 -7.462  -8.488  1.00 57.44  ? 23  DG  B C8    1 
ATOM   342 N  N7    . DG  A 1 17 ? -13.509 -6.195  -8.333  1.00 58.69  ? 23  DG  B N7    1 
ATOM   343 C  C5    . DG  A 1 17 ? -13.968 -6.102  -7.025  1.00 54.57  ? 23  DG  B C5    1 
ATOM   344 C  C6    . DG  A 1 17 ? -14.418 -4.970  -6.288  1.00 58.57  ? 23  DG  B C6    1 
ATOM   345 O  O6    . DG  A 1 17 ? -14.507 -3.788  -6.662  1.00 64.37  ? 23  DG  B O6    1 
ATOM   346 N  N1    . DG  A 1 17 ? -14.793 -5.314  -5.000  1.00 52.96  ? 23  DG  B N1    1 
ATOM   347 C  C2    . DG  A 1 17 ? -14.735 -6.576  -4.479  1.00 52.42  ? 23  DG  B C2    1 
ATOM   348 N  N2    . DG  A 1 17 ? -15.137 -6.705  -3.210  1.00 51.38  ? 23  DG  B N2    1 
ATOM   349 N  N3    . DG  A 1 17 ? -14.314 -7.644  -5.152  1.00 56.47  ? 23  DG  B N3    1 
ATOM   350 C  C4    . DG  A 1 17 ? -13.949 -7.332  -6.416  1.00 52.80  ? 23  DG  B C4    1 
ATOM   351 P  P     . DA  A 1 18 ? -14.432 -13.628 -7.842  1.00 83.95  ? 24  DA  B P     1 
ATOM   352 O  OP1   . DA  A 1 18 ? -14.075 -14.987 -7.365  1.00 68.09  ? 24  DA  B OP1   1 
ATOM   353 O  OP2   . DA  A 1 18 ? -14.792 -13.380 -9.256  1.00 90.38  ? 24  DA  B OP2   1 
ATOM   354 O  "O5'" . DA  A 1 18 ? -15.629 -13.087 -6.943  1.00 77.68  ? 24  DA  B "O5'" 1 
ATOM   355 C  "C5'" . DA  A 1 18 ? -15.519 -13.155 -5.545  1.00 72.34  ? 24  DA  B "C5'" 1 
ATOM   356 C  "C4'" . DA  A 1 18 ? -16.591 -12.322 -4.893  1.00 68.00  ? 24  DA  B "C4'" 1 
ATOM   357 O  "O4'" . DA  A 1 18 ? -16.401 -10.930 -5.226  1.00 69.81  ? 24  DA  B "O4'" 1 
ATOM   358 C  "C3'" . DA  A 1 18 ? -18.009 -12.670 -5.316  1.00 67.14  ? 24  DA  B "C3'" 1 
ATOM   359 O  "O3'" . DA  A 1 18 ? -18.734 -13.005 -4.170  1.00 72.90  ? 24  DA  B "O3'" 1 
ATOM   360 C  "C2'" . DA  A 1 18 ? -18.542 -11.386 -5.988  1.00 62.59  ? 24  DA  B "C2'" 1 
ATOM   361 C  "C1'" . DA  A 1 18 ? -17.658 -10.320 -5.370  1.00 63.90  ? 24  DA  B "C1'" 1 
ATOM   362 N  N9    . DA  A 1 18 ? -17.463 -9.123  -6.189  1.00 60.48  ? 24  DA  B N9    1 
ATOM   363 C  C8    . DA  A 1 18 ? -16.896 -9.058  -7.430  1.00 64.59  ? 24  DA  B C8    1 
ATOM   364 N  N7    . DA  A 1 18 ? -16.809 -7.835  -7.911  1.00 57.02  ? 24  DA  B N7    1 
ATOM   365 C  C5    . DA  A 1 18 ? -17.323 -7.047  -6.904  1.00 54.96  ? 24  DA  B C5    1 
ATOM   366 C  C6    . DA  A 1 18 ? -17.504 -5.656  -6.791  1.00 55.92  ? 24  DA  B C6    1 
ATOM   367 N  N6    . DA  A 1 18 ? -17.165 -4.793  -7.753  1.00 59.55  ? 24  DA  B N6    1 
ATOM   368 N  N1    . DA  A 1 18 ? -18.048 -5.187  -5.653  1.00 55.22  ? 24  DA  B N1    1 
ATOM   369 C  C2    . DA  A 1 18 ? -18.389 -6.061  -4.696  1.00 58.01  ? 24  DA  B C2    1 
ATOM   370 N  N3    . DA  A 1 18 ? -18.267 -7.388  -4.686  1.00 53.34  ? 24  DA  B N3    1 
ATOM   371 C  C4    . DA  A 1 18 ? -17.726 -7.821  -5.828  1.00 54.84  ? 24  DA  B C4    1 
ATOM   372 P  P     . DC  A 1 19 ? -20.161 -13.713 -4.294  1.00 83.51  ? 25  DC  B P     1 
ATOM   373 O  OP1   . DC  A 1 19 ? -20.330 -14.516 -3.063  1.00 78.02  ? 25  DC  B OP1   1 
ATOM   374 O  OP2   . DC  A 1 19 ? -20.221 -14.353 -5.631  1.00 82.94  ? 25  DC  B OP2   1 
ATOM   375 O  "O5'" . DC  A 1 19 ? -21.185 -12.487 -4.255  1.00 67.10  ? 25  DC  B "O5'" 1 
ATOM   376 C  "C5'" . DC  A 1 19 ? -21.040 -11.516 -3.243  1.00 68.79  ? 25  DC  B "C5'" 1 
ATOM   377 C  "C4'" . DC  A 1 19 ? -21.825 -10.260 -3.563  1.00 72.20  ? 25  DC  B "C4'" 1 
ATOM   378 O  "O4'" . DC  A 1 19 ? -21.091 -9.425  -4.467  1.00 69.27  ? 25  DC  B "O4'" 1 
ATOM   379 C  "C3'" . DC  A 1 19 ? -23.176 -10.482 -4.227  1.00 74.48  ? 25  DC  B "C3'" 1 
ATOM   380 O  "O3'" . DC  A 1 19 ? -24.191 -10.310 -3.261  1.00 80.15  ? 25  DC  B "O3'" 1 
ATOM   381 C  "C2'" . DC  A 1 19 ? -23.242 -9.403  -5.337  1.00 70.21  ? 25  DC  B "C2'" 1 
ATOM   382 C  "C1'" . DC  A 1 19 ? -22.011 -8.551  -5.052  1.00 63.56  ? 25  DC  B "C1'" 1 
ATOM   383 N  N1    . DC  A 1 19 ? -21.373 -7.949  -6.254  1.00 57.86  ? 25  DC  B N1    1 
ATOM   384 C  C2    . DC  A 1 19 ? -21.303 -6.558  -6.372  1.00 59.22  ? 25  DC  B C2    1 
ATOM   385 O  O2    . DC  A 1 19 ? -21.803 -5.856  -5.487  1.00 64.98  ? 25  DC  B O2    1 
ATOM   386 N  N3    . DC  A 1 19 ? -20.702 -6.017  -7.457  1.00 53.06  ? 25  DC  B N3    1 
ATOM   387 C  C4    . DC  A 1 19 ? -20.174 -6.810  -8.386  1.00 60.42  ? 25  DC  B C4    1 
ATOM   388 N  N4    . DC  A 1 19 ? -19.586 -6.234  -9.440  1.00 61.93  ? 25  DC  B N4    1 
ATOM   389 C  C5    . DC  A 1 19 ? -20.221 -8.234  -8.277  1.00 59.41  ? 25  DC  B C5    1 
ATOM   390 C  C6    . DC  A 1 19 ? -20.821 -8.753  -7.201  1.00 58.83  ? 25  DC  B C6    1 
ATOM   391 P  P     . DT  A 1 20 ? -25.733 -10.456 -3.665  1.00 95.35  ? 26  DT  B P     1 
ATOM   392 O  OP1   . DT  A 1 20 ? -26.444 -10.932 -2.453  1.00 89.22  ? 26  DT  B OP1   1 
ATOM   393 O  OP2   . DT  A 1 20 ? -25.813 -11.212 -4.942  1.00 79.07  ? 26  DT  B OP2   1 
ATOM   394 O  "O5'" . DT  A 1 20 ? -26.174 -8.952  -3.944  1.00 76.43  ? 26  DT  B "O5'" 1 
ATOM   395 C  "C5'" . DT  A 1 20 ? -25.952 -7.984  -2.956  1.00 72.27  ? 26  DT  B "C5'" 1 
ATOM   396 C  "C4'" . DT  A 1 20 ? -26.356 -6.611  -3.448  1.00 79.87  ? 26  DT  B "C4'" 1 
ATOM   397 O  "O4'" . DT  A 1 20 ? -25.444 -6.163  -4.482  1.00 82.20  ? 26  DT  B "O4'" 1 
ATOM   398 C  "C3'" . DT  A 1 20 ? -27.749 -6.521  -4.059  1.00 86.26  ? 26  DT  B "C3'" 1 
ATOM   399 O  "O3'" . DT  A 1 20 ? -28.333 -5.314  -3.644  1.00 92.64  ? 26  DT  B "O3'" 1 
ATOM   400 C  "C2'" . DT  A 1 20 ? -27.462 -6.510  -5.564  1.00 83.38  ? 26  DT  B "C2'" 1 
ATOM   401 C  "C1'" . DT  A 1 20 ? -26.190 -5.690  -5.583  1.00 83.05  ? 26  DT  B "C1'" 1 
ATOM   402 N  N1    . DT  A 1 20 ? -25.346 -5.836  -6.815  1.00 71.44  ? 26  DT  B N1    1 
ATOM   403 C  C2    . DT  A 1 20 ? -24.847 -4.701  -7.414  1.00 68.34  ? 26  DT  B C2    1 
ATOM   404 O  O2    . DT  A 1 20 ? -25.089 -3.577  -7.012  1.00 75.80  ? 26  DT  B O2    1 
ATOM   405 N  N3    . DT  A 1 20 ? -24.060 -4.927  -8.512  1.00 62.23  ? 26  DT  B N3    1 
ATOM   406 C  C4    . DT  A 1 20 ? -23.717 -6.151  -9.054  1.00 64.88  ? 26  DT  B C4    1 
ATOM   407 O  O4    . DT  A 1 20 ? -23.000 -6.254  -10.044 1.00 62.22  ? 26  DT  B O4    1 
ATOM   408 C  C5    . DT  A 1 20 ? -24.263 -7.305  -8.372  1.00 61.59  ? 26  DT  B C5    1 
ATOM   409 C  C7    . DT  A 1 20 ? -23.955 -8.684  -8.871  1.00 53.40  ? 26  DT  B C7    1 
ATOM   410 C  C6    . DT  A 1 20 ? -25.038 -7.096  -7.292  1.00 65.32  ? 26  DT  B C6    1 
ATOM   411 P  P     . DC  A 1 21 ? -29.924 -5.178  -3.536  1.00 97.85  ? 27  DC  B P     1 
ATOM   412 O  OP1   . DC  A 1 21 ? -30.232 -4.758  -2.145  1.00 82.28  ? 27  DC  B OP1   1 
ATOM   413 O  OP2   . DC  A 1 21 ? -30.505 -6.423  -4.095  1.00 88.70  ? 27  DC  B OP2   1 
ATOM   414 O  "O5'" . DC  A 1 21 ? -30.253 -3.983  -4.547  1.00 93.17  ? 27  DC  B "O5'" 1 
ATOM   415 C  "C5'" . DC  A 1 21 ? -29.469 -2.797  -4.516  1.00 87.76  ? 27  DC  B "C5'" 1 
ATOM   416 C  "C4'" . DC  A 1 21 ? -29.594 -2.038  -5.823  1.00 89.79  ? 27  DC  B "C4'" 1 
ATOM   417 O  "O4'" . DC  A 1 21 ? -28.629 -2.550  -6.782  1.00 90.99  ? 27  DC  B "O4'" 1 
ATOM   418 C  "C3'" . DC  A 1 21 ? -30.964 -2.144  -6.499  1.00 88.41  ? 27  DC  B "C3'" 1 
ATOM   419 O  "O3'" . DC  A 1 21 ? -31.369 -0.867  -6.961  1.00 89.25  ? 27  DC  B "O3'" 1 
ATOM   420 C  "C2'" . DC  A 1 21 ? -30.706 -3.104  -7.661  1.00 84.51  ? 27  DC  B "C2'" 1 
ATOM   421 C  "C1'" . DC  A 1 21 ? -29.276 -2.745  -8.016  1.00 84.54  ? 27  DC  B "C1'" 1 
ATOM   422 N  N1    . DC  A 1 21 ? -28.557 -3.809  -8.772  1.00 81.70  ? 27  DC  B N1    1 
ATOM   423 C  C2    . DC  A 1 21 ? -27.573 -3.448  -9.700  1.00 75.38  ? 27  DC  B C2    1 
ATOM   424 O  O2    . DC  A 1 21 ? -27.322 -2.246  -9.868  1.00 72.58  ? 27  DC  B O2    1 
ATOM   425 N  N3    . DC  A 1 21 ? -26.924 -4.426  -10.390 1.00 65.95  ? 27  DC  B N3    1 
ATOM   426 C  C4    . DC  A 1 21 ? -27.234 -5.710  -10.173 1.00 71.84  ? 27  DC  B C4    1 
ATOM   427 N  N4    . DC  A 1 21 ? -26.572 -6.643  -10.869 1.00 65.21  ? 27  DC  B N4    1 
ATOM   428 C  C5    . DC  A 1 21 ? -28.238 -6.095  -9.232  1.00 72.31  ? 27  DC  B C5    1 
ATOM   429 C  C6    . DC  A 1 21 ? -28.868 -5.123  -8.560  1.00 78.95  ? 27  DC  B C6    1 
ATOM   430 O  "O5'" . DT  B 2 1  ? -25.478 -12.524 -19.232 1.00 97.30  ? 28  DT  C "O5'" 1 
ATOM   431 C  "C5'" . DT  B 2 1  ? -25.642 -12.467 -20.642 1.00 93.45  ? 28  DT  C "C5'" 1 
ATOM   432 C  "C4'" . DT  B 2 1  ? -25.932 -11.048 -21.088 1.00 91.34  ? 28  DT  C "C4'" 1 
ATOM   433 O  "O4'" . DT  B 2 1  ? -27.176 -10.612 -20.518 1.00 86.23  ? 28  DT  C "O4'" 1 
ATOM   434 C  "C3'" . DT  B 2 1  ? -24.923 -10.018 -20.618 1.00 92.17  ? 28  DT  C "C3'" 1 
ATOM   435 O  "O3'" . DT  B 2 1  ? -23.871 -9.911  -21.556 1.00 96.50  ? 28  DT  C "O3'" 1 
ATOM   436 C  "C2'" . DT  B 2 1  ? -25.738 -8.722  -20.546 1.00 87.30  ? 28  DT  C "C2'" 1 
ATOM   437 C  "C1'" . DT  B 2 1  ? -27.192 -9.205  -20.511 1.00 83.84  ? 28  DT  C "C1'" 1 
ATOM   438 N  N1    . DT  B 2 1  ? -27.974 -8.736  -19.328 1.00 80.12  ? 28  DT  C N1    1 
ATOM   439 C  C2    . DT  B 2 1  ? -28.315 -7.407  -19.239 1.00 81.69  ? 28  DT  C C2    1 
ATOM   440 O  O2    . DT  B 2 1  ? -27.985 -6.578  -20.070 1.00 85.16  ? 28  DT  C O2    1 
ATOM   441 N  N3    . DT  B 2 1  ? -29.055 -7.078  -18.133 1.00 74.45  ? 28  DT  C N3    1 
ATOM   442 C  C4    . DT  B 2 1  ? -29.482 -7.930  -17.132 1.00 74.34  ? 28  DT  C C4    1 
ATOM   443 O  O4    . DT  B 2 1  ? -30.141 -7.538  -16.177 1.00 75.78  ? 28  DT  C O4    1 
ATOM   444 C  C5    . DT  B 2 1  ? -29.096 -9.312  -17.288 1.00 73.16  ? 28  DT  C C5    1 
ATOM   445 C  C7    . DT  B 2 1  ? -29.501 -10.326 -16.261 1.00 69.44  ? 28  DT  C C7    1 
ATOM   446 C  C6    . DT  B 2 1  ? -28.368 -9.647  -18.366 1.00 76.71  ? 28  DT  C C6    1 
ATOM   447 P  P     . DC  B 2 2  ? -22.428 -9.389  -21.083 1.00 114.42 ? 29  DC  C P     1 
ATOM   448 O  OP1   . DC  B 2 2  ? -21.509 -9.519  -22.238 1.00 111.43 ? 29  DC  C OP1   1 
ATOM   449 O  OP2   . DC  B 2 2  ? -22.110 -10.064 -19.803 1.00 110.37 ? 29  DC  C OP2   1 
ATOM   450 O  "O5'" . DC  B 2 2  ? -22.663 -7.834  -20.791 1.00 96.90  ? 29  DC  C "O5'" 1 
ATOM   451 C  "C5'" . DC  B 2 2  ? -22.975 -6.965  -21.865 1.00 98.23  ? 29  DC  C "C5'" 1 
ATOM   452 C  "C4'" . DC  B 2 2  ? -23.337 -5.583  -21.361 1.00 98.62  ? 29  DC  C "C4'" 1 
ATOM   453 O  "O4'" . DC  B 2 2  ? -24.494 -5.664  -20.484 1.00 96.15  ? 29  DC  C "O4'" 1 
ATOM   454 C  "C3'" . DC  B 2 2  ? -22.241 -4.873  -20.563 1.00 99.50  ? 29  DC  C "C3'" 1 
ATOM   455 O  "O3'" . DC  B 2 2  ? -22.140 -3.521  -21.001 1.00 105.74 ? 29  DC  C "O3'" 1 
ATOM   456 C  "C2'" . DC  B 2 2  ? -22.747 -4.970  -19.124 1.00 99.33  ? 29  DC  C "C2'" 1 
ATOM   457 C  "C1'" . DC  B 2 2  ? -24.249 -4.901  -19.328 1.00 92.26  ? 29  DC  C "C1'" 1 
ATOM   458 N  N1    . DC  B 2 2  ? -25.036 -5.486  -18.198 1.00 83.48  ? 29  DC  C N1    1 
ATOM   459 C  C2    . DC  B 2 2  ? -25.849 -4.656  -17.409 1.00 77.58  ? 29  DC  C C2    1 
ATOM   460 O  O2    . DC  B 2 2  ? -25.904 -3.443  -17.661 1.00 77.47  ? 29  DC  C O2    1 
ATOM   461 N  N3    . DC  B 2 2  ? -26.554 -5.208  -16.389 1.00 70.38  ? 29  DC  C N3    1 
ATOM   462 C  C4    . DC  B 2 2  ? -26.468 -6.521  -16.153 1.00 73.21  ? 29  DC  C C4    1 
ATOM   463 N  N4    . DC  B 2 2  ? -27.180 -7.022  -15.143 1.00 70.22  ? 29  DC  C N4    1 
ATOM   464 C  C5    . DC  B 2 2  ? -25.649 -7.378  -16.945 1.00 78.28  ? 29  DC  C C5    1 
ATOM   465 C  C6    . DC  B 2 2  ? -24.954 -6.822  -17.942 1.00 83.86  ? 29  DC  C C6    1 
ATOM   466 P  P     . DG  B 2 3  ? -20.929 -2.576  -20.526 1.00 120.71 ? 30  DG  C P     1 
ATOM   467 O  OP1   . DG  B 2 3  ? -20.106 -2.270  -21.718 1.00 119.30 ? 30  DG  C OP1   1 
ATOM   468 O  OP2   . DG  B 2 3  ? -20.282 -3.167  -19.330 1.00 105.62 ? 30  DG  C OP2   1 
ATOM   469 O  "O5'" . DG  B 2 3  ? -21.674 -1.241  -20.065 1.00 103.31 ? 30  DG  C "O5'" 1 
ATOM   470 C  "C5'" . DG  B 2 3  ? -22.931 -1.335  -19.412 1.00 100.74 ? 30  DG  C "C5'" 1 
ATOM   471 C  "C4'" . DG  B 2 3  ? -23.062 -0.270  -18.341 1.00 103.77 ? 30  DG  C "C4'" 1 
ATOM   472 O  "O4'" . DG  B 2 3  ? -23.846 -0.793  -17.236 1.00 93.50  ? 30  DG  C "O4'" 1 
ATOM   473 C  "C3'" . DG  B 2 3  ? -21.748 0.167   -17.717 1.00 99.71  ? 30  DG  C "C3'" 1 
ATOM   474 O  "O3'" . DG  B 2 3  ? -21.892 1.471   -17.176 1.00 100.40 ? 30  DG  C "O3'" 1 
ATOM   475 C  "C2'" . DG  B 2 3  ? -21.572 -0.874  -16.622 1.00 92.15  ? 30  DG  C "C2'" 1 
ATOM   476 C  "C1'" . DG  B 2 3  ? -23.006 -1.005  -16.116 1.00 85.65  ? 30  DG  C "C1'" 1 
ATOM   477 N  N9    . DG  B 2 3  ? -23.312 -2.313  -15.533 1.00 76.35  ? 30  DG  C N9    1 
ATOM   478 C  C8    . DG  B 2 3  ? -22.813 -3.537  -15.915 1.00 75.70  ? 30  DG  C C8    1 
ATOM   479 N  N7    . DG  B 2 3  ? -23.267 -4.532  -15.199 1.00 66.78  ? 30  DG  C N7    1 
ATOM   480 C  C5    . DG  B 2 3  ? -24.121 -3.927  -14.286 1.00 65.68  ? 30  DG  C C5    1 
ATOM   481 C  C6    . DG  B 2 3  ? -24.905 -4.499  -13.257 1.00 66.45  ? 30  DG  C C6    1 
ATOM   482 O  O6    . DG  B 2 3  ? -24.998 -5.696  -12.940 1.00 66.63  ? 30  DG  C O6    1 
ATOM   483 N  N1    . DG  B 2 3  ? -25.629 -3.527  -12.558 1.00 62.75  ? 30  DG  C N1    1 
ATOM   484 C  C2    . DG  B 2 3  ? -25.594 -2.173  -12.829 1.00 67.83  ? 30  DG  C C2    1 
ATOM   485 N  N2    . DG  B 2 3  ? -26.357 -1.384  -12.054 1.00 70.02  ? 30  DG  C N2    1 
ATOM   486 N  N3    . DG  B 2 3  ? -24.865 -1.630  -13.794 1.00 68.42  ? 30  DG  C N3    1 
ATOM   487 C  C4    . DG  B 2 3  ? -24.157 -2.563  -14.478 1.00 70.61  ? 30  DG  C C4    1 
ATOM   488 P  P     . DA  B 2 4  ? -20.607 2.408   -16.946 1.00 112.44 ? 31  DA  C P     1 
ATOM   489 O  OP1   . DA  B 2 4  ? -20.722 3.565   -17.862 1.00 111.90 ? 31  DA  C OP1   1 
ATOM   490 O  OP2   . DA  B 2 4  ? -19.393 1.555   -16.958 1.00 101.53 ? 31  DA  C OP2   1 
ATOM   491 O  "O5'" . DA  B 2 4  ? -20.827 2.965   -15.471 1.00 101.31 ? 31  DA  C "O5'" 1 
ATOM   492 C  "C5'" . DA  B 2 4  ? -22.054 3.589   -15.149 1.00 98.05  ? 31  DA  C "C5'" 1 
ATOM   493 C  "C4'" . DA  B 2 4  ? -22.382 3.398   -13.683 1.00 93.72  ? 31  DA  C "C4'" 1 
ATOM   494 O  "O4'" . DA  B 2 4  ? -22.701 2.010   -13.428 1.00 90.03  ? 31  DA  C "O4'" 1 
ATOM   495 C  "C3'" . DA  B 2 4  ? -21.258 3.769   -12.716 1.00 84.87  ? 31  DA  C "C3'" 1 
ATOM   496 O  "O3'" . DA  B 2 4  ? -21.770 4.648   -11.736 1.00 90.71  ? 31  DA  C "O3'" 1 
ATOM   497 C  "C2'" . DA  B 2 4  ? -20.828 2.426   -12.114 1.00 78.10  ? 31  DA  C "C2'" 1 
ATOM   498 C  "C1'" . DA  B 2 4  ? -22.102 1.608   -12.223 1.00 79.40  ? 31  DA  C "C1'" 1 
ATOM   499 N  N9    . DA  B 2 4  ? -21.878 0.170   -12.299 1.00 68.88  ? 31  DA  C N9    1 
ATOM   500 C  C8    . DA  B 2 4  ? -21.126 -0.494  -13.225 1.00 71.77  ? 31  DA  C C8    1 
ATOM   501 N  N7    . DA  B 2 4  ? -21.115 -1.797  -13.062 1.00 65.64  ? 31  DA  C N7    1 
ATOM   502 C  C5    . DA  B 2 4  ? -21.922 -2.000  -11.958 1.00 59.40  ? 31  DA  C C5    1 
ATOM   503 C  C6    . DA  B 2 4  ? -22.312 -3.165  -11.280 1.00 58.72  ? 31  DA  C C6    1 
ATOM   504 N  N6    . DA  B 2 4  ? -21.920 -4.389  -11.640 1.00 59.31  ? 31  DA  C N6    1 
ATOM   505 N  N1    . DA  B 2 4  ? -23.128 -3.024  -10.211 1.00 57.88  ? 31  DA  C N1    1 
ATOM   506 C  C2    . DA  B 2 4  ? -23.518 -1.793  -9.860  1.00 60.80  ? 31  DA  C C2    1 
ATOM   507 N  N3    . DA  B 2 4  ? -23.216 -0.622  -10.424 1.00 60.96  ? 31  DA  C N3    1 
ATOM   508 C  C4    . DA  B 2 4  ? -22.405 -0.799  -11.480 1.00 63.24  ? 31  DA  C C4    1 
ATOM   509 P  P     . DG  B 2 5  ? -20.787 5.402   -10.717 1.00 101.44 ? 32  DG  C P     1 
ATOM   510 O  OP1   . DG  B 2 5  ? -21.208 6.820   -10.643 1.00 95.88  ? 32  DG  C OP1   1 
ATOM   511 O  OP2   . DG  B 2 5  ? -19.392 5.053   -11.075 1.00 94.60  ? 32  DG  C OP2   1 
ATOM   512 O  "O5'" . DG  B 2 5  ? -21.136 4.720   -9.323  1.00 87.80  ? 32  DG  C "O5'" 1 
ATOM   513 C  "C5'" . DG  B 2 5  ? -22.472 4.340   -9.054  1.00 88.63  ? 32  DG  C "C5'" 1 
ATOM   514 C  "C4'" . DG  B 2 5  ? -22.549 3.570   -7.756  1.00 85.15  ? 32  DG  C "C4'" 1 
ATOM   515 O  "O4'" . DG  B 2 5  ? -22.468 2.147   -8.026  1.00 78.66  ? 32  DG  C "O4'" 1 
ATOM   516 C  "C3'" . DG  B 2 5  ? -21.431 3.884   -6.770  1.00 82.94  ? 32  DG  C "C3'" 1 
ATOM   517 O  "O3'" . DG  B 2 5  ? -21.969 3.975   -5.469  1.00 88.06  ? 32  DG  C "O3'" 1 
ATOM   518 C  "C2'" . DG  B 2 5  ? -20.489 2.690   -6.918  1.00 74.72  ? 32  DG  C "C2'" 1 
ATOM   519 C  "C1'" . DG  B 2 5  ? -21.458 1.568   -7.241  1.00 68.15  ? 32  DG  C "C1'" 1 
ATOM   520 N  N9    . DG  B 2 5  ? -20.856 0.486   -8.011  1.00 60.71  ? 32  DG  C N9    1 
ATOM   521 C  C8    . DG  B 2 5  ? -20.132 0.601   -9.171  1.00 64.14  ? 32  DG  C C8    1 
ATOM   522 N  N7    . DG  B 2 5  ? -19.718 -0.543  -9.641  1.00 60.87  ? 32  DG  C N7    1 
ATOM   523 C  C5    . DG  B 2 5  ? -20.205 -1.476  -8.735  1.00 54.05  ? 32  DG  C C5    1 
ATOM   524 C  C6    . DG  B 2 5  ? -20.073 -2.884  -8.722  1.00 58.22  ? 32  DG  C C6    1 
ATOM   525 O  O6    . DG  B 2 5  ? -19.477 -3.605  -9.537  1.00 58.65  ? 32  DG  C O6    1 
ATOM   526 N  N1    . DG  B 2 5  ? -20.718 -3.450  -7.624  1.00 55.88  ? 32  DG  C N1    1 
ATOM   527 C  C2    . DG  B 2 5  ? -21.399 -2.741  -6.662  1.00 58.20  ? 32  DG  C C2    1 
ATOM   528 N  N2    . DG  B 2 5  ? -21.957 -3.456  -5.676  1.00 62.77  ? 32  DG  C N2    1 
ATOM   529 N  N3    . DG  B 2 5  ? -21.528 -1.422  -6.663  1.00 57.69  ? 32  DG  C N3    1 
ATOM   530 C  C4    . DG  B 2 5  ? -20.907 -0.859  -7.728  1.00 55.15  ? 32  DG  C C4    1 
ATOM   531 P  P     . DT  B 2 6  ? -21.085 4.533   -4.248  1.00 96.78  ? 33  DT  C P     1 
ATOM   532 O  OP1   . DT  B 2 6  ? -21.772 5.741   -3.738  1.00 86.91  ? 33  DT  C OP1   1 
ATOM   533 O  OP2   . DT  B 2 6  ? -19.658 4.621   -4.656  1.00 79.72  ? 33  DT  C OP2   1 
ATOM   534 O  "O5'" . DT  B 2 6  ? -21.243 3.373   -3.160  1.00 86.50  ? 33  DT  C "O5'" 1 
ATOM   535 C  "C5'" . DT  B 2 6  ? -21.617 2.076   -3.587  1.00 69.49  ? 33  DT  C "C5'" 1 
ATOM   536 C  "C4'" . DT  B 2 6  ? -21.620 1.097   -2.433  1.00 67.89  ? 33  DT  C "C4'" 1 
ATOM   537 O  "O4'" . DT  B 2 6  ? -21.307 -0.223  -2.946  1.00 68.49  ? 33  DT  C "O4'" 1 
ATOM   538 C  "C3'" . DT  B 2 6  ? -20.587 1.369   -1.344  1.00 60.94  ? 33  DT  C "C3'" 1 
ATOM   539 O  "O3'" . DT  B 2 6  ? -21.060 0.875   -0.077  1.00 61.31  ? 33  DT  C "O3'" 1 
ATOM   540 C  "C2'" . DT  B 2 6  ? -19.369 0.599   -1.846  1.00 57.40  ? 33  DT  C "C2'" 1 
ATOM   541 C  "C1'" . DT  B 2 6  ? -19.999 -0.594  -2.568  1.00 56.22  ? 33  DT  C "C1'" 1 
ATOM   542 N  N1    . DT  B 2 6  ? -19.255 -1.010  -3.787  1.00 50.78  ? 33  DT  C N1    1 
ATOM   543 C  C2    . DT  B 2 6  ? -19.048 -2.347  -4.005  1.00 54.03  ? 33  DT  C C2    1 
ATOM   544 O  O2    . DT  B 2 6  ? -19.457 -3.210  -3.252  1.00 57.92  ? 33  DT  C O2    1 
ATOM   545 N  N3    . DT  B 2 6  ? -18.346 -2.644  -5.140  1.00 49.77  ? 33  DT  C N3    1 
ATOM   546 C  C4    . DT  B 2 6  ? -17.837 -1.753  -6.061  1.00 54.24  ? 33  DT  C C4    1 
ATOM   547 O  O4    . DT  B 2 6  ? -17.215 -2.116  -7.056  1.00 56.54  ? 33  DT  C O4    1 
ATOM   548 C  C5    . DT  B 2 6  ? -18.082 -0.360  -5.770  1.00 50.34  ? 33  DT  C C5    1 
ATOM   549 C  C7    . DT  B 2 6  ? -17.575 0.692   -6.704  1.00 45.23  ? 33  DT  C C7    1 
ATOM   550 C  C6    . DT  B 2 6  ? -18.772 -0.056  -4.657  1.00 51.22  ? 33  DT  C C6    1 
ATOM   551 P  P     . DC  B 2 7  ? -20.157 0.981   1.255   1.00 65.29  ? 34  DC  C P     1 
ATOM   552 O  OP1   . DC  B 2 7  ? -21.072 1.125   2.409   1.00 55.65  ? 34  DC  C OP1   1 
ATOM   553 O  OP2   . DC  B 2 7  ? -19.069 1.965   1.058   1.00 62.59  ? 34  DC  C OP2   1 
ATOM   554 O  "O5'" . DC  B 2 7  ? -19.484 -0.457  1.356   1.00 54.15  ? 34  DC  C "O5'" 1 
ATOM   555 C  "C5'" . DC  B 2 7  ? -20.301 -1.594  1.385   1.00 45.91  ? 34  DC  C "C5'" 1 
ATOM   556 C  "C4'" . DC  B 2 7  ? -19.466 -2.849  1.509   1.00 51.08  ? 34  DC  C "C4'" 1 
ATOM   557 O  "O4'" . DC  B 2 7  ? -18.833 -3.143  0.245   1.00 51.97  ? 34  DC  C "O4'" 1 
ATOM   558 C  "C3'" . DC  B 2 7  ? -18.353 -2.801  2.551   1.00 49.85  ? 34  DC  C "C3'" 1 
ATOM   559 O  "O3'" . DC  B 2 7  ? -18.455 -3.959  3.363   1.00 53.34  ? 34  DC  C "O3'" 1 
ATOM   560 C  "C2'" . DC  B 2 7  ? -17.057 -2.786  1.710   1.00 48.48  ? 34  DC  C "C2'" 1 
ATOM   561 C  "C1'" . DC  B 2 7  ? -17.492 -3.513  0.450   1.00 45.95  ? 34  DC  C "C1'" 1 
ATOM   562 N  N1    . DC  B 2 7  ? -16.744 -3.149  -0.809  1.00 47.46  ? 34  DC  C N1    1 
ATOM   563 C  C2    . DC  B 2 7  ? -16.195 -4.164  -1.603  1.00 49.57  ? 34  DC  C C2    1 
ATOM   564 O  O2    . DC  B 2 7  ? -16.274 -5.337  -1.222  1.00 56.19  ? 34  DC  C O2    1 
ATOM   565 N  N3    . DC  B 2 7  ? -15.564 -3.833  -2.755  1.00 50.03  ? 34  DC  C N3    1 
ATOM   566 C  C4    . DC  B 2 7  ? -15.488 -2.561  -3.134  1.00 50.41  ? 34  DC  C C4    1 
ATOM   567 N  N4    . DC  B 2 7  ? -14.853 -2.290  -4.279  1.00 49.74  ? 34  DC  C N4    1 
ATOM   568 C  C5    . DC  B 2 7  ? -16.060 -1.511  -2.356  1.00 45.62  ? 34  DC  C C5    1 
ATOM   569 C  C6    . DC  B 2 7  ? -16.681 -1.848  -1.216  1.00 48.05  ? 34  DC  C C6    1 
ATOM   570 P  P     . DG  B 2 8  ? -17.544 -4.138  4.668   1.00 54.82  ? 35  DG  C P     1 
ATOM   571 O  OP1   . DG  B 2 8  ? -18.120 -5.218  5.494   1.00 56.61  ? 35  DG  C OP1   1 
ATOM   572 O  OP2   . DG  B 2 8  ? -17.269 -2.793  5.228   1.00 56.80  ? 35  DG  C OP2   1 
ATOM   573 O  "O5'" . DG  B 2 8  ? -16.209 -4.737  4.095   1.00 48.21  ? 35  DG  C "O5'" 1 
ATOM   574 C  "C5'" . DG  B 2 8  ? -16.231 -5.986  3.489   1.00 51.10  ? 35  DG  C "C5'" 1 
ATOM   575 C  "C4'" . DG  B 2 8  ? -14.829 -6.379  3.135   1.00 50.21  ? 35  DG  C "C4'" 1 
ATOM   576 O  "O4'" . DG  B 2 8  ? -14.625 -6.215  1.728   1.00 57.67  ? 35  DG  C "O4'" 1 
ATOM   577 C  "C3'" . DG  B 2 8  ? -13.783 -5.481  3.729   1.00 58.36  ? 35  DG  C "C3'" 1 
ATOM   578 O  "O3'" . DG  B 2 8  ? -13.575 -5.818  5.068   1.00 70.18  ? 35  DG  C "O3'" 1 
ATOM   579 C  "C2'" . DG  B 2 8  ? -12.590 -5.827  2.868   1.00 52.53  ? 35  DG  C "C2'" 1 
ATOM   580 C  "C1'" . DG  B 2 8  ? -13.251 -5.964  1.499   1.00 54.77  ? 35  DG  C "C1'" 1 
ATOM   581 N  N9    . DG  B 2 8  ? -13.133 -4.770  0.674   1.00 48.91  ? 35  DG  C N9    1 
ATOM   582 C  C8    . DG  B 2 8  ? -13.506 -3.494  0.993   1.00 47.00  ? 35  DG  C C8    1 
ATOM   583 N  N7    . DG  B 2 8  ? -13.280 -2.639  0.034   1.00 44.73  ? 35  DG  C N7    1 
ATOM   584 C  C5    . DG  B 2 8  ? -12.736 -3.405  -0.978  1.00 42.36  ? 35  DG  C C5    1 
ATOM   585 C  C6    . DG  B 2 8  ? -12.305 -3.040  -2.266  1.00 44.28  ? 35  DG  C C6    1 
ATOM   586 O  O6    . DG  B 2 8  ? -12.308 -1.915  -2.776  1.00 52.40  ? 35  DG  C O6    1 
ATOM   587 N  N1    . DG  B 2 8  ? -11.824 -4.124  -2.977  1.00 50.02  ? 35  DG  C N1    1 
ATOM   588 C  C2    . DG  B 2 8  ? -11.773 -5.415  -2.506  1.00 54.30  ? 35  DG  C C2    1 
ATOM   589 N  N2    . DG  B 2 8  ? -11.273 -6.336  -3.341  1.00 58.42  ? 35  DG  C N2    1 
ATOM   590 N  N3    . DG  B 2 8  ? -12.179 -5.774  -1.301  1.00 51.43  ? 35  DG  C N3    1 
ATOM   591 C  C4    . DG  B 2 8  ? -12.643 -4.725  -0.600  1.00 48.05  ? 35  DG  C C4    1 
ATOM   592 P  P     . DC  C 3 1  ? 13.219  9.540   -2.195  1.00 48.34  ? 36  DC  D P     1 
ATOM   593 O  OP1   . DC  C 3 1  ? 13.433  10.974  -2.487  1.00 51.44  ? 36  DC  D OP1   1 
ATOM   594 O  OP2   . DC  C 3 1  ? 14.226  8.710   -1.502  1.00 62.64  ? 36  DC  D OP2   1 
ATOM   595 O  "O5'" . DC  C 3 1  ? 11.845  9.378   -1.392  1.00 51.58  ? 36  DC  D "O5'" 1 
ATOM   596 C  "C5'" . DC  C 3 1  ? 10.939  10.483  -1.288  1.00 53.77  ? 36  DC  D "C5'" 1 
ATOM   597 C  "C4'" . DC  C 3 1  ? 9.859   10.193  -0.261  1.00 52.79  ? 36  DC  D "C4'" 1 
ATOM   598 O  "O4'" . DC  C 3 1  ? 9.246   8.925   -0.558  1.00 53.48  ? 36  DC  D "O4'" 1 
ATOM   599 C  "C3'" . DC  C 3 1  ? 10.370  10.055  1.155   1.00 56.53  ? 36  DC  D "C3'" 1 
ATOM   600 O  "O3'" . DC  C 3 1  ? 10.363  11.313  1.778   1.00 59.17  ? 36  DC  D "O3'" 1 
ATOM   601 C  "C2'" . DC  C 3 1  ? 9.364   9.106   1.809   1.00 54.93  ? 36  DC  D "C2'" 1 
ATOM   602 C  "C1'" . DC  C 3 1  ? 8.806   8.309   0.631   1.00 47.41  ? 36  DC  D "C1'" 1 
ATOM   603 N  N1    . DC  C 3 1  ? 9.232   6.898   0.584   1.00 47.04  ? 36  DC  D N1    1 
ATOM   604 C  C2    . DC  C 3 1  ? 8.718   5.983   1.502   1.00 55.93  ? 36  DC  D C2    1 
ATOM   605 O  O2    . DC  C 3 1  ? 7.934   6.376   2.373   1.00 60.30  ? 36  DC  D O2    1 
ATOM   606 N  N3    . DC  C 3 1  ? 9.104   4.686   1.420   1.00 57.35  ? 36  DC  D N3    1 
ATOM   607 C  C4    . DC  C 3 1  ? 9.954   4.304   0.468   1.00 51.90  ? 36  DC  D C4    1 
ATOM   608 N  N4    . DC  C 3 1  ? 10.310  3.016   0.428   1.00 55.75  ? 36  DC  D N4    1 
ATOM   609 C  C5    . DC  C 3 1  ? 10.477  5.219   -0.482  1.00 47.54  ? 36  DC  D C5    1 
ATOM   610 C  C6    . DC  C 3 1  ? 10.088  6.493   -0.388  1.00 50.69  ? 36  DC  D C6    1 
ATOM   611 P  P     . DT  C 3 2  ? 11.402  11.615  2.958   1.00 66.79  ? 37  DT  D P     1 
ATOM   612 O  OP1   . DT  C 3 2  ? 11.285  13.065  3.256   1.00 50.86  ? 37  DT  D OP1   1 
ATOM   613 O  OP2   . DT  C 3 2  ? 12.694  10.985  2.602   1.00 58.80  ? 37  DT  D OP2   1 
ATOM   614 O  "O5'" . DT  C 3 2  ? 10.823  10.790  4.187   1.00 57.29  ? 37  DT  D "O5'" 1 
ATOM   615 C  "C5'" . DT  C 3 2  ? 9.732   11.299  4.913   1.00 59.81  ? 37  DT  D "C5'" 1 
ATOM   616 C  "C4'" . DT  C 3 2  ? 9.344   10.329  5.995   1.00 59.65  ? 37  DT  D "C4'" 1 
ATOM   617 O  "O4'" . DT  C 3 2  ? 9.331   8.994   5.435   1.00 59.68  ? 37  DT  D "O4'" 1 
ATOM   618 C  "C3'" . DT  C 3 2  ? 10.308  10.269  7.177   1.00 67.81  ? 37  DT  D "C3'" 1 
ATOM   619 O  "O3'" . DT  C 3 2  ? 9.581   10.007  8.367   1.00 79.37  ? 37  DT  D "O3'" 1 
ATOM   620 C  "C2'" . DT  C 3 2  ? 11.210  9.100   6.807   1.00 64.64  ? 37  DT  D "C2'" 1 
ATOM   621 C  "C1'" . DT  C 3 2  ? 10.220  8.166   6.147   1.00 59.08  ? 37  DT  D "C1'" 1 
ATOM   622 N  N1    . DT  C 3 2  ? 10.848  7.238   5.199   1.00 57.17  ? 37  DT  D N1    1 
ATOM   623 C  C2    . DT  C 3 2  ? 10.746  5.890   5.419   1.00 58.65  ? 37  DT  D C2    1 
ATOM   624 O  O2    . DT  C 3 2  ? 10.158  5.415   6.368   1.00 67.06  ? 37  DT  D O2    1 
ATOM   625 N  N3    . DT  C 3 2  ? 11.358  5.110   4.484   1.00 58.00  ? 37  DT  D N3    1 
ATOM   626 C  C4    . DT  C 3 2  ? 12.048  5.538   3.371   1.00 54.74  ? 37  DT  D C4    1 
ATOM   627 O  O4    . DT  C 3 2  ? 12.564  4.758   2.582   1.00 56.96  ? 37  DT  D O4    1 
ATOM   628 C  C5    . DT  C 3 2  ? 12.118  6.967   3.197   1.00 53.09  ? 37  DT  D C5    1 
ATOM   629 C  C7    . DT  C 3 2  ? 12.841  7.544   2.024   1.00 56.10  ? 37  DT  D C7    1 
ATOM   630 C  C6    . DT  C 3 2  ? 11.523  7.742   4.111   1.00 56.29  ? 37  DT  D C6    1 
ATOM   631 P  P     . DG  C 3 3  ? 10.286  10.090  9.807   1.00 81.14  ? 38  DG  D P     1 
ATOM   632 O  OP1   . DG  C 3 3  ? 9.592   11.167  10.555  1.00 83.11  ? 38  DG  D OP1   1 
ATOM   633 O  OP2   . DG  C 3 3  ? 11.756  10.103  9.636   1.00 70.43  ? 38  DG  D OP2   1 
ATOM   634 O  "O5'" . DG  C 3 3  ? 9.912   8.696   10.474  1.00 60.32  ? 38  DG  D "O5'" 1 
ATOM   635 C  "C5'" . DG  C 3 3  ? 9.910   7.548   9.688   1.00 62.45  ? 38  DG  D "C5'" 1 
ATOM   636 C  "C4'" . DG  C 3 3  ? 9.764   6.324   10.546  1.00 72.51  ? 38  DG  D "C4'" 1 
ATOM   637 O  "O4'" . DG  C 3 3  ? 10.203  5.173   9.787   1.00 73.47  ? 38  DG  D "O4'" 1 
ATOM   638 C  "C3'" . DG  C 3 3  ? 10.650  6.318   11.769  1.00 81.18  ? 38  DG  D "C3'" 1 
ATOM   639 O  "O3'" . DG  C 3 3  ? 10.179  5.315   12.691  1.00 91.18  ? 38  DG  D "O3'" 1 
ATOM   640 C  "C2'" . DG  C 3 3  ? 11.985  5.936   11.137  1.00 75.92  ? 38  DG  D "C2'" 1 
ATOM   641 C  "C1'" . DG  C 3 3  ? 11.543  4.867   10.135  1.00 72.22  ? 38  DG  D "C1'" 1 
ATOM   642 N  N9    . DG  C 3 3  ? 12.351  4.833   8.921   1.00 68.67  ? 38  DG  D N9    1 
ATOM   643 C  C8    . DG  C 3 3  ? 12.745  5.910   8.162   1.00 68.02  ? 38  DG  D C8    1 
ATOM   644 N  N7    . DG  C 3 3  ? 13.465  5.580   7.126   1.00 64.19  ? 38  DG  D N7    1 
ATOM   645 C  C5    . DG  C 3 3  ? 13.553  4.196   7.202   1.00 59.50  ? 38  DG  D C5    1 
ATOM   646 C  C6    . DG  C 3 3  ? 14.212  3.287   6.350   1.00 61.83  ? 38  DG  D C6    1 
ATOM   647 O  O6    . DG  C 3 3  ? 14.864  3.536   5.329   1.00 66.16  ? 38  DG  D O6    1 
ATOM   648 N  N1    . DG  C 3 3  ? 14.060  1.972   6.780   1.00 60.20  ? 38  DG  D N1    1 
ATOM   649 C  C2    . DG  C 3 3  ? 13.360  1.588   7.898   1.00 64.82  ? 38  DG  D C2    1 
ATOM   650 N  N2    . DG  C 3 3  ? 13.323  0.271   8.152   1.00 62.94  ? 38  DG  D N2    1 
ATOM   651 N  N3    . DG  C 3 3  ? 12.729  2.437   8.708   1.00 59.52  ? 38  DG  D N3    1 
ATOM   652 C  C4    . DG  C 3 3  ? 12.872  3.720   8.299   1.00 59.01  ? 38  DG  D C4    1 
ATOM   653 P  P     . DT  C 3 4  ? 10.791  5.175   14.176  1.00 88.44  ? 39  DT  D P     1 
ATOM   654 O  OP1   . DT  C 3 4  ? 9.673   5.343   15.134  1.00 83.58  ? 39  DT  D OP1   1 
ATOM   655 O  OP2   . DT  C 3 4  ? 11.977  6.056   14.269  1.00 75.70  ? 39  DT  D OP2   1 
ATOM   656 O  "O5'" . DT  C 3 4  ? 11.291  3.654   14.224  1.00 67.12  ? 39  DT  D "O5'" 1 
ATOM   657 C  "C5'" . DT  C 3 4  ? 11.788  3.076   13.046  1.00 67.81  ? 39  DT  D "C5'" 1 
ATOM   658 C  "C4'" . DT  C 3 4  ? 12.316  1.684   13.266  1.00 78.09  ? 39  DT  D "C4'" 1 
ATOM   659 O  "O4'" . DT  C 3 4  ? 13.050  1.285   12.077  1.00 83.54  ? 39  DT  D "O4'" 1 
ATOM   660 C  "C3'" . DT  C 3 4  ? 13.334  1.555   14.381  1.00 87.36  ? 39  DT  D "C3'" 1 
ATOM   661 O  "O3'" . DT  C 3 4  ? 13.498  0.177   14.691  1.00 99.01  ? 39  DT  D "O3'" 1 
ATOM   662 C  "C2'" . DT  C 3 4  ? 14.568  2.088   13.687  1.00 81.70  ? 39  DT  D "C2'" 1 
ATOM   663 C  "C1'" . DT  C 3 4  ? 14.442  1.369   12.346  1.00 79.73  ? 39  DT  D "C1'" 1 
ATOM   664 N  N1    . DT  C 3 4  ? 15.132  2.072   11.220  1.00 68.93  ? 39  DT  D N1    1 
ATOM   665 C  C2    . DT  C 3 4  ? 15.753  1.326   10.245  1.00 68.15  ? 39  DT  D C2    1 
ATOM   666 O  O2    . DT  C 3 4  ? 15.753  0.105   10.235  1.00 71.59  ? 39  DT  D O2    1 
ATOM   667 N  N3    . DT  C 3 4  ? 16.371  2.061   9.269   1.00 60.46  ? 39  DT  D N3    1 
ATOM   668 C  C4    . DT  C 3 4  ? 16.436  3.437   9.173   1.00 63.64  ? 39  DT  D C4    1 
ATOM   669 O  O4    . DT  C 3 4  ? 17.015  4.001   8.251   1.00 65.22  ? 39  DT  D O4    1 
ATOM   670 C  C5    . DT  C 3 4  ? 15.770  4.161   10.234  1.00 63.53  ? 39  DT  D C5    1 
ATOM   671 C  C7    . DT  C 3 4  ? 15.773  5.662   10.242  1.00 56.44  ? 39  DT  D C7    1 
ATOM   672 C  C6    . DT  C 3 4  ? 15.159  3.452   11.195  1.00 65.29  ? 39  DT  D C6    1 
ATOM   673 P  P     . DC  C 3 5  ? 13.758  -0.306  16.199  1.00 104.95 ? 40  DC  D P     1 
ATOM   674 O  OP1   . DC  C 3 5  ? 12.485  -0.828  16.751  1.00 107.83 ? 40  DC  D OP1   1 
ATOM   675 O  OP2   . DC  C 3 5  ? 14.467  0.794   16.896  1.00 104.33 ? 40  DC  D OP2   1 
ATOM   676 O  "O5'" . DC  C 3 5  ? 14.756  -1.535  16.023  1.00 88.76  ? 40  DC  D "O5'" 1 
ATOM   677 C  "C5'" . DC  C 3 5  ? 16.140  -1.305  16.024  1.00 92.05  ? 40  DC  D "C5'" 1 
ATOM   678 C  "C4'" . DC  C 3 5  ? 16.844  -2.281  15.112  1.00 97.80  ? 40  DC  D "C4'" 1 
ATOM   679 O  "O4'" . DC  C 3 5  ? 16.546  -1.940  13.730  1.00 92.33  ? 40  DC  D "O4'" 1 
ATOM   680 C  "C3'" . DC  C 3 5  ? 18.361  -2.244  15.207  1.00 101.78 ? 40  DC  D "C3'" 1 
ATOM   681 O  "O3'" . DC  C 3 5  ? 18.832  -3.113  16.263  1.00 98.79  ? 40  DC  D "O3'" 1 
ATOM   682 C  "C2'" . DC  C 3 5  ? 18.778  -2.699  13.814  1.00 93.99  ? 40  DC  D "C2'" 1 
ATOM   683 C  "C1'" . DC  C 3 5  ? 17.738  -1.991  12.956  1.00 89.00  ? 40  DC  D "C1'" 1 
ATOM   684 N  N1    . DC  C 3 5  ? 18.118  -0.577  12.531  1.00 77.21  ? 40  DC  D N1    1 
ATOM   685 C  C2    . DC  C 3 5  ? 18.897  -0.383  11.379  1.00 71.02  ? 40  DC  D C2    1 
ATOM   686 O  O2    . DC  C 3 5  ? 19.278  -1.369  10.738  1.00 74.18  ? 40  DC  D O2    1 
ATOM   687 N  N3    . DC  C 3 5  ? 19.216  0.884   11.002  1.00 67.21  ? 40  DC  D N3    1 
ATOM   688 C  C4    . DC  C 3 5  ? 18.786  1.925   11.722  1.00 71.31  ? 40  DC  D C4    1 
ATOM   689 N  N4    . DC  C 3 5  ? 19.123  3.154   11.312  1.00 61.46  ? 40  DC  D N4    1 
ATOM   690 C  C5    . DC  C 3 5  ? 17.990  1.751   12.895  1.00 73.02  ? 40  DC  D C5    1 
ATOM   691 C  C6    . DC  C 3 5  ? 17.681  0.498   13.258  1.00 77.70  ? 40  DC  D C6    1 
ATOM   692 P  P     . DG  C 3 6  ? 18.999  -4.700  16.051  1.00 108.62 ? 41  DG  D P     1 
ATOM   693 O  OP1   . DG  C 3 6  ? 17.907  -5.232  15.202  1.00 108.63 ? 41  DG  D OP1   1 
ATOM   694 O  OP2   . DG  C 3 6  ? 19.184  -5.263  17.404  1.00 108.15 ? 41  DG  D OP2   1 
ATOM   695 O  "O5'" . DG  C 3 6  ? 20.388  -4.846  15.273  1.00 98.78  ? 41  DG  D "O5'" 1 
ATOM   696 C  "C5'" . DG  C 3 6  ? 20.574  -5.915  14.363  1.00 93.98  ? 41  DG  D "C5'" 1 
ATOM   697 C  "C4'" . DG  C 3 6  ? 21.624  -5.562  13.326  1.00 102.43 ? 41  DG  D "C4'" 1 
ATOM   698 O  "O4'" . DG  C 3 6  ? 21.402  -4.211  12.841  1.00 96.52  ? 41  DG  D "O4'" 1 
ATOM   699 C  "C3'" . DG  C 3 6  ? 23.070  -5.609  13.824  1.00 100.11 ? 41  DG  D "C3'" 1 
ATOM   700 O  "O3'" . DG  C 3 6  ? 23.868  -6.353  12.915  1.00 105.03 ? 41  DG  D "O3'" 1 
ATOM   701 C  "C2'" . DG  C 3 6  ? 23.489  -4.140  13.865  1.00 91.61  ? 41  DG  D "C2'" 1 
ATOM   702 C  "C1'" . DG  C 3 6  ? 22.633  -3.535  12.765  1.00 88.19  ? 41  DG  D "C1'" 1 
ATOM   703 N  N9    . DG  C 3 6  ? 22.382  -2.105  12.933  1.00 78.06  ? 41  DG  D N9    1 
ATOM   704 C  C8    . DG  C 3 6  ? 21.698  -1.499  13.959  1.00 81.88  ? 41  DG  D C8    1 
ATOM   705 N  N7    . DG  C 3 6  ? 21.615  -0.200  13.842  1.00 77.52  ? 41  DG  D N7    1 
ATOM   706 C  C5    . DG  C 3 6  ? 22.298  0.075   12.665  1.00 72.44  ? 41  DG  D C5    1 
ATOM   707 C  C6    . DG  C 3 6  ? 22.543  1.313   12.026  1.00 69.11  ? 41  DG  D C6    1 
ATOM   708 O  O6    . DG  C 3 6  ? 22.194  2.447   12.391  1.00 66.22  ? 41  DG  D O6    1 
ATOM   709 N  N1    . DG  C 3 6  ? 23.273  1.148   10.850  1.00 64.12  ? 41  DG  D N1    1 
ATOM   710 C  C2    . DG  C 3 6  ? 23.711  -0.063  10.358  1.00 69.79  ? 41  DG  D C2    1 
ATOM   711 N  N2    . DG  C 3 6  ? 24.404  -0.022  9.209   1.00 71.50  ? 41  DG  D N2    1 
ATOM   712 N  N3    . DG  C 3 6  ? 23.486  -1.233  10.948  1.00 68.59  ? 41  DG  D N3    1 
ATOM   713 C  C4    . DG  C 3 6  ? 22.776  -1.089  12.092  1.00 72.96  ? 41  DG  D C4    1 
ATOM   714 P  P     . DT  C 3 7  ? 25.292  -6.935  13.375  1.00 113.26 ? 42  DT  D P     1 
ATOM   715 O  OP1   . DT  C 3 7  ? 25.462  -8.251  12.713  1.00 106.12 ? 42  DT  D OP1   1 
ATOM   716 O  OP2   . DT  C 3 7  ? 25.365  -6.825  14.850  1.00 108.61 ? 42  DT  D OP2   1 
ATOM   717 O  "O5'" . DT  C 3 7  ? 26.342  -5.902  12.750  1.00 105.91 ? 42  DT  D "O5'" 1 
ATOM   718 C  "C5'" . DT  C 3 7  ? 26.412  -5.735  11.337  1.00 101.47 ? 42  DT  D "C5'" 1 
ATOM   719 C  "C4'" . DT  C 3 7  ? 27.139  -4.451  10.974  1.00 99.99  ? 42  DT  D "C4'" 1 
ATOM   720 O  "O4'" . DT  C 3 7  ? 26.378  -3.303  11.429  1.00 92.63  ? 42  DT  D "O4'" 1 
ATOM   721 C  "C3'" . DT  C 3 7  ? 28.539  -4.302  11.582  1.00 95.28  ? 42  DT  D "C3'" 1 
ATOM   722 O  "O3'" . DT  C 3 7  ? 29.499  -4.112  10.550  1.00 96.91  ? 42  DT  D "O3'" 1 
ATOM   723 C  "C2'" . DT  C 3 7  ? 28.423  -3.067  12.486  1.00 86.86  ? 42  DT  D "C2'" 1 
ATOM   724 C  "C1'" . DT  C 3 7  ? 27.279  -2.310  11.836  1.00 81.97  ? 42  DT  D "C1'" 1 
ATOM   725 N  N1    . DT  C 3 7  ? 26.569  -1.366  12.752  1.00 76.11  ? 42  DT  D N1    1 
ATOM   726 C  C2    . DT  C 3 7  ? 26.538  -0.023  12.439  1.00 76.03  ? 42  DT  D C2    1 
ATOM   727 O  O2    . DT  C 3 7  ? 27.070  0.445   11.445  1.00 75.62  ? 42  DT  D O2    1 
ATOM   728 N  N3    . DT  C 3 7  ? 25.859  0.759   13.336  1.00 73.34  ? 42  DT  D N3    1 
ATOM   729 C  C4    . DT  C 3 7  ? 25.218  0.344   14.490  1.00 77.40  ? 42  DT  D C4    1 
ATOM   730 O  O4    . DT  C 3 7  ? 24.626  1.129   15.235  1.00 72.67  ? 42  DT  D O4    1 
ATOM   731 C  C5    . DT  C 3 7  ? 25.288  -1.077  14.758  1.00 77.05  ? 42  DT  D C5    1 
ATOM   732 C  C7    . DT  C 3 7  ? 24.632  -1.646  15.984  1.00 79.01  ? 42  DT  D C7    1 
ATOM   733 C  C6    . DT  C 3 7  ? 25.950  -1.853  13.883  1.00 75.67  ? 42  DT  D C6    1 
ATOM   734 P  P     . DA  D 4 1  ? -8.144  -4.672  5.135   1.00 56.33  ? 1   DA  A P     1 
ATOM   735 O  OP1   . DA  D 4 1  ? -8.164  -5.502  6.356   1.00 53.12  ? 1   DA  A OP1   1 
ATOM   736 O  OP2   . DA  D 4 1  ? -8.386  -3.221  5.243   1.00 45.41  ? 1   DA  A OP2   1 
ATOM   737 O  "O5'" . DA  D 4 1  ? -9.244  -5.265  4.147   1.00 54.43  ? 1   DA  A "O5'" 1 
ATOM   738 C  "C5'" . DA  D 4 1  ? -9.299  -6.670  3.915   1.00 55.21  ? 1   DA  A "C5'" 1 
ATOM   739 C  "C4'" . DA  D 4 1  ? -8.935  -7.011  2.476   1.00 47.90  ? 1   DA  A "C4'" 1 
ATOM   740 O  "O4'" . DA  D 4 1  ? -9.786  -6.281  1.574   1.00 49.25  ? 1   DA  A "O4'" 1 
ATOM   741 C  "C3'" . DA  D 4 1  ? -7.532  -6.644  2.065   1.00 48.80  ? 1   DA  A "C3'" 1 
ATOM   742 O  "O3'" . DA  D 4 1  ? -6.668  -7.708  2.379   1.00 51.07  ? 1   DA  A "O3'" 1 
ATOM   743 C  "C2'" . DA  D 4 1  ? -7.658  -6.460  0.548   1.00 50.16  ? 1   DA  A "C2'" 1 
ATOM   744 C  "C1'" . DA  D 4 1  ? -9.116  -6.045  0.360   1.00 45.31  ? 1   DA  A "C1'" 1 
ATOM   745 N  N9    . DA  D 4 1  ? -9.309  -4.642  0.022   1.00 50.85  ? 1   DA  A N9    1 
ATOM   746 C  C8    . DA  D 4 1  ? -9.877  -3.684  0.809   1.00 49.25  ? 1   DA  A C8    1 
ATOM   747 N  N7    . DA  D 4 1  ? -9.945  -2.504  0.244   1.00 43.26  ? 1   DA  A N7    1 
ATOM   748 C  C5    . DA  D 4 1  ? -9.389  -2.703  -0.996  1.00 44.32  ? 1   DA  A C5    1 
ATOM   749 C  C6    . DA  D 4 1  ? -9.180  -1.840  -2.073  1.00 49.71  ? 1   DA  A C6    1 
ATOM   750 N  N6    . DA  D 4 1  ? -9.516  -0.546  -2.047  1.00 47.34  ? 1   DA  A N6    1 
ATOM   751 N  N1    . DA  D 4 1  ? -8.606  -2.357  -3.184  1.00 54.65  ? 1   DA  A N1    1 
ATOM   752 C  C2    . DA  D 4 1  ? -8.276  -3.652  -3.194  1.00 51.31  ? 1   DA  A C2    1 
ATOM   753 N  N3    . DA  D 4 1  ? -8.426  -4.561  -2.236  1.00 48.48  ? 1   DA  A N3    1 
ATOM   754 C  C4    . DA  D 4 1  ? -8.995  -4.017  -1.158  1.00 49.35  ? 1   DA  A C4    1 
ATOM   755 P  P     . DC  D 4 2  ? -5.087  -7.463  2.492   1.00 54.98  ? 2   DC  A P     1 
ATOM   756 O  OP1   . DC  D 4 2  ? -4.525  -8.719  3.038   1.00 51.18  ? 2   DC  A OP1   1 
ATOM   757 O  OP2   . DC  D 4 2  ? -4.856  -6.154  3.153   1.00 54.77  ? 2   DC  A OP2   1 
ATOM   758 O  "O5'" . DC  D 4 2  ? -4.611  -7.318  0.982   1.00 49.00  ? 2   DC  A "O5'" 1 
ATOM   759 C  "C5'" . DC  D 4 2  ? -4.830  -8.379  0.080   1.00 56.33  ? 2   DC  A "C5'" 1 
ATOM   760 C  "C4'" . DC  D 4 2  ? -4.271  -8.028  -1.273  1.00 56.73  ? 2   DC  A "C4'" 1 
ATOM   761 O  "O4'" . DC  D 4 2  ? -5.007  -6.902  -1.813  1.00 59.51  ? 2   DC  A "O4'" 1 
ATOM   762 C  "C3'" . DC  D 4 2  ? -2.809  -7.621  -1.247  1.00 51.81  ? 2   DC  A "C3'" 1 
ATOM   763 O  "O3'" . DC  D 4 2  ? -2.112  -8.250  -2.276  1.00 59.19  ? 2   DC  A "O3'" 1 
ATOM   764 C  "C2'" . DC  D 4 2  ? -2.837  -6.111  -1.439  1.00 55.14  ? 2   DC  A "C2'" 1 
ATOM   765 C  "C1'" . DC  D 4 2  ? -4.117  -5.894  -2.222  1.00 55.49  ? 2   DC  A "C1'" 1 
ATOM   766 N  N1    . DC  D 4 2  ? -4.740  -4.592  -1.922  1.00 55.42  ? 2   DC  A N1    1 
ATOM   767 C  C2    . DC  D 4 2  ? -4.782  -3.602  -2.904  1.00 55.43  ? 2   DC  A C2    1 
ATOM   768 O  O2    . DC  D 4 2  ? -4.308  -3.842  -4.021  1.00 59.01  ? 2   DC  A O2    1 
ATOM   769 N  N3    . DC  D 4 2  ? -5.342  -2.408  -2.603  1.00 51.19  ? 2   DC  A N3    1 
ATOM   770 C  C4    . DC  D 4 2  ? -5.838  -2.195  -1.385  1.00 52.55  ? 2   DC  A C4    1 
ATOM   771 N  N4    . DC  D 4 2  ? -6.384  -1.003  -1.132  1.00 54.68  ? 2   DC  A N4    1 
ATOM   772 C  C5    . DC  D 4 2  ? -5.798  -3.191  -0.371  1.00 51.26  ? 2   DC  A C5    1 
ATOM   773 C  C6    . DC  D 4 2  ? -5.238  -4.360  -0.678  1.00 51.56  ? 2   DC  A C6    1 
ATOM   774 P  P     . DG  D 4 3  ? -0.521  -8.096  -2.349  1.00 68.84  ? 3   DG  A P     1 
ATOM   775 O  OP1   . DG  D 4 3  ? -0.008  -9.314  -3.009  1.00 77.00  ? 3   DG  A OP1   1 
ATOM   776 O  OP2   . DG  D 4 3  ? -0.021  -7.659  -1.021  1.00 58.91  ? 3   DG  A OP2   1 
ATOM   777 O  "O5'" . DG  D 4 3  ? -0.313  -6.877  -3.342  1.00 65.61  ? 3   DG  A "O5'" 1 
ATOM   778 C  "C5'" . DG  D 4 3  ? -0.795  -6.974  -4.651  1.00 69.62  ? 3   DG  A "C5'" 1 
ATOM   779 C  "C4'" . DG  D 4 3  ? -0.208  -5.879  -5.500  1.00 71.91  ? 3   DG  A "C4'" 1 
ATOM   780 O  "O4'" . DG  D 4 3  ? -0.884  -4.634  -5.212  1.00 69.00  ? 3   DG  A "O4'" 1 
ATOM   781 C  "C3'" . DG  D 4 3  ? 1.273   -5.621  -5.272  1.00 69.05  ? 3   DG  A "C3'" 1 
ATOM   782 O  "O3'" . DG  D 4 3  ? 1.887   -5.280  -6.520  1.00 80.29  ? 3   DG  A "O3'" 1 
ATOM   783 C  "C2'" . DG  D 4 3  ? 1.270   -4.458  -4.274  1.00 61.06  ? 3   DG  A "C2'" 1 
ATOM   784 C  "C1'" . DG  D 4 3  ? 0.018   -3.691  -4.665  1.00 61.49  ? 3   DG  A "C1'" 1 
ATOM   785 N  N9    . DG  D 4 3  ? -0.655  -3.053  -3.541  1.00 56.73  ? 3   DG  A N9    1 
ATOM   786 C  C8    . DG  D 4 3  ? -0.887  -3.602  -2.308  1.00 57.99  ? 3   DG  A C8    1 
ATOM   787 N  N7    . DG  D 4 3  ? -1.543  -2.812  -1.503  1.00 54.10  ? 3   DG  A N7    1 
ATOM   788 C  C5    . DG  D 4 3  ? -1.780  -1.675  -2.258  1.00 50.78  ? 3   DG  A C5    1 
ATOM   789 C  C6    . DG  D 4 3  ? -2.454  -0.478  -1.915  1.00 55.69  ? 3   DG  A C6    1 
ATOM   790 O  O6    . DG  D 4 3  ? -2.991  -0.177  -0.843  1.00 55.87  ? 3   DG  A O6    1 
ATOM   791 N  N1    . DG  D 4 3  ? -2.465  0.425   -2.967  1.00 56.41  ? 3   DG  A N1    1 
ATOM   792 C  C2    . DG  D 4 3  ? -1.902  0.204   -4.194  1.00 54.19  ? 3   DG  A C2    1 
ATOM   793 N  N2    . DG  D 4 3  ? -2.021  1.200   -5.078  1.00 54.55  ? 3   DG  A N2    1 
ATOM   794 N  N3    . DG  D 4 3  ? -1.267  -0.915  -4.534  1.00 52.33  ? 3   DG  A N3    1 
ATOM   795 C  C4    . DG  D 4 3  ? -1.244  -1.806  -3.517  1.00 50.98  ? 3   DG  A C4    1 
ATOM   796 P  P     . DT  D 4 4  ? 3.431   -4.836  -6.610  1.00 90.76  ? 4   DT  A P     1 
ATOM   797 O  OP1   . DT  D 4 4  ? 4.006   -5.485  -7.813  1.00 76.64  ? 4   DT  A OP1   1 
ATOM   798 O  OP2   . DT  D 4 4  ? 4.076   -5.053  -5.291  1.00 85.39  ? 4   DT  A OP2   1 
ATOM   799 O  "O5'" . DT  D 4 4  ? 3.338   -3.259  -6.883  1.00 73.47  ? 4   DT  A "O5'" 1 
ATOM   800 C  "C5'" . DT  D 4 4  ? 2.302   -2.755  -7.718  1.00 63.24  ? 4   DT  A "C5'" 1 
ATOM   801 C  "C4'" . DT  D 4 4  ? 2.346   -1.242  -7.801  1.00 62.34  ? 4   DT  A "C4'" 1 
ATOM   802 O  "O4'" . DT  D 4 4  ? 1.599   -0.652  -6.700  1.00 63.08  ? 4   DT  A "O4'" 1 
ATOM   803 C  "C3'" . DT  D 4 4  ? 3.737   -0.615  -7.733  1.00 63.54  ? 4   DT  A "C3'" 1 
ATOM   804 O  "O3'" . DT  D 4 4  ? 3.744   0.540   -8.549  1.00 68.76  ? 4   DT  A "O3'" 1 
ATOM   805 C  "C2'" . DT  D 4 4  ? 3.848   -0.241  -6.257  1.00 64.18  ? 4   DT  A "C2'" 1 
ATOM   806 C  "C1'" . DT  D 4 4  ? 2.435   0.261   -6.016  1.00 61.50  ? 4   DT  A "C1'" 1 
ATOM   807 N  N1    . DT  D 4 4  ? 2.016   0.298   -4.596  1.00 56.87  ? 4   DT  A N1    1 
ATOM   808 C  C2    . DT  D 4 4  ? 1.380   1.421   -4.128  1.00 58.82  ? 4   DT  A C2    1 
ATOM   809 O  O2    . DT  D 4 4  ? 1.176   2.402   -4.817  1.00 65.48  ? 4   DT  A O2    1 
ATOM   810 N  N3    . DT  D 4 4  ? 0.996   1.361   -2.815  1.00 53.92  ? 4   DT  A N3    1 
ATOM   811 C  C4    . DT  D 4 4  ? 1.172   0.302   -1.942  1.00 60.49  ? 4   DT  A C4    1 
ATOM   812 O  O4    . DT  D 4 4  ? 0.790   0.341   -0.772  1.00 60.97  ? 4   DT  A O4    1 
ATOM   813 C  C5    . DT  D 4 4  ? 1.839   -0.856  -2.507  1.00 59.62  ? 4   DT  A C5    1 
ATOM   814 C  C7    . DT  D 4 4  ? 2.088   -2.067  -1.657  1.00 50.46  ? 4   DT  A C7    1 
ATOM   815 C  C6    . DT  D 4 4  ? 2.219   -0.803  -3.794  1.00 57.95  ? 4   DT  A C6    1 
ATOM   816 P  P     . DC  D 4 5  ? 5.106   1.113   -9.167  1.00 74.36  ? 5   DC  A P     1 
ATOM   817 O  OP1   . DC  D 4 5  ? 4.839   1.305   -10.609 1.00 66.40  ? 5   DC  A OP1   1 
ATOM   818 O  OP2   . DC  D 4 5  ? 6.247   0.283   -8.709  1.00 66.06  ? 5   DC  A OP2   1 
ATOM   819 O  "O5'" . DC  D 4 5  ? 5.231   2.555   -8.503  1.00 63.85  ? 5   DC  A "O5'" 1 
ATOM   820 C  "C5'" . DC  D 4 5  ? 4.276   3.527   -8.819  1.00 53.32  ? 5   DC  A "C5'" 1 
ATOM   821 C  "C4'" . DC  D 4 5  ? 4.258   4.630   -7.781  1.00 54.28  ? 5   DC  A "C4'" 1 
ATOM   822 O  "O4'" . DC  D 4 5  ? 3.879   4.106   -6.489  1.00 59.44  ? 5   DC  A "O4'" 1 
ATOM   823 C  "C3'" . DC  D 4 5  ? 5.573   5.364   -7.572  1.00 45.73  ? 5   DC  A "C3'" 1 
ATOM   824 O  "O3'" . DC  D 4 5  ? 5.318   6.728   -7.737  1.00 37.03  ? 5   DC  A "O3'" 1 
ATOM   825 C  "C2'" . DC  D 4 5  ? 5.969   5.012   -6.113  1.00 55.94  ? 5   DC  A "C2'" 1 
ATOM   826 C  "C1'" . DC  D 4 5  ? 4.606   4.774   -5.487  1.00 57.24  ? 5   DC  A "C1'" 1 
ATOM   827 N  N1    . DC  D 4 5  ? 4.552   3.889   -4.267  1.00 53.90  ? 5   DC  A N1    1 
ATOM   828 C  C2    . DC  D 4 5  ? 3.853   4.318   -3.123  1.00 54.12  ? 5   DC  A C2    1 
ATOM   829 O  O2    . DC  D 4 5  ? 3.362   5.457   -3.099  1.00 49.51  ? 5   DC  A O2    1 
ATOM   830 N  N3    . DC  D 4 5  ? 3.754   3.477   -2.060  1.00 55.28  ? 5   DC  A N3    1 
ATOM   831 C  C4    . DC  D 4 5  ? 4.285   2.254   -2.121  1.00 53.64  ? 5   DC  A C4    1 
ATOM   832 N  N4    . DC  D 4 5  ? 4.159   1.459   -1.051  1.00 52.08  ? 5   DC  A N4    1 
ATOM   833 C  C5    . DC  D 4 5  ? 4.968   1.792   -3.282  1.00 53.99  ? 5   DC  A C5    1 
ATOM   834 C  C6    . DC  D 4 5  ? 5.066   2.629   -4.324  1.00 55.77  ? 5   DC  A C6    1 
ATOM   835 P  P     . DA  D 4 6  ? 6.492   7.730   -8.152  1.00 51.78  ? 6   DA  A P     1 
ATOM   836 O  OP1   . DA  D 4 6  ? 5.934   8.803   -9.022  1.00 36.90  ? 6   DA  A OP1   1 
ATOM   837 O  OP2   . DA  D 4 6  ? 7.607   6.861   -8.616  1.00 42.89  ? 6   DA  A OP2   1 
ATOM   838 O  "O5'" . DA  D 4 6  ? 6.892   8.410   -6.762  1.00 45.94  ? 6   DA  A "O5'" 1 
ATOM   839 C  "C5'" . DA  D 4 6  ? 5.885   8.673   -5.806  1.00 43.71  ? 6   DA  A "C5'" 1 
ATOM   840 C  "C4'" . DA  D 4 6  ? 6.495   8.951   -4.455  1.00 48.26  ? 6   DA  A "C4'" 1 
ATOM   841 O  "O4'" . DA  D 4 6  ? 6.277   7.819   -3.562  1.00 54.75  ? 6   DA  A "O4'" 1 
ATOM   842 C  "C3'" . DA  D 4 6  ? 8.005   9.159   -4.478  1.00 50.91  ? 6   DA  A "C3'" 1 
ATOM   843 O  "O3'" . DA  D 4 6  ? 8.342   10.116  -3.531  1.00 39.63  ? 6   DA  A "O3'" 1 
ATOM   844 C  "C2'" . DA  D 4 6  ? 8.512   7.798   -4.047  1.00 51.19  ? 6   DA  A "C2'" 1 
ATOM   845 C  "C1'" . DA  D 4 6  ? 7.508   7.512   -2.964  1.00 52.00  ? 6   DA  A "C1'" 1 
ATOM   846 N  N9    . DA  D 4 6  ? 7.531   6.135   -2.509  1.00 54.81  ? 6   DA  A N9    1 
ATOM   847 C  C8    . DA  D 4 6  ? 8.234   5.103   -3.064  1.00 52.64  ? 6   DA  A C8    1 
ATOM   848 N  N7    . DA  D 4 6  ? 8.099   3.969   -2.427  1.00 52.60  ? 6   DA  A N7    1 
ATOM   849 C  C5    . DA  D 4 6  ? 7.266   4.285   -1.367  1.00 51.81  ? 6   DA  A C5    1 
ATOM   850 C  C6    . DA  D 4 6  ? 6.747   3.510   -0.323  1.00 54.70  ? 6   DA  A C6    1 
ATOM   851 N  N6    . DA  D 4 6  ? 7.005   2.205   -0.176  1.00 50.42  ? 6   DA  A N6    1 
ATOM   852 N  N1    . DA  D 4 6  ? 5.947   4.134   0.574   1.00 55.29  ? 6   DA  A N1    1 
ATOM   853 C  C2    . DA  D 4 6  ? 5.690   5.437   0.413   1.00 54.06  ? 6   DA  A C2    1 
ATOM   854 N  N3    . DA  D 4 6  ? 6.126   6.267   -0.531  1.00 52.79  ? 6   DA  A N3    1 
ATOM   855 C  C4    . DA  D 4 6  ? 6.919   5.618   -1.398  1.00 53.42  ? 6   DA  A C4    1 
HETATM 856 MG MG    . MG  E 5 .  ? 2.515   10.382  1.549   1.00 78.37  ? 101 MG  B MG    1 
HETATM 857 AS AS    . CAC F 6 .  ? -12.835 1.855   -0.649  1.00 115.71 ? 101 CAC C AS    1 
HETATM 858 MG MG    . MG  G 5 .  ? -17.032 -3.751  -11.437 1.00 76.56  ? 102 MG  C MG    1 
HETATM 859 AS AS    . CAC H 6 .  ? 9.862   0.513   -3.557  1.00 140.44 ? 101 CAC A AS    1 
# 
loop_
_pdbx_poly_seq_scheme.asym_id 
_pdbx_poly_seq_scheme.entity_id 
_pdbx_poly_seq_scheme.seq_id 
_pdbx_poly_seq_scheme.mon_id 
_pdbx_poly_seq_scheme.ndb_seq_num 
_pdbx_poly_seq_scheme.pdb_seq_num 
_pdbx_poly_seq_scheme.auth_seq_num 
_pdbx_poly_seq_scheme.pdb_mon_id 
_pdbx_poly_seq_scheme.auth_mon_id 
_pdbx_poly_seq_scheme.pdb_strand_id 
_pdbx_poly_seq_scheme.pdb_ins_code 
_pdbx_poly_seq_scheme.hetero 
A 1 1  DG 1  7  7  DG DG B . n 
A 1 2  DA 2  8  8  DA DA B . n 
A 1 3  DA 3  9  9  DA DA B . n 
A 1 4  DC 4  10 10 DC DC B . n 
A 1 5  DG 5  11 11 DG DG B . n 
A 1 6  DA 6  12 12 DA DA B . n 
A 1 7  DC 7  13 13 DC DC B . n 
A 1 8  DA 8  14 14 DA DA B . n 
A 1 9  DG 9  15 15 DG DG B . n 
A 1 10 DT 10 16 16 DT DT B . n 
A 1 11 DG 11 17 17 DG DG B . n 
A 1 12 DA 12 18 18 DA DA B . n 
A 1 13 DC 13 19 19 DC DC B . n 
A 1 14 DG 14 20 20 DG DG B . n 
A 1 15 DT 15 21 21 DT DT B . n 
A 1 16 DC 16 22 22 DC DC B . n 
A 1 17 DG 17 23 23 DG DG B . n 
A 1 18 DA 18 24 24 DA DA B . n 
A 1 19 DC 19 25 25 DC DC B . n 
A 1 20 DT 20 26 26 DT DT B . n 
A 1 21 DC 21 27 27 DC DC B . n 
B 2 1  DT 1  28 28 DT DT C . n 
B 2 2  DC 2  29 29 DC DC C . n 
B 2 3  DG 3  30 30 DG DG C . n 
B 2 4  DA 4  31 31 DA DA C . n 
B 2 5  DG 5  32 32 DG DG C . n 
B 2 6  DT 6  33 33 DT DT C . n 
B 2 7  DC 7  34 34 DC DC C . n 
B 2 8  DG 8  35 35 DG DG C . n 
C 3 1  DC 1  36 36 DC DC D . n 
C 3 2  DT 2  37 37 DT DT D . n 
C 3 3  DG 3  38 38 DG DG D . n 
C 3 4  DT 4  39 39 DT DT D . n 
C 3 5  DC 5  40 40 DC DC D . n 
C 3 6  DG 6  41 41 DG DG D . n 
C 3 7  DT 7  42 42 DT DT D . n 
D 4 1  DA 1  1  1  DA DA A . n 
D 4 2  DC 2  2  2  DC DC A . n 
D 4 3  DG 3  3  3  DG DG A . n 
D 4 4  DT 4  4  4  DT DT A . n 
D 4 5  DC 5  5  5  DC DC A . n 
D 4 6  DA 6  6  6  DA DA A . n 
# 
loop_
_pdbx_nonpoly_scheme.asym_id 
_pdbx_nonpoly_scheme.entity_id 
_pdbx_nonpoly_scheme.mon_id 
_pdbx_nonpoly_scheme.ndb_seq_num 
_pdbx_nonpoly_scheme.pdb_seq_num 
_pdbx_nonpoly_scheme.auth_seq_num 
_pdbx_nonpoly_scheme.pdb_mon_id 
_pdbx_nonpoly_scheme.auth_mon_id 
_pdbx_nonpoly_scheme.pdb_strand_id 
_pdbx_nonpoly_scheme.pdb_ins_code 
E 5 MG  1 101 3 MG  MG B . 
F 6 CAC 1 101 2 CAC AS C . 
G 5 MG  1 102 1 MG  MG C . 
H 6 CAC 1 101 3 CAC AS A . 
# 
_pdbx_struct_assembly.id                   1 
_pdbx_struct_assembly.details              author_defined_assembly 
_pdbx_struct_assembly.method_details       ? 
_pdbx_struct_assembly.oligomeric_details   tetrameric 
_pdbx_struct_assembly.oligomeric_count     4 
# 
_pdbx_struct_assembly_gen.assembly_id       1 
_pdbx_struct_assembly_gen.oper_expression   1 
_pdbx_struct_assembly_gen.asym_id_list      A,B,C,D,E,F,G,H 
# 
_pdbx_struct_oper_list.id                   1 
_pdbx_struct_oper_list.type                 'identity operation' 
_pdbx_struct_oper_list.name                 1_555 
_pdbx_struct_oper_list.symmetry_operation   x,y,z 
_pdbx_struct_oper_list.matrix[1][1]         1.0000000000 
_pdbx_struct_oper_list.matrix[1][2]         0.0000000000 
_pdbx_struct_oper_list.matrix[1][3]         0.0000000000 
_pdbx_struct_oper_list.vector[1]            0.0000000000 
_pdbx_struct_oper_list.matrix[2][1]         0.0000000000 
_pdbx_struct_oper_list.matrix[2][2]         1.0000000000 
_pdbx_struct_oper_list.matrix[2][3]         0.0000000000 
_pdbx_struct_oper_list.vector[2]            0.0000000000 
_pdbx_struct_oper_list.matrix[3][1]         0.0000000000 
_pdbx_struct_oper_list.matrix[3][2]         0.0000000000 
_pdbx_struct_oper_list.matrix[3][3]         1.0000000000 
_pdbx_struct_oper_list.vector[3]            0.0000000000 
# 
loop_
_pdbx_audit_revision_history.ordinal 
_pdbx_audit_revision_history.data_content_type 
_pdbx_audit_revision_history.major_revision 
_pdbx_audit_revision_history.minor_revision 
_pdbx_audit_revision_history.revision_date 
1 'Structure model' 1 0 2021-07-14 
2 'Structure model' 1 1 2022-07-06 
3 'Structure model' 1 2 2023-10-18 
# 
_pdbx_audit_revision_details.ordinal             1 
_pdbx_audit_revision_details.revision_ordinal    1 
_pdbx_audit_revision_details.data_content_type   'Structure model' 
_pdbx_audit_revision_details.provider            repository 
_pdbx_audit_revision_details.type                'Initial release' 
_pdbx_audit_revision_details.description         ? 
_pdbx_audit_revision_details.details             ? 
# 
loop_
_pdbx_audit_revision_group.ordinal 
_pdbx_audit_revision_group.revision_ordinal 
_pdbx_audit_revision_group.data_content_type 
_pdbx_audit_revision_group.group 
1 2 'Structure model' 'Database references'    
2 3 'Structure model' 'Data collection'        
3 3 'Structure model' 'Refinement description' 
# 
loop_
_pdbx_audit_revision_category.ordinal 
_pdbx_audit_revision_category.revision_ordinal 
_pdbx_audit_revision_category.data_content_type 
_pdbx_audit_revision_category.category 
1 2 'Structure model' citation                      
2 2 'Structure model' citation_author               
3 2 'Structure model' database_2                    
4 3 'Structure model' chem_comp_atom                
5 3 'Structure model' chem_comp_bond                
6 3 'Structure model' pdbx_initial_refinement_model 
# 
loop_
_pdbx_audit_revision_item.ordinal 
_pdbx_audit_revision_item.revision_ordinal 
_pdbx_audit_revision_item.data_content_type 
_pdbx_audit_revision_item.item 
1  2 'Structure model' '_citation.country'                   
2  2 'Structure model' '_citation.journal_abbrev'            
3  2 'Structure model' '_citation.journal_id_CSD'            
4  2 'Structure model' '_citation.journal_id_ISSN'           
5  2 'Structure model' '_citation.journal_volume'            
6  2 'Structure model' '_citation.page_first'                
7  2 'Structure model' '_citation.page_last'                 
8  2 'Structure model' '_citation.pdbx_database_id_DOI'      
9  2 'Structure model' '_citation.pdbx_database_id_PubMed'   
10 2 'Structure model' '_citation.title'                     
11 2 'Structure model' '_citation.year'                      
12 2 'Structure model' '_database_2.pdbx_DOI'                
13 2 'Structure model' '_database_2.pdbx_database_accession' 
# 
loop_
_software.citation_id 
_software.classification 
_software.compiler_name 
_software.compiler_version 
_software.contact_author 
_software.contact_author_email 
_software.date 
_software.description 
_software.dependencies 
_software.hardware 
_software.language 
_software.location 
_software.mods 
_software.name 
_software.os 
_software.os_version 
_software.type 
_software.version 
_software.pdbx_ordinal 
? refinement        ? ? ? ? ? ? ? ? ? ? ? PHENIX      ? ? ? 1.11.1_2575 1 
? 'data reduction'  ? ? ? ? ? ? ? ? ? ? ? HKL-2000    ? ? ? .           2 
? 'data scaling'    ? ? ? ? ? ? ? ? ? ? ? HKL-2000    ? ? ? .           3 
? 'data extraction' ? ? ? ? ? ? ? ? ? ? ? PDB_EXTRACT ? ? ? 3.25        4 
? phasing           ? ? ? ? ? ? ? ? ? ? ? PHASER      ? ? ? .           5 
# 
_pdbx_entry_details.entry_id                 7JKG 
_pdbx_entry_details.nonpolymer_details       ? 
_pdbx_entry_details.sequence_details         ? 
_pdbx_entry_details.compound_details         ? 
_pdbx_entry_details.source_details           ? 
_pdbx_entry_details.has_ligand_of_interest   N 
# 
_pdbx_validate_rmsd_angle.id                         1 
_pdbx_validate_rmsd_angle.PDB_model_num              1 
_pdbx_validate_rmsd_angle.auth_atom_id_1             "O4'" 
_pdbx_validate_rmsd_angle.auth_asym_id_1             A 
_pdbx_validate_rmsd_angle.auth_comp_id_1             DA 
_pdbx_validate_rmsd_angle.auth_seq_id_1              6 
_pdbx_validate_rmsd_angle.PDB_ins_code_1             ? 
_pdbx_validate_rmsd_angle.label_alt_id_1             ? 
_pdbx_validate_rmsd_angle.auth_atom_id_2             "C1'" 
_pdbx_validate_rmsd_angle.auth_asym_id_2             A 
_pdbx_validate_rmsd_angle.auth_comp_id_2             DA 
_pdbx_validate_rmsd_angle.auth_seq_id_2              6 
_pdbx_validate_rmsd_angle.PDB_ins_code_2             ? 
_pdbx_validate_rmsd_angle.label_alt_id_2             ? 
_pdbx_validate_rmsd_angle.auth_atom_id_3             N9 
_pdbx_validate_rmsd_angle.auth_asym_id_3             A 
_pdbx_validate_rmsd_angle.auth_comp_id_3             DA 
_pdbx_validate_rmsd_angle.auth_seq_id_3              6 
_pdbx_validate_rmsd_angle.PDB_ins_code_3             ? 
_pdbx_validate_rmsd_angle.label_alt_id_3             ? 
_pdbx_validate_rmsd_angle.angle_value                110.82 
_pdbx_validate_rmsd_angle.angle_target_value         108.30 
_pdbx_validate_rmsd_angle.angle_deviation            2.52 
_pdbx_validate_rmsd_angle.angle_standard_deviation   0.30 
_pdbx_validate_rmsd_angle.linker_flag                N 
# 
loop_
_pdbx_unobs_or_zero_occ_atoms.id 
_pdbx_unobs_or_zero_occ_atoms.PDB_model_num 
_pdbx_unobs_or_zero_occ_atoms.polymer_flag 
_pdbx_unobs_or_zero_occ_atoms.occupancy_flag 
_pdbx_unobs_or_zero_occ_atoms.auth_asym_id 
_pdbx_unobs_or_zero_occ_atoms.auth_comp_id 
_pdbx_unobs_or_zero_occ_atoms.auth_seq_id 
_pdbx_unobs_or_zero_occ_atoms.PDB_ins_code 
_pdbx_unobs_or_zero_occ_atoms.auth_atom_id 
_pdbx_unobs_or_zero_occ_atoms.label_alt_id 
_pdbx_unobs_or_zero_occ_atoms.label_asym_id 
_pdbx_unobs_or_zero_occ_atoms.label_comp_id 
_pdbx_unobs_or_zero_occ_atoms.label_seq_id 
_pdbx_unobs_or_zero_occ_atoms.label_atom_id 
1 1 N 1 C CAC 101 ? O1 ? F CAC 1 O1 
2 1 N 1 C CAC 101 ? O2 ? F CAC 1 O2 
3 1 N 1 C CAC 101 ? C1 ? F CAC 1 C1 
4 1 N 1 C CAC 101 ? C2 ? F CAC 1 C2 
5 1 N 1 A CAC 101 ? O1 ? H CAC 1 O1 
6 1 N 1 A CAC 101 ? O2 ? H CAC 1 O2 
7 1 N 1 A CAC 101 ? C1 ? H CAC 1 C1 
8 1 N 1 A CAC 101 ? C2 ? H CAC 1 C2 
# 
loop_
_chem_comp_atom.comp_id 
_chem_comp_atom.atom_id 
_chem_comp_atom.type_symbol 
_chem_comp_atom.pdbx_aromatic_flag 
_chem_comp_atom.pdbx_stereo_config 
_chem_comp_atom.pdbx_ordinal 
CAC AS     AS N N 1   
CAC O1     O  N N 2   
CAC O2     O  N N 3   
CAC C1     C  N N 4   
CAC C2     C  N N 5   
CAC H11    H  N N 6   
CAC H12    H  N N 7   
CAC H13    H  N N 8   
CAC H21    H  N N 9   
CAC H22    H  N N 10  
CAC H23    H  N N 11  
DA  OP3    O  N N 12  
DA  P      P  N N 13  
DA  OP1    O  N N 14  
DA  OP2    O  N N 15  
DA  "O5'"  O  N N 16  
DA  "C5'"  C  N N 17  
DA  "C4'"  C  N R 18  
DA  "O4'"  O  N N 19  
DA  "C3'"  C  N S 20  
DA  "O3'"  O  N N 21  
DA  "C2'"  C  N N 22  
DA  "C1'"  C  N R 23  
DA  N9     N  Y N 24  
DA  C8     C  Y N 25  
DA  N7     N  Y N 26  
DA  C5     C  Y N 27  
DA  C6     C  Y N 28  
DA  N6     N  N N 29  
DA  N1     N  Y N 30  
DA  C2     C  Y N 31  
DA  N3     N  Y N 32  
DA  C4     C  Y N 33  
DA  HOP3   H  N N 34  
DA  HOP2   H  N N 35  
DA  "H5'"  H  N N 36  
DA  "H5''" H  N N 37  
DA  "H4'"  H  N N 38  
DA  "H3'"  H  N N 39  
DA  "HO3'" H  N N 40  
DA  "H2'"  H  N N 41  
DA  "H2''" H  N N 42  
DA  "H1'"  H  N N 43  
DA  H8     H  N N 44  
DA  H61    H  N N 45  
DA  H62    H  N N 46  
DA  H2     H  N N 47  
DC  OP3    O  N N 48  
DC  P      P  N N 49  
DC  OP1    O  N N 50  
DC  OP2    O  N N 51  
DC  "O5'"  O  N N 52  
DC  "C5'"  C  N N 53  
DC  "C4'"  C  N R 54  
DC  "O4'"  O  N N 55  
DC  "C3'"  C  N S 56  
DC  "O3'"  O  N N 57  
DC  "C2'"  C  N N 58  
DC  "C1'"  C  N R 59  
DC  N1     N  N N 60  
DC  C2     C  N N 61  
DC  O2     O  N N 62  
DC  N3     N  N N 63  
DC  C4     C  N N 64  
DC  N4     N  N N 65  
DC  C5     C  N N 66  
DC  C6     C  N N 67  
DC  HOP3   H  N N 68  
DC  HOP2   H  N N 69  
DC  "H5'"  H  N N 70  
DC  "H5''" H  N N 71  
DC  "H4'"  H  N N 72  
DC  "H3'"  H  N N 73  
DC  "HO3'" H  N N 74  
DC  "H2'"  H  N N 75  
DC  "H2''" H  N N 76  
DC  "H1'"  H  N N 77  
DC  H41    H  N N 78  
DC  H42    H  N N 79  
DC  H5     H  N N 80  
DC  H6     H  N N 81  
DG  OP3    O  N N 82  
DG  P      P  N N 83  
DG  OP1    O  N N 84  
DG  OP2    O  N N 85  
DG  "O5'"  O  N N 86  
DG  "C5'"  C  N N 87  
DG  "C4'"  C  N R 88  
DG  "O4'"  O  N N 89  
DG  "C3'"  C  N S 90  
DG  "O3'"  O  N N 91  
DG  "C2'"  C  N N 92  
DG  "C1'"  C  N R 93  
DG  N9     N  Y N 94  
DG  C8     C  Y N 95  
DG  N7     N  Y N 96  
DG  C5     C  Y N 97  
DG  C6     C  N N 98  
DG  O6     O  N N 99  
DG  N1     N  N N 100 
DG  C2     C  N N 101 
DG  N2     N  N N 102 
DG  N3     N  N N 103 
DG  C4     C  Y N 104 
DG  HOP3   H  N N 105 
DG  HOP2   H  N N 106 
DG  "H5'"  H  N N 107 
DG  "H5''" H  N N 108 
DG  "H4'"  H  N N 109 
DG  "H3'"  H  N N 110 
DG  "HO3'" H  N N 111 
DG  "H2'"  H  N N 112 
DG  "H2''" H  N N 113 
DG  "H1'"  H  N N 114 
DG  H8     H  N N 115 
DG  H1     H  N N 116 
DG  H21    H  N N 117 
DG  H22    H  N N 118 
DT  OP3    O  N N 119 
DT  P      P  N N 120 
DT  OP1    O  N N 121 
DT  OP2    O  N N 122 
DT  "O5'"  O  N N 123 
DT  "C5'"  C  N N 124 
DT  "C4'"  C  N R 125 
DT  "O4'"  O  N N 126 
DT  "C3'"  C  N S 127 
DT  "O3'"  O  N N 128 
DT  "C2'"  C  N N 129 
DT  "C1'"  C  N R 130 
DT  N1     N  N N 131 
DT  C2     C  N N 132 
DT  O2     O  N N 133 
DT  N3     N  N N 134 
DT  C4     C  N N 135 
DT  O4     O  N N 136 
DT  C5     C  N N 137 
DT  C7     C  N N 138 
DT  C6     C  N N 139 
DT  HOP3   H  N N 140 
DT  HOP2   H  N N 141 
DT  "H5'"  H  N N 142 
DT  "H5''" H  N N 143 
DT  "H4'"  H  N N 144 
DT  "H3'"  H  N N 145 
DT  "HO3'" H  N N 146 
DT  "H2'"  H  N N 147 
DT  "H2''" H  N N 148 
DT  "H1'"  H  N N 149 
DT  H3     H  N N 150 
DT  H71    H  N N 151 
DT  H72    H  N N 152 
DT  H73    H  N N 153 
DT  H6     H  N N 154 
MG  MG     MG N N 155 
# 
loop_
_chem_comp_bond.comp_id 
_chem_comp_bond.atom_id_1 
_chem_comp_bond.atom_id_2 
_chem_comp_bond.value_order 
_chem_comp_bond.pdbx_aromatic_flag 
_chem_comp_bond.pdbx_stereo_config 
_chem_comp_bond.pdbx_ordinal 
CAC AS    O1     doub N N 1   
CAC AS    O2     sing N N 2   
CAC AS    C1     sing N N 3   
CAC AS    C2     sing N N 4   
CAC C1    H11    sing N N 5   
CAC C1    H12    sing N N 6   
CAC C1    H13    sing N N 7   
CAC C2    H21    sing N N 8   
CAC C2    H22    sing N N 9   
CAC C2    H23    sing N N 10  
DA  OP3   P      sing N N 11  
DA  OP3   HOP3   sing N N 12  
DA  P     OP1    doub N N 13  
DA  P     OP2    sing N N 14  
DA  P     "O5'"  sing N N 15  
DA  OP2   HOP2   sing N N 16  
DA  "O5'" "C5'"  sing N N 17  
DA  "C5'" "C4'"  sing N N 18  
DA  "C5'" "H5'"  sing N N 19  
DA  "C5'" "H5''" sing N N 20  
DA  "C4'" "O4'"  sing N N 21  
DA  "C4'" "C3'"  sing N N 22  
DA  "C4'" "H4'"  sing N N 23  
DA  "O4'" "C1'"  sing N N 24  
DA  "C3'" "O3'"  sing N N 25  
DA  "C3'" "C2'"  sing N N 26  
DA  "C3'" "H3'"  sing N N 27  
DA  "O3'" "HO3'" sing N N 28  
DA  "C2'" "C1'"  sing N N 29  
DA  "C2'" "H2'"  sing N N 30  
DA  "C2'" "H2''" sing N N 31  
DA  "C1'" N9     sing N N 32  
DA  "C1'" "H1'"  sing N N 33  
DA  N9    C8     sing Y N 34  
DA  N9    C4     sing Y N 35  
DA  C8    N7     doub Y N 36  
DA  C8    H8     sing N N 37  
DA  N7    C5     sing Y N 38  
DA  C5    C6     sing Y N 39  
DA  C5    C4     doub Y N 40  
DA  C6    N6     sing N N 41  
DA  C6    N1     doub Y N 42  
DA  N6    H61    sing N N 43  
DA  N6    H62    sing N N 44  
DA  N1    C2     sing Y N 45  
DA  C2    N3     doub Y N 46  
DA  C2    H2     sing N N 47  
DA  N3    C4     sing Y N 48  
DC  OP3   P      sing N N 49  
DC  OP3   HOP3   sing N N 50  
DC  P     OP1    doub N N 51  
DC  P     OP2    sing N N 52  
DC  P     "O5'"  sing N N 53  
DC  OP2   HOP2   sing N N 54  
DC  "O5'" "C5'"  sing N N 55  
DC  "C5'" "C4'"  sing N N 56  
DC  "C5'" "H5'"  sing N N 57  
DC  "C5'" "H5''" sing N N 58  
DC  "C4'" "O4'"  sing N N 59  
DC  "C4'" "C3'"  sing N N 60  
DC  "C4'" "H4'"  sing N N 61  
DC  "O4'" "C1'"  sing N N 62  
DC  "C3'" "O3'"  sing N N 63  
DC  "C3'" "C2'"  sing N N 64  
DC  "C3'" "H3'"  sing N N 65  
DC  "O3'" "HO3'" sing N N 66  
DC  "C2'" "C1'"  sing N N 67  
DC  "C2'" "H2'"  sing N N 68  
DC  "C2'" "H2''" sing N N 69  
DC  "C1'" N1     sing N N 70  
DC  "C1'" "H1'"  sing N N 71  
DC  N1    C2     sing N N 72  
DC  N1    C6     sing N N 73  
DC  C2    O2     doub N N 74  
DC  C2    N3     sing N N 75  
DC  N3    C4     doub N N 76  
DC  C4    N4     sing N N 77  
DC  C4    C5     sing N N 78  
DC  N4    H41    sing N N 79  
DC  N4    H42    sing N N 80  
DC  C5    C6     doub N N 81  
DC  C5    H5     sing N N 82  
DC  C6    H6     sing N N 83  
DG  OP3   P      sing N N 84  
DG  OP3   HOP3   sing N N 85  
DG  P     OP1    doub N N 86  
DG  P     OP2    sing N N 87  
DG  P     "O5'"  sing N N 88  
DG  OP2   HOP2   sing N N 89  
DG  "O5'" "C5'"  sing N N 90  
DG  "C5'" "C4'"  sing N N 91  
DG  "C5'" "H5'"  sing N N 92  
DG  "C5'" "H5''" sing N N 93  
DG  "C4'" "O4'"  sing N N 94  
DG  "C4'" "C3'"  sing N N 95  
DG  "C4'" "H4'"  sing N N 96  
DG  "O4'" "C1'"  sing N N 97  
DG  "C3'" "O3'"  sing N N 98  
DG  "C3'" "C2'"  sing N N 99  
DG  "C3'" "H3'"  sing N N 100 
DG  "O3'" "HO3'" sing N N 101 
DG  "C2'" "C1'"  sing N N 102 
DG  "C2'" "H2'"  sing N N 103 
DG  "C2'" "H2''" sing N N 104 
DG  "C1'" N9     sing N N 105 
DG  "C1'" "H1'"  sing N N 106 
DG  N9    C8     sing Y N 107 
DG  N9    C4     sing Y N 108 
DG  C8    N7     doub Y N 109 
DG  C8    H8     sing N N 110 
DG  N7    C5     sing Y N 111 
DG  C5    C6     sing N N 112 
DG  C5    C4     doub Y N 113 
DG  C6    O6     doub N N 114 
DG  C6    N1     sing N N 115 
DG  N1    C2     sing N N 116 
DG  N1    H1     sing N N 117 
DG  C2    N2     sing N N 118 
DG  C2    N3     doub N N 119 
DG  N2    H21    sing N N 120 
DG  N2    H22    sing N N 121 
DG  N3    C4     sing N N 122 
DT  OP3   P      sing N N 123 
DT  OP3   HOP3   sing N N 124 
DT  P     OP1    doub N N 125 
DT  P     OP2    sing N N 126 
DT  P     "O5'"  sing N N 127 
DT  OP2   HOP2   sing N N 128 
DT  "O5'" "C5'"  sing N N 129 
DT  "C5'" "C4'"  sing N N 130 
DT  "C5'" "H5'"  sing N N 131 
DT  "C5'" "H5''" sing N N 132 
DT  "C4'" "O4'"  sing N N 133 
DT  "C4'" "C3'"  sing N N 134 
DT  "C4'" "H4'"  sing N N 135 
DT  "O4'" "C1'"  sing N N 136 
DT  "C3'" "O3'"  sing N N 137 
DT  "C3'" "C2'"  sing N N 138 
DT  "C3'" "H3'"  sing N N 139 
DT  "O3'" "HO3'" sing N N 140 
DT  "C2'" "C1'"  sing N N 141 
DT  "C2'" "H2'"  sing N N 142 
DT  "C2'" "H2''" sing N N 143 
DT  "C1'" N1     sing N N 144 
DT  "C1'" "H1'"  sing N N 145 
DT  N1    C2     sing N N 146 
DT  N1    C6     sing N N 147 
DT  C2    O2     doub N N 148 
DT  C2    N3     sing N N 149 
DT  N3    C4     sing N N 150 
DT  N3    H3     sing N N 151 
DT  C4    O4     doub N N 152 
DT  C4    C5     sing N N 153 
DT  C5    C7     sing N N 154 
DT  C5    C6     doub N N 155 
DT  C7    H71    sing N N 156 
DT  C7    H72    sing N N 157 
DT  C7    H73    sing N N 158 
DT  C6    H6     sing N N 159 
# 
loop_
_ndb_struct_conf_na.entry_id 
_ndb_struct_conf_na.feature 
7JKG 'double helix'        
7JKG 'b-form double helix' 
# 
loop_
_ndb_struct_na_base_pair.model_number 
_ndb_struct_na_base_pair.i_label_asym_id 
_ndb_struct_na_base_pair.i_label_comp_id 
_ndb_struct_na_base_pair.i_label_seq_id 
_ndb_struct_na_base_pair.i_symmetry 
_ndb_struct_na_base_pair.j_label_asym_id 
_ndb_struct_na_base_pair.j_label_comp_id 
_ndb_struct_na_base_pair.j_label_seq_id 
_ndb_struct_na_base_pair.j_symmetry 
_ndb_struct_na_base_pair.shear 
_ndb_struct_na_base_pair.stretch 
_ndb_struct_na_base_pair.stagger 
_ndb_struct_na_base_pair.buckle 
_ndb_struct_na_base_pair.propeller 
_ndb_struct_na_base_pair.opening 
_ndb_struct_na_base_pair.pair_number 
_ndb_struct_na_base_pair.pair_name 
_ndb_struct_na_base_pair.i_auth_asym_id 
_ndb_struct_na_base_pair.i_auth_seq_id 
_ndb_struct_na_base_pair.i_PDB_ins_code 
_ndb_struct_na_base_pair.j_auth_asym_id 
_ndb_struct_na_base_pair.j_auth_seq_id 
_ndb_struct_na_base_pair.j_PDB_ins_code 
_ndb_struct_na_base_pair.hbond_type_28 
_ndb_struct_na_base_pair.hbond_type_12 
1 A DA 3  1_555 C DT 7 1_555 -0.558 -0.184 0.246  2.529  -6.293  6.833  1  B_DA9:DT42_D  B 9  ? D 42 ? 20 1 
1 A DC 4  1_555 C DG 6 1_555 -0.024 -0.265 0.115  0.628  -6.683  -1.511 2  B_DC10:DG41_D B 10 ? D 41 ? 19 1 
1 A DG 5  1_555 C DC 5 1_555 0.082  -0.306 0.233  8.610  -9.847  0.728  3  B_DG11:DC40_D B 11 ? D 40 ? 19 1 
1 A DA 6  1_555 C DT 4 1_555 0.300  -0.644 0.033  3.274  -6.256  -2.131 4  B_DA12:DT39_D B 12 ? D 39 ? 20 1 
1 A DC 7  1_555 C DG 3 1_555 0.005  -0.536 -0.103 9.754  -4.689  -4.365 5  B_DC13:DG38_D B 13 ? D 38 ? 19 1 
1 A DA 8  1_555 C DT 2 1_555 -0.162 -0.291 0.023  -2.251 -7.239  1.287  6  B_DA14:DT37_D B 14 ? D 37 ? 20 1 
1 A DG 9  1_555 C DC 1 1_555 -0.513 -0.224 0.040  -5.855 -16.136 -2.782 7  B_DG15:DC36_D B 15 ? D 36 ? 19 1 
1 A DT 10 1_555 D DA 6 1_555 -0.177 -0.257 0.321  -9.743 -11.184 1.389  8  B_DT16:DA6_A  B 16 ? A 6  ? 20 1 
1 A DG 11 1_555 D DC 5 1_555 0.063  -0.281 0.376  1.996  -5.558  -0.480 9  B_DG17:DC5_A  B 17 ? A 5  ? 19 1 
1 A DA 12 1_555 D DT 4 1_555 0.335  -0.270 0.297  3.154  -6.194  -1.999 10 B_DA18:DT4_A  B 18 ? A 4  ? 20 1 
1 A DC 13 1_555 D DG 3 1_555 0.333  -0.288 0.022  0.233  -2.696  2.078  11 B_DC19:DG3_A  B 19 ? A 3  ? 19 1 
1 A DG 14 1_555 D DC 2 1_555 0.022  -0.373 0.120  1.227  -7.401  -7.630 12 B_DG20:DC2_A  B 20 ? A 2  ? 19 1 
1 A DT 15 1_555 D DA 1 1_555 -0.420 -0.326 0.510  2.857  -12.344 -5.785 13 B_DT21:DA1_A  B 21 ? A 1  ? 20 1 
1 A DC 16 1_555 B DG 8 1_555 0.162  -0.307 0.385  -1.934 -10.445 5.633  14 B_DC22:DG35_C B 22 ? C 35 ? 19 1 
1 A DG 17 1_555 B DC 7 1_555 0.706  -0.248 0.596  6.099  -10.172 -1.203 15 B_DG23:DC34_C B 23 ? C 34 ? 19 1 
1 A DA 18 1_555 B DT 6 1_555 0.078  -0.354 0.204  0.337  -7.691  -0.250 16 B_DA24:DT33_C B 24 ? C 33 ? 20 1 
1 A DC 19 1_555 B DG 5 1_555 0.153  -0.437 0.000  3.582  -3.956  1.102  17 B_DC25:DG32_C B 25 ? C 32 ? 19 1 
1 A DT 20 1_555 B DA 4 1_555 -0.498 -0.263 -0.251 4.249  -5.083  -4.325 18 B_DT26:DA31_C B 26 ? C 31 ? 20 1 
1 A DC 21 1_555 B DG 3 1_555 0.288  -0.368 -0.530 7.260  -8.050  2.540  19 B_DC27:DG30_C B 27 ? C 30 ? 19 1 
# 
loop_
_ndb_struct_na_base_pair_step.model_number 
_ndb_struct_na_base_pair_step.i_label_asym_id_1 
_ndb_struct_na_base_pair_step.i_label_comp_id_1 
_ndb_struct_na_base_pair_step.i_label_seq_id_1 
_ndb_struct_na_base_pair_step.i_symmetry_1 
_ndb_struct_na_base_pair_step.j_label_asym_id_1 
_ndb_struct_na_base_pair_step.j_label_comp_id_1 
_ndb_struct_na_base_pair_step.j_label_seq_id_1 
_ndb_struct_na_base_pair_step.j_symmetry_1 
_ndb_struct_na_base_pair_step.i_label_asym_id_2 
_ndb_struct_na_base_pair_step.i_label_comp_id_2 
_ndb_struct_na_base_pair_step.i_label_seq_id_2 
_ndb_struct_na_base_pair_step.i_symmetry_2 
_ndb_struct_na_base_pair_step.j_label_asym_id_2 
_ndb_struct_na_base_pair_step.j_label_comp_id_2 
_ndb_struct_na_base_pair_step.j_label_seq_id_2 
_ndb_struct_na_base_pair_step.j_symmetry_2 
_ndb_struct_na_base_pair_step.shift 
_ndb_struct_na_base_pair_step.slide 
_ndb_struct_na_base_pair_step.rise 
_ndb_struct_na_base_pair_step.tilt 
_ndb_struct_na_base_pair_step.roll 
_ndb_struct_na_base_pair_step.twist 
_ndb_struct_na_base_pair_step.x_displacement 
_ndb_struct_na_base_pair_step.y_displacement 
_ndb_struct_na_base_pair_step.helical_rise 
_ndb_struct_na_base_pair_step.inclination 
_ndb_struct_na_base_pair_step.tip 
_ndb_struct_na_base_pair_step.helical_twist 
_ndb_struct_na_base_pair_step.step_number 
_ndb_struct_na_base_pair_step.step_name 
_ndb_struct_na_base_pair_step.i_auth_asym_id_1 
_ndb_struct_na_base_pair_step.i_auth_seq_id_1 
_ndb_struct_na_base_pair_step.i_PDB_ins_code_1 
_ndb_struct_na_base_pair_step.j_auth_asym_id_1 
_ndb_struct_na_base_pair_step.j_auth_seq_id_1 
_ndb_struct_na_base_pair_step.j_PDB_ins_code_1 
_ndb_struct_na_base_pair_step.i_auth_asym_id_2 
_ndb_struct_na_base_pair_step.i_auth_seq_id_2 
_ndb_struct_na_base_pair_step.i_PDB_ins_code_2 
_ndb_struct_na_base_pair_step.j_auth_asym_id_2 
_ndb_struct_na_base_pair_step.j_auth_seq_id_2 
_ndb_struct_na_base_pair_step.j_PDB_ins_code_2 
1 A DA 3  1_555 C DT 7 1_555 A DC 4  1_555 C DG 6 1_555 -0.559 -0.336 3.359 -0.921 1.656  35.871 -0.788 0.771  3.353 2.686  1.494  
35.919 1  BB_DA9DC10:DG41DT42_DD  B 9  ? D 42 ? B 10 ? D 41 ? 
1 A DC 4  1_555 C DG 6 1_555 A DG 5  1_555 C DC 5 1_555 0.284  -0.010 3.220 -0.324 5.178  32.336 -0.896 -0.558 3.177 9.223  0.576  
32.739 2  BB_DC10DG11:DC40DG41_DD B 10 ? D 41 ? B 11 ? D 40 ? 
1 A DG 5  1_555 C DC 5 1_555 A DA 6  1_555 C DT 4 1_555 -0.149 0.160  3.342 1.562  1.392  39.724 0.071  0.404  3.338 2.047  -2.296 
39.777 3  BB_DG11DA12:DT39DC40_DD B 11 ? D 40 ? B 12 ? D 39 ? 
1 A DA 6  1_555 C DT 4 1_555 A DC 7  1_555 C DG 3 1_555 0.327  -0.580 3.181 0.372  -0.775 28.687 -1.000 -0.578 3.199 -1.564 -0.752 
28.699 4  BB_DA12DC13:DG38DT39_DD B 12 ? D 39 ? B 13 ? D 38 ? 
1 A DC 7  1_555 C DG 3 1_555 A DA 8  1_555 C DT 2 1_555 0.314  -0.863 3.522 0.159  -0.181 40.302 -1.231 -0.437 3.527 -0.262 -0.231 
40.303 5  BB_DC13DA14:DT37DG38_DD B 13 ? D 38 ? B 14 ? D 37 ? 
1 A DA 8  1_555 C DT 2 1_555 A DG 9  1_555 C DC 1 1_555 -0.078 -0.385 3.359 -4.761 3.587  36.763 -1.091 -0.525 3.293 5.642  7.489  
37.227 6  BB_DA14DG15:DC36DT37_DD B 14 ? D 37 ? B 15 ? D 36 ? 
1 A DG 9  1_555 C DC 1 1_555 A DT 10 1_555 D DA 6 1_555 -0.595 -0.907 3.206 -2.263 0.253  29.580 -1.824 0.692  3.234 0.494  4.424  
29.665 7  BB_DG15DT16:DA6DC36_AD  B 15 ? D 36 ? B 16 ? A 6  ? 
1 A DT 10 1_555 D DA 6 1_555 A DG 11 1_555 D DC 5 1_555 -0.825 0.633  3.076 -4.057 8.283  30.003 -0.363 0.775  3.214 15.544 7.614  
31.357 8  BB_DT16DG17:DC5DA6_AA   B 16 ? A 6  ? B 17 ? A 5  ? 
1 A DG 11 1_555 D DC 5 1_555 A DA 12 1_555 D DT 4 1_555 -0.443 0.144  3.244 -1.214 4.701  40.511 -0.309 0.502  3.252 6.760  1.746  
40.789 9  BB_DG17DA18:DT4DC5_AA   B 17 ? A 5  ? B 18 ? A 4  ? 
1 A DA 12 1_555 D DT 4 1_555 A DC 13 1_555 D DG 3 1_555 0.636  -0.616 3.358 1.821  -0.223 29.551 -1.157 -0.848 3.394 -0.436 -3.565 
29.606 10 BB_DA18DC19:DG3DT4_AA   B 18 ? A 4  ? B 19 ? A 3  ? 
1 A DC 13 1_555 D DG 3 1_555 A DG 14 1_555 D DC 2 1_555 -0.315 0.101  3.437 -0.655 0.473  36.173 0.092  0.410  3.443 0.761  1.055  
36.182 11 BB_DC19DG20:DC2DG3_AA   B 19 ? A 3  ? B 20 ? A 2  ? 
1 A DG 14 1_555 D DC 2 1_555 A DT 15 1_555 D DA 1 1_555 0.811  -1.151 3.071 -3.474 0.725  32.184 -2.182 -2.020 2.943 1.302  6.242  
32.374 12 BB_DG20DT21:DA1DC2_AA   B 20 ? A 2  ? B 21 ? A 1  ? 
1 A DT 15 1_555 D DA 1 1_555 A DC 16 1_555 B DG 8 1_555 -0.313 -1.227 3.197 0.390  4.515  31.669 -3.003 0.635  2.994 8.220  -0.711 
31.983 13 BB_DT21DC22:DG35DA1_CA  B 21 ? A 1  ? B 22 ? C 35 ? 
1 A DC 16 1_555 B DG 8 1_555 A DG 17 1_555 B DC 7 1_555 -0.634 0.246  3.189 0.725  7.475  37.734 -0.538 1.051  3.166 11.419 -1.108 
38.448 14 BB_DC22DG23:DC34DG35_CC B 22 ? C 35 ? B 23 ? C 34 ? 
1 A DG 17 1_555 B DC 7 1_555 A DA 18 1_555 B DT 6 1_555 0.078  -0.423 3.351 1.418  5.056  31.764 -1.679 0.117  3.247 9.160  -2.568 
32.184 15 BB_DG23DA24:DT33DC34_CC B 23 ? C 34 ? B 24 ? C 33 ? 
1 A DA 18 1_555 B DT 6 1_555 A DC 19 1_555 B DG 5 1_555 0.658  -0.749 3.175 0.921  3.475  32.634 -1.899 -1.012 3.098 6.162  -1.633 
32.826 16 BB_DA24DC25:DG32DT33_CC B 24 ? C 33 ? B 25 ? C 32 ? 
1 A DC 19 1_555 B DG 5 1_555 A DT 20 1_555 B DA 4 1_555 -0.144 -0.532 3.277 3.725  4.320  31.107 -1.767 0.947  3.138 7.972  -6.874 
31.613 17 BB_DC25DT26:DA31DG32_CC B 25 ? C 32 ? B 26 ? C 31 ? 
1 A DT 20 1_555 B DA 4 1_555 A DC 21 1_555 B DG 3 1_555 0.593  0.446  3.267 5.536  3.392  38.080 0.249  -0.203 3.343 5.153  -8.409 
38.609 18 BB_DT26DC27:DG30DA31_CC B 26 ? C 31 ? B 27 ? C 30 ? 
# 
loop_
_pdbx_audit_support.funding_organization 
_pdbx_audit_support.country 
_pdbx_audit_support.grant_number 
_pdbx_audit_support.ordinal 
'National Science Foundation (NSF, United States)'                                         'United States' 1360635     1 
'National Institutes of Health/National Institute of General Medical Sciences (NIH/NIGMS)' 'United States' R01GM104960 2 
'National Science Foundation (NSF, United States)'                                         'United States' NSF2004250  3 
# 
loop_
_pdbx_entity_nonpoly.entity_id 
_pdbx_entity_nonpoly.name 
_pdbx_entity_nonpoly.comp_id 
5 'MAGNESIUM ION'  MG  
6 'CACODYLATE ION' CAC 
# 
_pdbx_initial_refinement_model.id               1 
_pdbx_initial_refinement_model.entity_id_list   ? 
_pdbx_initial_refinement_model.type             'experimental model' 
_pdbx_initial_refinement_model.source_name      PDB 
_pdbx_initial_refinement_model.accession_code   5VY6 
_pdbx_initial_refinement_model.details          ? 
# 
_pdbx_struct_assembly_auth_evidence.id                     1 
_pdbx_struct_assembly_auth_evidence.assembly_id            1 
_pdbx_struct_assembly_auth_evidence.experimental_support   none 
_pdbx_struct_assembly_auth_evidence.details                ? 
# 
